data_4IQ0
#
_entry.id   4IQ0
#
_cell.length_a   45.915
_cell.length_b   152.386
_cell.length_c   100.237
_cell.angle_alpha   90.000
_cell.angle_beta   103.120
_cell.angle_gamma   90.000
#
_symmetry.space_group_name_H-M   'P 1 21 1'
#
loop_
_entity.id
_entity.type
_entity.pdbx_description
1 polymer 'Oxidoreductase, Gfo/Idh/MocA family'
2 non-polymer 'POTASSIUM ION'
3 water water
#
_entity_poly.entity_id   1
_entity_poly.type   'polypeptide(L)'
_entity_poly.pdbx_seq_one_letter_code
;SNA(MSE)LKLGVIGTGAISHHFIEAAHTSGEYQLVAIYSRKLETAATFASRYQNIQLFDQLEVFFKSSFDLVYIASPNS
LHFAQAKAALSAGKHVILEKPAVSQPQEWFDLIQTAEKNNCFIFEAARNYHEKAFTTI(MLY)NFLAD(MLY)QVLGADF
NYAKYSSK(MSE)PDLLAGQTPNVFSDRFAGGAL(MSE)DLGIYPLYAAVRLFGKANDATYHAQQLDNSIDLNGDGILFY
PDYQVHIKAGKNITSNLPCEIYTTDGTLTLNTIEHIRSAIFTDHQGNQVQLPIQQAPHT(MSE)TEEVAAFAH(MSE)IQ
QPDLNLYQTWLYDAGSVHELLYT(MSE)RQTAGIRFEAEK
;
_entity_poly.pdbx_strand_id   A,B,C,D
#
loop_
_chem_comp.id
_chem_comp.type
_chem_comp.name
_chem_comp.formula
K non-polymer 'POTASSIUM ION' 'K 1'
#
# COMPACT_ATOMS: atom_id res chain seq x y z
N ASN A 2 -22.55 -39.44 15.59
CA ASN A 2 -22.45 -37.99 15.97
C ASN A 2 -23.64 -37.19 15.42
N ALA A 3 -24.69 -37.08 16.22
CA ALA A 3 -25.96 -36.50 15.76
C ALA A 3 -25.93 -34.98 15.66
N MSE A 4 -26.85 -34.44 14.87
CA MSE A 4 -26.97 -33.02 14.59
C MSE A 4 -27.42 -32.28 15.80
O MSE A 4 -28.39 -32.68 16.43
CB MSE A 4 -28.04 -32.88 13.51
CG MSE A 4 -28.15 -31.47 12.94
SE MSE A 4 -27.21 -31.40 11.21
CE MSE A 4 -28.76 -31.06 10.04
N LEU A 5 -26.73 -31.20 16.15
CA LEU A 5 -27.06 -30.42 17.34
C LEU A 5 -28.19 -29.43 17.07
N LYS A 6 -29.25 -29.54 17.85
CA LYS A 6 -30.35 -28.59 17.76
C LYS A 6 -29.99 -27.32 18.52
N LEU A 7 -30.02 -26.21 17.80
CA LEU A 7 -29.51 -24.91 18.30
C LEU A 7 -30.62 -23.87 18.53
N GLY A 8 -30.59 -23.25 19.70
CA GLY A 8 -31.40 -22.07 20.00
C GLY A 8 -30.52 -20.83 20.06
N VAL A 9 -31.08 -19.68 19.72
CA VAL A 9 -30.33 -18.43 19.70
C VAL A 9 -31.03 -17.31 20.47
N ILE A 10 -30.23 -16.60 21.28
CA ILE A 10 -30.58 -15.33 21.88
C ILE A 10 -29.71 -14.27 21.24
N GLY A 11 -30.33 -13.17 20.83
CA GLY A 11 -29.63 -12.07 20.19
C GLY A 11 -29.98 -12.05 18.73
N THR A 12 -30.49 -10.92 18.25
CA THR A 12 -31.04 -10.82 16.90
C THR A 12 -30.27 -9.80 16.05
N GLY A 13 -28.96 -9.73 16.25
CA GLY A 13 -28.07 -8.87 15.47
C GLY A 13 -27.37 -9.63 14.36
N ALA A 14 -26.60 -8.91 13.55
CA ALA A 14 -25.90 -9.52 12.41
C ALA A 14 -24.93 -10.63 12.86
N ILE A 15 -24.34 -10.47 14.04
CA ILE A 15 -23.45 -11.50 14.58
C ILE A 15 -24.15 -12.87 14.72
N SER A 16 -25.40 -12.86 15.17
CA SER A 16 -26.16 -14.09 15.32
C SER A 16 -26.39 -14.75 13.97
N HIS A 17 -26.66 -13.93 12.95
CA HIS A 17 -26.78 -14.43 11.58
C HIS A 17 -25.48 -15.09 11.11
N HIS A 18 -24.35 -14.44 11.39
CA HIS A 18 -23.05 -15.00 10.99
C HIS A 18 -22.78 -16.29 11.75
N PHE A 19 -23.12 -16.33 13.03
CA PHE A 19 -22.94 -17.55 13.80
C PHE A 19 -23.79 -18.70 13.24
N ILE A 20 -25.05 -18.41 12.93
CA ILE A 20 -25.96 -19.44 12.41
C ILE A 20 -25.44 -19.96 11.09
N GLU A 21 -25.04 -19.04 10.20
CA GLU A 21 -24.49 -19.43 8.91
C GLU A 21 -23.32 -20.40 9.08
N ALA A 22 -22.41 -20.07 9.99
CA ALA A 22 -21.25 -20.92 10.26
C ALA A 22 -21.67 -22.28 10.83
N ALA A 23 -22.63 -22.26 11.75
CA ALA A 23 -23.15 -23.49 12.35
C ALA A 23 -23.77 -24.41 11.31
N HIS A 24 -24.63 -23.85 10.46
CA HIS A 24 -25.20 -24.63 9.36
C HIS A 24 -24.14 -25.12 8.38
N THR A 25 -23.18 -24.27 8.06
CA THR A 25 -22.12 -24.62 7.12
C THR A 25 -21.27 -25.78 7.62
N SER A 26 -21.10 -25.87 8.94
CA SER A 26 -20.32 -26.94 9.52
C SER A 26 -21.00 -28.31 9.37
N GLY A 27 -22.29 -28.32 9.07
CA GLY A 27 -23.05 -29.54 8.92
C GLY A 27 -23.35 -30.24 10.24
N GLU A 28 -23.07 -29.59 11.36
CA GLU A 28 -23.20 -30.23 12.67
C GLU A 28 -24.29 -29.62 13.55
N TYR A 29 -24.96 -28.58 13.06
CA TYR A 29 -26.01 -27.90 13.81
C TYR A 29 -27.23 -27.66 12.94
N GLN A 30 -28.41 -27.59 13.57
CA GLN A 30 -29.59 -26.99 12.94
C GLN A 30 -30.32 -26.07 13.92
N LEU A 31 -30.55 -24.85 13.48
CA LEU A 31 -31.31 -23.87 14.22
C LEU A 31 -32.75 -24.34 14.35
N VAL A 32 -33.28 -24.33 15.57
CA VAL A 32 -34.68 -24.68 15.81
C VAL A 32 -35.49 -23.62 16.56
N ALA A 33 -34.82 -22.68 17.21
CA ALA A 33 -35.51 -21.77 18.13
C ALA A 33 -34.79 -20.44 18.27
N ILE A 34 -35.58 -19.37 18.33
CA ILE A 34 -35.06 -18.02 18.57
C ILE A 34 -35.87 -17.37 19.68
N TYR A 35 -35.17 -16.77 20.65
CA TYR A 35 -35.86 -15.99 21.67
C TYR A 35 -35.64 -14.50 21.47
N SER A 36 -36.69 -13.70 21.71
CA SER A 36 -36.56 -12.26 21.81
C SER A 36 -37.63 -11.67 22.74
N ARG A 37 -37.31 -10.56 23.39
CA ARG A 37 -38.25 -9.90 24.30
C ARG A 37 -39.53 -9.53 23.58
N LYS A 38 -39.40 -9.00 22.37
CA LYS A 38 -40.54 -8.78 21.47
C LYS A 38 -40.58 -9.91 20.44
N LEU A 39 -41.72 -10.59 20.37
CA LEU A 39 -41.91 -11.73 19.46
C LEU A 39 -41.85 -11.31 17.99
N GLU A 40 -42.23 -10.06 17.71
CA GLU A 40 -42.11 -9.52 16.36
C GLU A 40 -40.65 -9.44 15.92
N THR A 41 -39.79 -8.97 16.83
CA THR A 41 -38.34 -8.95 16.58
C THR A 41 -37.83 -10.35 16.21
N ALA A 42 -38.24 -11.36 16.98
CA ALA A 42 -37.84 -12.75 16.68
C ALA A 42 -38.33 -13.16 15.31
N ALA A 43 -39.55 -12.77 14.98
CA ALA A 43 -40.15 -13.07 13.68
C ALA A 43 -39.36 -12.40 12.54
N THR A 44 -39.06 -11.12 12.66
CA THR A 44 -38.28 -10.40 11.66
C THR A 44 -36.91 -11.04 11.44
N PHE A 45 -36.18 -11.25 12.53
CA PHE A 45 -34.88 -11.95 12.45
C PHE A 45 -35.00 -13.31 11.78
N ALA A 46 -36.03 -14.08 12.12
CA ALA A 46 -36.17 -15.45 11.61
C ALA A 46 -36.72 -15.59 10.17
N SER A 47 -37.06 -14.47 9.51
CA SER A 47 -37.76 -14.52 8.21
C SER A 47 -37.07 -15.33 7.11
N ARG A 48 -35.73 -15.41 7.15
CA ARG A 48 -34.99 -16.17 6.15
C ARG A 48 -34.92 -17.65 6.49
N TYR A 49 -35.11 -18.00 7.76
CA TYR A 49 -35.05 -19.40 8.18
C TYR A 49 -36.47 -19.96 8.22
N GLN A 50 -36.57 -21.28 8.16
CA GLN A 50 -37.86 -21.95 8.11
C GLN A 50 -38.04 -22.93 9.26
N ASN A 51 -39.28 -23.09 9.69
CA ASN A 51 -39.64 -24.01 10.79
C ASN A 51 -38.86 -23.72 12.06
N ILE A 52 -38.79 -22.45 12.41
CA ILE A 52 -38.15 -22.02 13.63
C ILE A 52 -39.23 -21.71 14.66
N GLN A 53 -39.09 -22.30 15.84
CA GLN A 53 -39.92 -21.95 16.99
C GLN A 53 -39.53 -20.61 17.56
N LEU A 54 -40.51 -19.73 17.72
CA LEU A 54 -40.25 -18.37 18.23
C LEU A 54 -40.73 -18.25 19.66
N PHE A 55 -39.91 -17.60 20.48
CA PHE A 55 -40.17 -17.51 21.90
C PHE A 55 -40.00 -16.11 22.43
N ASP A 56 -40.95 -15.78 23.30
N ASP A 56 -40.91 -15.67 23.29
CA ASP A 56 -41.06 -14.52 24.01
CA ASP A 56 -40.69 -14.46 24.07
C ASP A 56 -40.84 -14.71 25.52
C ASP A 56 -40.86 -14.70 25.56
N GLN A 57 -40.88 -15.97 25.95
CA GLN A 57 -40.80 -16.36 27.36
C GLN A 57 -39.47 -17.06 27.55
N LEU A 58 -38.59 -16.43 28.31
CA LEU A 58 -37.20 -16.84 28.39
C LEU A 58 -37.05 -18.22 29.01
N GLU A 59 -37.67 -18.44 30.17
CA GLU A 59 -37.54 -19.72 30.85
C GLU A 59 -38.19 -20.87 30.05
N VAL A 60 -39.21 -20.56 29.28
CA VAL A 60 -39.86 -21.58 28.44
C VAL A 60 -38.94 -21.93 27.27
N PHE A 61 -38.28 -20.92 26.70
CA PHE A 61 -37.25 -21.14 25.68
C PHE A 61 -36.17 -22.10 26.21
N PHE A 62 -35.64 -21.83 27.39
CA PHE A 62 -34.57 -22.67 27.95
C PHE A 62 -35.00 -24.10 28.27
N LYS A 63 -36.29 -24.31 28.57
CA LYS A 63 -36.78 -25.65 28.85
C LYS A 63 -37.29 -26.39 27.60
N SER A 64 -37.19 -25.75 26.43
CA SER A 64 -37.54 -26.41 25.15
C SER A 64 -36.56 -27.51 24.78
N SER A 65 -36.84 -28.21 23.68
CA SER A 65 -36.09 -29.44 23.35
C SER A 65 -34.87 -29.27 22.43
N PHE A 66 -34.19 -28.13 22.50
CA PHE A 66 -32.91 -27.99 21.78
C PHE A 66 -31.73 -28.44 22.66
N ASP A 67 -30.54 -28.50 22.07
CA ASP A 67 -29.37 -29.06 22.76
C ASP A 67 -28.45 -28.00 23.34
N LEU A 68 -28.30 -26.90 22.60
CA LEU A 68 -27.41 -25.83 23.04
C LEU A 68 -27.93 -24.47 22.59
N VAL A 69 -27.54 -23.45 23.34
CA VAL A 69 -27.96 -22.09 23.07
C VAL A 69 -26.73 -21.21 22.83
N TYR A 70 -26.80 -20.41 21.76
CA TYR A 70 -25.83 -19.36 21.49
C TYR A 70 -26.43 -18.08 22.04
N ILE A 71 -25.68 -17.41 22.91
CA ILE A 71 -26.16 -16.21 23.59
C ILE A 71 -25.34 -15.00 23.16
N ALA A 72 -26.01 -14.11 22.43
CA ALA A 72 -25.40 -12.88 21.97
C ALA A 72 -26.22 -11.64 22.36
N SER A 73 -26.83 -11.69 23.54
CA SER A 73 -27.48 -10.53 24.16
C SER A 73 -26.40 -9.61 24.71
N PRO A 74 -26.77 -8.38 25.13
CA PRO A 74 -25.80 -7.52 25.82
C PRO A 74 -25.15 -8.23 27.00
N ASN A 75 -23.88 -8.02 27.24
N ASN A 75 -23.87 -7.94 27.20
CA ASN A 75 -23.17 -8.84 28.23
CA ASN A 75 -23.00 -8.52 28.23
C ASN A 75 -23.63 -8.64 29.69
C ASN A 75 -23.62 -8.60 29.62
N SER A 76 -24.38 -7.57 29.96
CA SER A 76 -24.98 -7.42 31.28
C SER A 76 -26.05 -8.48 31.57
N LEU A 77 -26.61 -9.08 30.53
CA LEU A 77 -27.58 -10.17 30.67
C LEU A 77 -26.97 -11.58 30.63
N HIS A 78 -25.71 -11.69 30.21
CA HIS A 78 -25.10 -13.00 29.98
C HIS A 78 -25.16 -13.94 31.16
N PHE A 79 -24.69 -13.50 32.31
CA PHE A 79 -24.63 -14.37 33.47
C PHE A 79 -25.99 -14.99 33.84
N ALA A 80 -27.03 -14.18 33.93
CA ALA A 80 -28.34 -14.69 34.34
C ALA A 80 -28.90 -15.65 33.29
N GLN A 81 -28.72 -15.30 32.02
CA GLN A 81 -29.21 -16.14 30.94
C GLN A 81 -28.44 -17.45 30.86
N ALA A 82 -27.11 -17.39 30.94
CA ALA A 82 -26.32 -18.61 30.91
C ALA A 82 -26.64 -19.53 32.08
N LYS A 83 -26.76 -18.97 33.28
CA LYS A 83 -27.05 -19.77 34.47
C LYS A 83 -28.38 -20.54 34.34
N ALA A 84 -29.41 -19.86 33.85
CA ALA A 84 -30.72 -20.47 33.61
C ALA A 84 -30.64 -21.56 32.55
N ALA A 85 -29.94 -21.27 31.45
CA ALA A 85 -29.76 -22.25 30.38
C ALA A 85 -29.08 -23.52 30.88
N LEU A 86 -27.98 -23.37 31.62
CA LEU A 86 -27.28 -24.50 32.20
C LEU A 86 -28.16 -25.24 33.22
N SER A 87 -28.91 -24.49 34.01
CA SER A 87 -29.82 -25.08 35.00
C SER A 87 -30.93 -25.87 34.31
N ALA A 88 -31.26 -25.51 33.08
CA ALA A 88 -32.24 -26.24 32.28
C ALA A 88 -31.59 -27.37 31.47
N GLY A 89 -30.30 -27.61 31.68
CA GLY A 89 -29.62 -28.71 31.02
C GLY A 89 -29.20 -28.42 29.59
N LYS A 90 -29.06 -27.14 29.26
CA LYS A 90 -28.60 -26.75 27.92
C LYS A 90 -27.12 -26.40 27.95
N HIS A 91 -26.40 -26.84 26.93
CA HIS A 91 -25.04 -26.35 26.69
C HIS A 91 -25.10 -24.90 26.26
N VAL A 92 -24.09 -24.13 26.61
CA VAL A 92 -24.08 -22.70 26.34
C VAL A 92 -22.81 -22.24 25.64
N ILE A 93 -23.02 -21.43 24.59
CA ILE A 93 -21.97 -20.63 23.98
C ILE A 93 -22.30 -19.16 24.22
N LEU A 94 -21.42 -18.48 24.93
CA LEU A 94 -21.53 -17.05 25.19
C LEU A 94 -20.63 -16.26 24.25
N GLU A 95 -21.21 -15.32 23.54
CA GLU A 95 -20.42 -14.45 22.67
C GLU A 95 -19.51 -13.58 23.56
N LYS A 96 -18.34 -13.24 23.04
CA LYS A 96 -17.36 -12.49 23.82
C LYS A 96 -17.82 -11.03 24.00
N PRO A 97 -17.47 -10.39 25.14
CA PRO A 97 -16.89 -11.00 26.34
C PRO A 97 -17.96 -11.78 27.09
N ALA A 98 -17.65 -13.01 27.50
CA ALA A 98 -18.65 -13.90 28.08
C ALA A 98 -19.29 -13.34 29.34
N VAL A 99 -18.48 -12.66 30.16
CA VAL A 99 -18.90 -12.13 31.45
C VAL A 99 -18.26 -10.76 31.60
N SER A 100 -18.74 -9.98 32.56
CA SER A 100 -18.17 -8.65 32.83
C SER A 100 -17.17 -8.68 33.98
N GLN A 101 -17.09 -9.80 34.68
CA GLN A 101 -16.19 -9.90 35.82
C GLN A 101 -15.88 -11.37 36.07
N PRO A 102 -14.64 -11.67 36.46
CA PRO A 102 -14.15 -13.03 36.39
C PRO A 102 -14.89 -14.03 37.26
N GLN A 103 -15.38 -13.62 38.44
CA GLN A 103 -16.06 -14.57 39.32
C GLN A 103 -17.36 -15.14 38.69
N GLU A 104 -18.03 -14.33 37.87
CA GLU A 104 -19.17 -14.83 37.08
C GLU A 104 -18.81 -16.05 36.24
N TRP A 105 -17.63 -16.06 35.64
CA TRP A 105 -17.19 -17.21 34.84
C TRP A 105 -17.03 -18.43 35.72
N PHE A 106 -16.36 -18.29 36.86
CA PHE A 106 -16.18 -19.43 37.76
C PHE A 106 -17.50 -19.92 38.32
N ASP A 107 -18.42 -18.99 38.58
CA ASP A 107 -19.74 -19.35 39.10
C ASP A 107 -20.54 -20.12 38.03
N LEU A 108 -20.44 -19.71 36.77
CA LEU A 108 -21.09 -20.43 35.67
C LEU A 108 -20.50 -21.83 35.49
N ILE A 109 -19.19 -21.97 35.67
CA ILE A 109 -18.55 -23.29 35.57
C ILE A 109 -19.11 -24.24 36.62
N GLN A 110 -19.34 -23.76 37.83
CA GLN A 110 -19.95 -24.59 38.88
C GLN A 110 -21.35 -25.04 38.49
N THR A 111 -22.14 -24.15 37.90
CA THR A 111 -23.49 -24.50 37.48
C THR A 111 -23.47 -25.53 36.35
N ALA A 112 -22.54 -25.35 35.41
CA ALA A 112 -22.43 -26.24 34.27
C ALA A 112 -22.05 -27.66 34.69
N GLU A 113 -21.09 -27.76 35.61
CA GLU A 113 -20.64 -29.06 36.12
C GLU A 113 -21.76 -29.77 36.86
N LYS A 114 -22.48 -29.03 37.69
CA LYS A 114 -23.59 -29.57 38.46
C LYS A 114 -24.66 -30.14 37.53
N ASN A 115 -24.90 -29.47 36.41
CA ASN A 115 -25.92 -29.90 35.45
C ASN A 115 -25.36 -30.76 34.31
N ASN A 116 -24.12 -31.22 34.46
CA ASN A 116 -23.38 -31.96 33.42
C ASN A 116 -23.50 -31.38 32.02
N CYS A 117 -23.26 -30.06 31.92
CA CYS A 117 -23.31 -29.32 30.65
C CYS A 117 -22.02 -28.57 30.39
N PHE A 118 -21.73 -28.30 29.12
CA PHE A 118 -20.62 -27.45 28.69
C PHE A 118 -20.98 -25.96 28.64
N ILE A 119 -20.03 -25.14 29.07
CA ILE A 119 -20.05 -23.69 28.82
C ILE A 119 -18.82 -23.28 28.00
N PHE A 120 -19.06 -22.59 26.89
CA PHE A 120 -18.01 -22.10 25.99
C PHE A 120 -18.08 -20.59 25.86
N GLU A 121 -16.92 -19.93 25.82
CA GLU A 121 -16.85 -18.54 25.35
C GLU A 121 -16.50 -18.55 23.87
N ALA A 122 -17.26 -17.79 23.08
CA ALA A 122 -17.02 -17.72 21.63
C ALA A 122 -15.90 -16.75 21.29
N ALA A 123 -14.68 -17.15 21.60
CA ALA A 123 -13.47 -16.38 21.29
C ALA A 123 -12.96 -16.95 19.99
N ARG A 124 -13.35 -16.34 18.87
N ARG A 124 -13.34 -16.33 18.87
CA ARG A 124 -13.14 -16.95 17.56
CA ARG A 124 -13.14 -16.98 17.57
C ARG A 124 -11.67 -17.15 17.21
C ARG A 124 -11.67 -17.13 17.19
N ASN A 125 -10.81 -16.22 17.62
CA ASN A 125 -9.36 -16.35 17.31
C ASN A 125 -8.65 -17.49 18.06
N TYR A 126 -9.02 -17.69 19.32
CA TYR A 126 -8.46 -18.73 20.17
C TYR A 126 -8.50 -20.13 19.54
N HIS A 127 -9.55 -20.42 18.78
CA HIS A 127 -9.71 -21.73 18.15
C HIS A 127 -9.13 -21.85 16.75
N GLU A 128 -8.47 -20.81 16.25
CA GLU A 128 -7.82 -20.88 14.94
C GLU A 128 -6.68 -21.89 14.94
N LYS A 129 -6.64 -22.73 13.90
CA LYS A 129 -5.53 -23.68 13.71
C LYS A 129 -4.17 -22.95 13.71
N ALA A 130 -4.15 -21.75 13.15
CA ALA A 130 -2.94 -20.92 13.13
C ALA A 130 -2.22 -20.92 14.50
N PHE A 131 -2.98 -20.85 15.59
CA PHE A 131 -2.35 -20.77 16.92
C PHE A 131 -1.64 -22.05 17.33
N THR A 132 -2.16 -23.20 16.89
CA THR A 132 -1.47 -24.46 17.11
C THR A 132 -0.13 -24.44 16.39
N THR A 133 -0.14 -24.04 15.13
CA THR A 133 1.06 -23.96 14.30
C THR A 133 2.11 -23.00 14.89
N ILE A 134 1.64 -21.83 15.33
CA ILE A 134 2.53 -20.83 15.92
C ILE A 134 3.10 -21.31 17.26
N MLY A 135 2.26 -21.88 18.10
CA MLY A 135 2.71 -22.42 19.38
CB MLY A 135 1.53 -22.91 20.22
CG MLY A 135 1.99 -23.13 21.65
CD MLY A 135 0.82 -23.28 22.60
CE MLY A 135 1.37 -23.62 23.97
NZ MLY A 135 0.23 -23.84 24.85
CH1 MLY A 135 0.03 -25.29 25.04
CH2 MLY A 135 0.44 -23.17 26.14
C MLY A 135 3.74 -23.52 19.19
O MLY A 135 4.76 -23.52 19.87
N ASN A 136 3.48 -24.45 18.28
CA ASN A 136 4.46 -25.50 17.94
C ASN A 136 5.79 -24.90 17.49
N PHE A 137 5.72 -23.91 16.60
CA PHE A 137 6.91 -23.23 16.12
C PHE A 137 7.71 -22.59 17.26
N LEU A 138 7.02 -21.96 18.19
CA LEU A 138 7.69 -21.25 19.28
C LEU A 138 8.27 -22.20 20.34
N ALA A 139 7.83 -23.46 20.36
CA ALA A 139 8.34 -24.43 21.34
C ALA A 139 9.86 -24.59 21.27
N ASP A 140 10.44 -24.36 20.09
CA ASP A 140 11.90 -24.40 19.87
C ASP A 140 12.62 -23.07 20.16
N MLY A 141 11.90 -22.05 20.64
CA MLY A 141 12.46 -20.70 20.70
CB MLY A 141 11.62 -19.73 19.85
CG MLY A 141 11.49 -20.18 18.39
CD MLY A 141 12.82 -20.20 17.66
CE MLY A 141 12.63 -20.49 16.18
NZ MLY A 141 13.90 -20.42 15.44
CH1 MLY A 141 14.82 -21.49 15.88
CH2 MLY A 141 13.65 -20.59 14.00
C MLY A 141 12.40 -20.20 22.10
O MLY A 141 11.62 -20.69 22.91
N GLN A 142 13.23 -19.20 22.39
CA GLN A 142 13.13 -18.47 23.63
C GLN A 142 12.52 -17.12 23.32
N VAL A 143 11.30 -16.89 23.79
CA VAL A 143 10.57 -15.64 23.54
C VAL A 143 11.12 -14.51 24.42
N LEU A 144 11.30 -13.33 23.82
CA LEU A 144 11.82 -12.15 24.53
C LEU A 144 10.81 -11.00 24.67
N GLY A 145 9.63 -11.16 24.08
CA GLY A 145 8.56 -10.19 24.16
C GLY A 145 7.59 -10.33 22.99
N ALA A 146 6.55 -9.52 22.99
CA ALA A 146 5.62 -9.52 21.88
C ALA A 146 4.86 -8.20 21.85
N ASP A 147 4.26 -7.92 20.70
CA ASP A 147 3.45 -6.73 20.50
C ASP A 147 2.25 -7.12 19.65
N PHE A 148 1.05 -7.07 20.27
CA PHE A 148 -0.22 -7.49 19.69
C PHE A 148 -1.20 -6.31 19.75
N ASN A 149 -2.01 -6.14 18.72
CA ASN A 149 -3.01 -5.07 18.71
C ASN A 149 -4.30 -5.50 18.05
N TYR A 150 -5.37 -4.80 18.40
CA TYR A 150 -6.59 -4.86 17.61
C TYR A 150 -7.36 -3.56 17.79
N ALA A 151 -7.31 -2.71 16.78
CA ALA A 151 -7.91 -1.38 16.80
C ALA A 151 -8.57 -1.16 15.46
N LYS A 152 -9.88 -1.01 15.48
CA LYS A 152 -10.67 -0.78 14.27
C LYS A 152 -11.65 0.38 14.54
N TYR A 153 -11.66 1.36 13.65
CA TYR A 153 -12.60 2.49 13.83
C TYR A 153 -14.02 2.02 13.59
N SER A 154 -14.93 2.37 14.49
CA SER A 154 -16.37 2.25 14.21
C SER A 154 -17.05 3.55 14.62
N SER A 155 -17.96 4.03 13.78
CA SER A 155 -18.55 5.36 13.99
C SER A 155 -19.36 5.44 15.27
N LYS A 156 -20.26 4.47 15.48
CA LYS A 156 -21.37 4.56 16.45
C LYS A 156 -22.50 5.38 15.85
N ALA A 174 -21.38 -3.00 30.16
CA ALA A 174 -19.97 -3.37 29.99
C ALA A 174 -19.49 -3.31 28.53
N GLY A 175 -18.44 -2.53 28.28
CA GLY A 175 -17.95 -2.31 26.93
C GLY A 175 -16.70 -1.47 26.92
N GLY A 176 -16.41 -0.88 25.77
CA GLY A 176 -15.19 -0.10 25.55
C GLY A 176 -14.19 -0.88 24.73
N ALA A 177 -13.10 -0.24 24.36
CA ALA A 177 -12.11 -0.82 23.48
C ALA A 177 -11.50 -2.10 24.06
N LEU A 178 -11.12 -2.05 25.34
CA LEU A 178 -10.47 -3.19 25.97
C LEU A 178 -11.38 -4.42 25.94
N MSE A 179 -12.63 -4.26 26.37
CA MSE A 179 -13.55 -5.38 26.48
C MSE A 179 -14.03 -5.88 25.12
O MSE A 179 -14.16 -7.08 24.94
CB MSE A 179 -14.79 -4.97 27.27
CG MSE A 179 -14.44 -4.61 28.70
SE MSE A 179 -14.00 -6.25 29.68
CE MSE A 179 -15.83 -6.96 29.87
N ASP A 180 -14.28 -4.97 24.20
N ASP A 180 -14.30 -4.97 24.20
CA ASP A 180 -14.87 -5.30 22.90
CA ASP A 180 -14.88 -5.32 22.91
C ASP A 180 -13.82 -5.76 21.89
C ASP A 180 -13.81 -5.79 21.90
N LEU A 181 -12.65 -5.13 21.90
CA LEU A 181 -11.57 -5.42 20.93
C LEU A 181 -10.27 -5.94 21.55
N GLY A 182 -9.86 -5.35 22.68
CA GLY A 182 -8.68 -5.80 23.43
C GLY A 182 -8.73 -7.26 23.84
N ILE A 183 -9.93 -7.80 23.96
CA ILE A 183 -10.11 -9.22 24.27
C ILE A 183 -9.44 -10.14 23.24
N TYR A 184 -9.39 -9.73 21.97
CA TYR A 184 -8.72 -10.52 20.95
C TYR A 184 -7.18 -10.70 21.21
N PRO A 185 -6.42 -9.60 21.32
CA PRO A 185 -4.99 -9.79 21.60
C PRO A 185 -4.70 -10.43 22.97
N LEU A 186 -5.58 -10.20 23.96
CA LEU A 186 -5.45 -10.92 25.24
C LEU A 186 -5.62 -12.44 25.09
N TYR A 187 -6.61 -12.85 24.31
CA TYR A 187 -6.82 -14.26 24.04
C TYR A 187 -5.64 -14.87 23.27
N ALA A 188 -5.04 -14.09 22.38
CA ALA A 188 -3.88 -14.53 21.63
C ALA A 188 -2.68 -14.76 22.54
N ALA A 189 -2.47 -13.82 23.46
CA ALA A 189 -1.38 -13.89 24.43
C ALA A 189 -1.54 -15.09 25.34
N VAL A 190 -2.76 -15.29 25.85
CA VAL A 190 -3.03 -16.41 26.74
C VAL A 190 -2.91 -17.75 25.99
N ARG A 191 -3.40 -17.78 24.76
CA ARG A 191 -3.30 -18.97 23.93
C ARG A 191 -1.85 -19.40 23.74
N LEU A 192 -0.96 -18.44 23.50
CA LEU A 192 0.43 -18.74 23.22
C LEU A 192 1.32 -18.82 24.45
N PHE A 193 1.11 -17.92 25.41
CA PHE A 193 2.03 -17.74 26.51
C PHE A 193 1.48 -18.15 27.88
N GLY A 194 0.19 -18.45 27.94
CA GLY A 194 -0.49 -18.73 29.19
C GLY A 194 -0.77 -17.47 29.99
N LYS A 195 -1.10 -17.68 31.25
CA LYS A 195 -1.50 -16.60 32.15
C LYS A 195 -0.30 -15.72 32.52
N ALA A 196 -0.46 -14.40 32.38
CA ALA A 196 0.57 -13.46 32.76
C ALA A 196 0.67 -13.33 34.29
N ASN A 197 1.81 -12.89 34.80
CA ASN A 197 1.96 -12.61 36.25
C ASN A 197 1.15 -11.42 36.69
N ASP A 198 1.05 -10.42 35.83
CA ASP A 198 0.42 -9.16 36.15
C ASP A 198 0.13 -8.44 34.84
N ALA A 199 -0.61 -7.35 34.92
CA ALA A 199 -0.97 -6.59 33.75
C ALA A 199 -1.27 -5.15 34.14
N THR A 200 -1.11 -4.25 33.18
CA THR A 200 -1.48 -2.86 33.37
C THR A 200 -2.08 -2.35 32.08
N TYR A 201 -2.83 -1.26 32.18
CA TYR A 201 -3.50 -0.67 31.03
C TYR A 201 -3.83 0.79 31.33
N HIS A 202 -3.57 1.65 30.36
CA HIS A 202 -3.88 3.07 30.44
CA HIS A 202 -3.90 3.06 30.47
C HIS A 202 -4.63 3.48 29.19
N ALA A 203 -5.74 4.18 29.37
CA ALA A 203 -6.65 4.41 28.29
C ALA A 203 -6.99 5.88 28.15
N GLN A 204 -7.34 6.24 26.92
CA GLN A 204 -8.00 7.50 26.66
CA GLN A 204 -8.00 7.49 26.63
C GLN A 204 -9.49 7.25 26.85
N GLN A 205 -10.09 7.99 27.78
CA GLN A 205 -11.46 7.71 28.21
C GLN A 205 -12.46 8.83 27.97
N LEU A 206 -13.71 8.44 27.79
CA LEU A 206 -14.84 9.37 27.85
C LEU A 206 -15.10 9.77 29.30
N ASP A 207 -15.97 10.74 29.49
CA ASP A 207 -16.24 11.25 30.83
C ASP A 207 -16.84 10.18 31.74
N ASN A 208 -17.55 9.21 31.17
CA ASN A 208 -18.07 8.07 31.92
C ASN A 208 -17.03 6.96 32.22
N SER A 209 -15.76 7.21 31.89
CA SER A 209 -14.63 6.31 32.15
C SER A 209 -14.42 5.20 31.12
N ILE A 210 -15.34 5.05 30.18
CA ILE A 210 -15.22 4.03 29.12
C ILE A 210 -14.10 4.39 28.14
N ASP A 211 -13.31 3.38 27.75
CA ASP A 211 -12.11 3.61 26.95
C ASP A 211 -12.40 3.62 25.45
N LEU A 212 -11.91 4.65 24.78
CA LEU A 212 -11.91 4.78 23.32
C LEU A 212 -10.74 3.97 22.73
N ASN A 213 -9.59 4.07 23.37
CA ASN A 213 -8.41 3.29 23.01
C ASN A 213 -7.46 3.24 24.19
N GLY A 214 -6.43 2.40 24.10
CA GLY A 214 -5.51 2.28 25.19
C GLY A 214 -4.37 1.36 24.89
N ASP A 215 -3.38 1.40 25.77
CA ASP A 215 -2.18 0.60 25.68
C ASP A 215 -1.96 -0.09 27.01
N GLY A 216 -1.67 -1.37 26.94
CA GLY A 216 -1.39 -2.17 28.11
C GLY A 216 -0.16 -3.02 27.93
N ILE A 217 0.26 -3.63 29.04
CA ILE A 217 1.38 -4.55 29.08
C ILE A 217 0.98 -5.77 29.91
N LEU A 218 1.26 -6.95 29.38
CA LEU A 218 1.17 -8.18 30.14
C LEU A 218 2.58 -8.53 30.59
N PHE A 219 2.75 -8.79 31.88
CA PHE A 219 4.06 -9.10 32.46
C PHE A 219 4.23 -10.58 32.70
N TYR A 220 5.20 -11.16 32.02
CA TYR A 220 5.57 -12.56 32.19
C TYR A 220 6.93 -12.63 32.90
N PRO A 221 7.30 -13.81 33.43
CA PRO A 221 8.56 -13.86 34.18
C PRO A 221 9.77 -13.25 33.49
N ASP A 222 9.98 -13.56 32.21
N ASP A 222 9.95 -13.56 32.21
CA ASP A 222 11.18 -13.13 31.50
CA ASP A 222 11.15 -13.20 31.45
C ASP A 222 10.94 -12.23 30.29
C ASP A 222 10.94 -12.20 30.31
N TYR A 223 9.71 -11.75 30.12
CA TYR A 223 9.40 -10.82 29.03
C TYR A 223 8.05 -10.14 29.25
N GLN A 224 7.73 -9.17 28.42
CA GLN A 224 6.42 -8.52 28.48
C GLN A 224 5.78 -8.45 27.10
N VAL A 225 4.46 -8.28 27.08
CA VAL A 225 3.68 -8.25 25.86
C VAL A 225 2.88 -6.96 25.82
N HIS A 226 3.14 -6.11 24.83
CA HIS A 226 2.36 -4.88 24.64
C HIS A 226 1.02 -5.21 23.97
N ILE A 227 -0.05 -4.66 24.52
CA ILE A 227 -1.40 -4.81 24.01
C ILE A 227 -1.96 -3.43 23.65
N LYS A 228 -2.45 -3.27 22.43
CA LYS A 228 -3.14 -2.05 22.02
C LYS A 228 -4.56 -2.40 21.57
N ALA A 229 -5.51 -1.59 22.01
CA ALA A 229 -6.91 -1.75 21.64
C ALA A 229 -7.46 -0.38 21.32
N GLY A 230 -8.40 -0.32 20.39
CA GLY A 230 -9.01 0.94 20.02
C GLY A 230 -10.26 0.80 19.18
N LYS A 231 -11.22 1.69 19.41
CA LYS A 231 -12.48 1.76 18.66
C LYS A 231 -12.68 3.07 17.94
N ASN A 232 -11.94 4.11 18.33
CA ASN A 232 -12.02 5.38 17.60
C ASN A 232 -10.85 5.60 16.61
N ILE A 233 -10.02 4.57 16.46
CA ILE A 233 -8.80 4.61 15.64
C ILE A 233 -8.61 3.27 14.94
N THR A 234 -7.89 3.27 13.81
CA THR A 234 -7.60 2.02 13.11
C THR A 234 -6.10 1.80 13.06
N SER A 235 -5.66 0.63 13.52
CA SER A 235 -4.26 0.22 13.38
C SER A 235 -4.16 -0.92 12.38
N ASN A 236 -3.16 -0.84 11.52
CA ASN A 236 -2.83 -1.95 10.61
C ASN A 236 -1.47 -2.55 10.95
N LEU A 237 -0.98 -2.32 12.17
CA LEU A 237 0.32 -2.84 12.56
C LEU A 237 0.28 -4.38 12.60
N PRO A 238 1.30 -5.05 12.06
CA PRO A 238 1.40 -6.48 12.29
C PRO A 238 1.61 -6.76 13.77
N CYS A 239 1.47 -8.02 14.14
CA CYS A 239 1.72 -8.43 15.50
C CYS A 239 3.05 -9.19 15.45
N GLU A 240 3.92 -8.91 16.41
CA GLU A 240 5.27 -9.46 16.42
C GLU A 240 5.48 -10.27 17.68
N ILE A 241 6.23 -11.36 17.55
CA ILE A 241 6.73 -12.08 18.72
C ILE A 241 8.24 -12.15 18.56
N TYR A 242 8.97 -11.64 19.56
CA TYR A 242 10.43 -11.57 19.49
C TYR A 242 11.03 -12.80 20.12
N THR A 243 12.07 -13.34 19.51
CA THR A 243 12.79 -14.50 20.06
C THR A 243 14.27 -14.13 20.09
N THR A 244 15.09 -14.94 20.74
CA THR A 244 16.51 -14.61 20.79
C THR A 244 17.10 -14.54 19.40
N ASP A 245 16.61 -15.37 18.47
CA ASP A 245 17.17 -15.44 17.12
C ASP A 245 16.43 -14.66 16.03
N GLY A 246 15.36 -13.94 16.36
CA GLY A 246 14.64 -13.19 15.35
C GLY A 246 13.26 -12.73 15.74
N THR A 247 12.42 -12.52 14.75
CA THR A 247 11.08 -12.01 14.95
C THR A 247 10.08 -12.79 14.12
N LEU A 248 9.03 -13.24 14.78
CA LEU A 248 7.90 -13.88 14.10
C LEU A 248 6.84 -12.81 13.89
N THR A 249 6.43 -12.63 12.64
CA THR A 249 5.48 -11.60 12.28
C THR A 249 4.17 -12.21 11.79
N LEU A 250 3.09 -11.86 12.49
CA LEU A 250 1.75 -12.30 12.14
C LEU A 250 1.02 -11.09 11.56
N ASN A 251 0.27 -11.29 10.49
CA ASN A 251 -0.43 -10.15 9.90
C ASN A 251 -1.45 -9.56 10.90
N THR A 252 -2.10 -10.42 11.66
CA THR A 252 -3.04 -10.03 12.74
C THR A 252 -2.98 -11.12 13.82
N ILE A 253 -3.73 -10.95 14.91
CA ILE A 253 -3.96 -12.04 15.88
C ILE A 253 -5.41 -12.55 15.86
N GLU A 254 -6.14 -12.21 14.80
CA GLU A 254 -7.48 -12.70 14.56
C GLU A 254 -7.68 -12.91 13.05
N HIS A 255 -8.35 -13.99 12.70
CA HIS A 255 -8.46 -14.41 11.31
C HIS A 255 -7.09 -14.37 10.64
N ILE A 256 -6.11 -14.99 11.31
CA ILE A 256 -4.71 -14.88 10.89
C ILE A 256 -4.56 -15.42 9.47
N ARG A 257 -3.84 -14.67 8.63
CA ARG A 257 -3.61 -15.04 7.23
C ARG A 257 -2.20 -15.53 7.00
N SER A 258 -1.22 -14.89 7.65
CA SER A 258 0.20 -15.18 7.40
C SER A 258 1.05 -15.07 8.66
N ALA A 259 2.06 -15.92 8.72
CA ALA A 259 3.05 -15.89 9.78
C ALA A 259 4.41 -16.24 9.18
N ILE A 260 5.37 -15.36 9.39
CA ILE A 260 6.71 -15.56 8.86
C ILE A 260 7.74 -15.11 9.87
N PHE A 261 8.76 -15.94 10.05
CA PHE A 261 9.87 -15.67 10.94
C PHE A 261 11.06 -15.14 10.14
N THR A 262 11.67 -14.06 10.63
CA THR A 262 12.89 -13.51 10.06
C THR A 262 13.97 -13.51 11.12
N ASP A 263 15.15 -14.01 10.76
CA ASP A 263 16.25 -14.04 11.71
C ASP A 263 17.07 -12.76 11.62
N HIS A 264 18.18 -12.70 12.36
CA HIS A 264 18.99 -11.49 12.36
C HIS A 264 19.92 -11.37 11.14
N GLN A 265 20.00 -12.42 10.30
CA GLN A 265 20.86 -12.38 9.10
C GLN A 265 20.08 -12.26 7.80
N GLY A 266 18.79 -11.90 7.85
CA GLY A 266 17.97 -11.73 6.65
C GLY A 266 17.23 -12.98 6.14
N ASN A 267 17.43 -14.11 6.81
CA ASN A 267 16.80 -15.37 6.40
C ASN A 267 15.41 -15.51 7.00
N GLN A 268 14.56 -16.30 6.34
CA GLN A 268 13.17 -16.47 6.73
C GLN A 268 12.79 -17.93 6.91
N VAL A 269 11.82 -18.17 7.79
CA VAL A 269 11.13 -19.44 7.89
C VAL A 269 9.63 -19.17 7.74
N GLN A 270 9.01 -19.83 6.76
CA GLN A 270 7.59 -19.71 6.52
C GLN A 270 6.84 -20.63 7.45
N LEU A 271 5.68 -20.19 7.95
CA LEU A 271 4.81 -21.07 8.71
C LEU A 271 3.57 -21.37 7.87
N PRO A 272 3.07 -22.62 7.93
CA PRO A 272 1.92 -23.00 7.13
C PRO A 272 0.61 -22.53 7.78
N ILE A 273 0.12 -21.39 7.33
CA ILE A 273 -1.11 -20.82 7.82
C ILE A 273 -2.11 -20.88 6.69
N GLN A 274 -3.31 -21.38 6.97
CA GLN A 274 -4.41 -21.30 6.00
C GLN A 274 -5.67 -20.77 6.69
N GLN A 275 -6.01 -19.50 6.47
CA GLN A 275 -7.16 -18.92 7.17
C GLN A 275 -8.43 -19.62 6.72
N ALA A 276 -9.36 -19.79 7.64
CA ALA A 276 -10.62 -20.45 7.30
C ALA A 276 -11.44 -19.52 6.42
N PRO A 277 -12.46 -20.05 5.73
CA PRO A 277 -13.24 -19.17 4.86
C PRO A 277 -13.92 -18.03 5.63
N HIS A 278 -14.27 -18.28 6.88
CA HIS A 278 -14.94 -17.28 7.71
C HIS A 278 -14.33 -17.22 9.10
N THR A 279 -14.59 -16.12 9.79
CA THR A 279 -13.95 -15.87 11.07
C THR A 279 -14.43 -16.82 12.18
N MSE A 280 -15.63 -17.38 12.05
CA MSE A 280 -16.19 -18.24 13.09
C MSE A 280 -16.14 -19.71 12.76
O MSE A 280 -16.52 -20.53 13.59
CB MSE A 280 -17.64 -17.84 13.41
CG MSE A 280 -17.75 -16.41 13.91
SE MSE A 280 -19.64 -15.88 14.08
CE MSE A 280 -19.61 -15.49 15.98
N THR A 281 -15.64 -20.05 11.57
CA THR A 281 -15.59 -21.43 11.12
C THR A 281 -14.94 -22.34 12.16
N GLU A 282 -13.75 -21.98 12.62
CA GLU A 282 -12.99 -22.90 13.46
C GLU A 282 -13.61 -23.09 14.86
N GLU A 283 -14.12 -22.03 15.49
CA GLU A 283 -14.74 -22.19 16.81
C GLU A 283 -16.01 -23.05 16.76
N VAL A 284 -16.84 -22.82 15.75
CA VAL A 284 -18.10 -23.56 15.60
C VAL A 284 -17.81 -25.06 15.47
N ALA A 285 -16.81 -25.40 14.65
CA ALA A 285 -16.37 -26.78 14.52
C ALA A 285 -15.87 -27.36 15.86
N ALA A 286 -15.10 -26.56 16.61
CA ALA A 286 -14.55 -26.98 17.90
C ALA A 286 -15.65 -27.28 18.92
N PHE A 287 -16.65 -26.41 18.99
CA PHE A 287 -17.74 -26.61 19.94
C PHE A 287 -18.58 -27.87 19.65
N ALA A 288 -18.90 -28.10 18.38
CA ALA A 288 -19.61 -29.33 17.98
C ALA A 288 -18.80 -30.59 18.28
N HIS A 289 -17.51 -30.56 17.95
CA HIS A 289 -16.64 -31.70 18.17
C HIS A 289 -16.53 -32.02 19.68
N MSE A 290 -16.49 -30.98 20.50
CA MSE A 290 -16.38 -31.15 21.96
C MSE A 290 -17.63 -31.80 22.51
O MSE A 290 -17.56 -32.71 23.35
CB MSE A 290 -16.14 -29.82 22.64
CG MSE A 290 -16.18 -29.91 24.17
SE MSE A 290 -14.69 -30.98 24.88
CE MSE A 290 -13.16 -29.95 24.17
N ILE A 291 -18.79 -31.34 22.05
CA ILE A 291 -20.05 -31.92 22.53
C ILE A 291 -20.22 -33.36 22.05
N GLN A 292 -19.90 -33.62 20.78
CA GLN A 292 -20.13 -34.96 20.20
C GLN A 292 -19.10 -36.00 20.62
N GLN A 293 -17.85 -35.56 20.78
CA GLN A 293 -16.75 -36.44 21.12
C GLN A 293 -15.84 -35.76 22.15
N PRO A 294 -16.32 -35.65 23.40
CA PRO A 294 -15.64 -34.84 24.41
C PRO A 294 -14.19 -35.23 24.69
N ASP A 295 -13.31 -34.22 24.68
CA ASP A 295 -11.99 -34.30 25.26
C ASP A 295 -11.98 -33.40 26.48
N LEU A 296 -12.15 -34.00 27.66
CA LEU A 296 -12.42 -33.23 28.86
C LEU A 296 -11.19 -32.51 29.40
N ASN A 297 -10.00 -33.02 29.11
CA ASN A 297 -8.76 -32.32 29.46
C ASN A 297 -8.66 -31.02 28.64
N LEU A 298 -9.01 -31.10 27.36
CA LEU A 298 -9.01 -29.93 26.48
C LEU A 298 -10.05 -28.90 26.93
N TYR A 299 -11.24 -29.37 27.26
CA TYR A 299 -12.28 -28.50 27.82
C TYR A 299 -11.79 -27.73 29.04
N GLN A 300 -11.11 -28.40 29.95
CA GLN A 300 -10.60 -27.73 31.15
C GLN A 300 -9.58 -26.65 30.79
N THR A 301 -8.77 -26.89 29.76
CA THR A 301 -7.86 -25.88 29.24
C THR A 301 -8.61 -24.65 28.71
N TRP A 302 -9.67 -24.87 27.95
CA TRP A 302 -10.49 -23.78 27.46
C TRP A 302 -11.09 -22.94 28.59
N LEU A 303 -11.65 -23.61 29.60
CA LEU A 303 -12.20 -22.94 30.77
C LEU A 303 -11.14 -22.14 31.52
N TYR A 304 -9.97 -22.75 31.71
CA TYR A 304 -8.86 -22.10 32.44
C TYR A 304 -8.37 -20.85 31.70
N ASP A 305 -8.17 -20.97 30.40
CA ASP A 305 -7.69 -19.87 29.58
C ASP A 305 -8.70 -18.72 29.53
N ALA A 306 -10.00 -19.04 29.43
CA ALA A 306 -11.02 -18.00 29.47
C ALA A 306 -10.94 -17.27 30.81
N GLY A 307 -10.81 -18.03 31.89
CA GLY A 307 -10.58 -17.47 33.21
C GLY A 307 -9.39 -16.52 33.27
N SER A 308 -8.27 -16.92 32.69
CA SER A 308 -7.07 -16.08 32.68
C SER A 308 -7.33 -14.75 31.97
N VAL A 309 -8.00 -14.83 30.81
CA VAL A 309 -8.34 -13.64 30.03
C VAL A 309 -9.24 -12.70 30.83
N HIS A 310 -10.25 -13.24 31.48
CA HIS A 310 -11.15 -12.38 32.25
C HIS A 310 -10.51 -11.79 33.51
N GLU A 311 -9.55 -12.52 34.09
CA GLU A 311 -8.77 -11.99 35.19
C GLU A 311 -7.91 -10.81 34.75
N LEU A 312 -7.25 -10.97 33.59
CA LEU A 312 -6.40 -9.91 33.05
C LEU A 312 -7.22 -8.69 32.64
N LEU A 313 -8.36 -8.90 31.99
CA LEU A 313 -9.27 -7.79 31.66
C LEU A 313 -9.65 -7.02 32.91
N TYR A 314 -9.99 -7.74 33.98
CA TYR A 314 -10.45 -7.10 35.22
C TYR A 314 -9.34 -6.28 35.88
N THR A 315 -8.14 -6.84 35.94
CA THR A 315 -6.97 -6.10 36.42
C THR A 315 -6.71 -4.86 35.59
N MSE A 316 -6.86 -4.97 34.27
CA MSE A 316 -6.55 -3.87 33.38
C MSE A 316 -7.57 -2.77 33.51
O MSE A 316 -7.22 -1.59 33.46
CB MSE A 316 -6.43 -4.39 31.93
CG MSE A 316 -5.11 -5.15 31.77
SE MSE A 316 -5.11 -6.24 30.13
CE MSE A 316 -4.28 -4.91 28.95
N ARG A 317 -8.83 -3.14 33.71
CA ARG A 317 -9.86 -2.13 34.01
C ARG A 317 -9.55 -1.39 35.31
N GLN A 318 -9.07 -2.10 36.32
CA GLN A 318 -8.70 -1.44 37.56
C GLN A 318 -7.60 -0.43 37.34
N THR A 319 -6.53 -0.81 36.65
CA THR A 319 -5.39 0.10 36.47
C THR A 319 -5.77 1.33 35.65
N ALA A 320 -6.73 1.17 34.73
CA ALA A 320 -7.14 2.26 33.84
C ALA A 320 -8.28 3.10 34.39
N GLY A 321 -8.88 2.67 35.49
CA GLY A 321 -10.05 3.36 36.05
C GLY A 321 -11.29 3.27 35.19
N ILE A 322 -11.49 2.13 34.54
CA ILE A 322 -12.67 1.91 33.68
C ILE A 322 -13.77 1.22 34.51
N ARG A 323 -14.89 1.92 34.70
CA ARG A 323 -16.00 1.42 35.52
C ARG A 323 -17.31 1.49 34.73
N PHE A 324 -18.13 0.45 34.83
CA PHE A 324 -19.35 0.33 34.03
C PHE A 324 -20.57 0.95 34.70
N GLU A 325 -21.58 1.30 33.88
CA GLU A 325 -22.89 1.77 34.35
C GLU A 325 -22.84 3.07 35.15
N ALA B 3 -43.52 -10.24 -1.45
CA ALA B 3 -43.19 -11.64 -1.02
C ALA B 3 -41.85 -12.08 -1.59
N MSE B 4 -41.26 -13.09 -0.96
CA MSE B 4 -39.90 -13.50 -1.30
C MSE B 4 -39.88 -14.29 -2.57
O MSE B 4 -40.78 -15.08 -2.85
CB MSE B 4 -39.27 -14.30 -0.17
CG MSE B 4 -38.83 -13.36 0.94
SE MSE B 4 -37.57 -14.32 2.09
CE MSE B 4 -38.79 -15.74 2.75
N LEU B 5 -38.83 -14.07 -3.35
CA LEU B 5 -38.64 -14.79 -4.58
C LEU B 5 -38.08 -16.16 -4.27
N LYS B 6 -38.67 -17.19 -4.85
CA LYS B 6 -38.19 -18.54 -4.66
C LYS B 6 -37.11 -18.79 -5.70
N LEU B 7 -35.96 -19.24 -5.22
CA LEU B 7 -34.74 -19.29 -6.02
C LEU B 7 -34.27 -20.72 -6.23
N GLY B 8 -34.01 -21.06 -7.48
CA GLY B 8 -33.36 -22.31 -7.84
C GLY B 8 -31.98 -21.98 -8.34
N VAL B 9 -31.04 -22.89 -8.10
CA VAL B 9 -29.64 -22.66 -8.51
C VAL B 9 -29.07 -23.85 -9.31
N ILE B 10 -28.35 -23.51 -10.39
CA ILE B 10 -27.49 -24.42 -11.11
C ILE B 10 -26.04 -23.94 -10.93
N GLY B 11 -25.13 -24.88 -10.71
CA GLY B 11 -23.72 -24.57 -10.43
C GLY B 11 -23.45 -24.70 -8.95
N THR B 12 -22.49 -25.56 -8.58
CA THR B 12 -22.21 -25.84 -7.17
C THR B 12 -20.81 -25.36 -6.73
N GLY B 13 -20.32 -24.31 -7.39
CA GLY B 13 -19.03 -23.69 -7.02
C GLY B 13 -19.19 -22.66 -5.92
N ALA B 14 -18.06 -22.12 -5.47
CA ALA B 14 -18.06 -21.07 -4.45
C ALA B 14 -18.91 -19.86 -4.87
N ILE B 15 -18.85 -19.50 -6.15
CA ILE B 15 -19.61 -18.35 -6.66
C ILE B 15 -21.12 -18.50 -6.37
N SER B 16 -21.64 -19.72 -6.44
CA SER B 16 -23.05 -19.95 -6.14
C SER B 16 -23.35 -19.73 -4.67
N HIS B 17 -22.46 -20.20 -3.78
CA HIS B 17 -22.60 -19.88 -2.35
C HIS B 17 -22.61 -18.38 -2.07
N HIS B 18 -21.72 -17.63 -2.72
CA HIS B 18 -21.69 -16.17 -2.52
C HIS B 18 -22.98 -15.51 -3.04
N PHE B 19 -23.47 -15.95 -4.20
CA PHE B 19 -24.75 -15.45 -4.69
C PHE B 19 -25.90 -15.71 -3.71
N ILE B 20 -26.01 -16.95 -3.24
CA ILE B 20 -27.08 -17.33 -2.32
C ILE B 20 -26.97 -16.52 -1.02
N GLU B 21 -25.75 -16.32 -0.54
CA GLU B 21 -25.51 -15.52 0.67
C GLU B 21 -26.06 -14.12 0.50
N ALA B 22 -25.73 -13.48 -0.62
CA ALA B 22 -26.22 -12.12 -0.90
C ALA B 22 -27.74 -12.10 -1.03
N ALA B 23 -28.26 -13.07 -1.77
CA ALA B 23 -29.70 -13.23 -1.94
C ALA B 23 -30.43 -13.33 -0.60
N HIS B 24 -29.93 -14.20 0.28
CA HIS B 24 -30.56 -14.35 1.60
C HIS B 24 -30.43 -13.09 2.45
N THR B 25 -29.26 -12.48 2.43
CA THR B 25 -29.01 -11.24 3.19
C THR B 25 -29.88 -10.07 2.74
N SER B 26 -30.22 -10.02 1.44
CA SER B 26 -31.10 -8.99 0.92
C SER B 26 -32.52 -9.11 1.48
N GLY B 27 -32.89 -10.31 1.91
CA GLY B 27 -34.22 -10.61 2.41
C GLY B 27 -35.30 -10.65 1.33
N GLU B 28 -34.89 -10.80 0.08
CA GLU B 28 -35.82 -10.77 -1.05
C GLU B 28 -35.92 -12.13 -1.75
N TYR B 29 -35.10 -13.08 -1.33
CA TYR B 29 -35.02 -14.38 -1.97
C TYR B 29 -35.02 -15.47 -0.93
N GLN B 30 -35.50 -16.64 -1.33
CA GLN B 30 -35.31 -17.84 -0.53
C GLN B 30 -34.92 -18.97 -1.47
N LEU B 31 -33.79 -19.61 -1.19
CA LEU B 31 -33.34 -20.79 -1.93
C LEU B 31 -34.31 -21.94 -1.68
N VAL B 32 -34.82 -22.54 -2.74
CA VAL B 32 -35.75 -23.68 -2.61
C VAL B 32 -35.28 -24.94 -3.35
N ALA B 33 -34.37 -24.80 -4.32
CA ALA B 33 -34.03 -25.89 -5.22
C ALA B 33 -32.61 -25.80 -5.75
N ILE B 34 -31.95 -26.96 -5.83
CA ILE B 34 -30.62 -27.06 -6.43
C ILE B 34 -30.57 -28.21 -7.41
N TYR B 35 -29.99 -27.95 -8.58
CA TYR B 35 -29.76 -28.98 -9.58
C TYR B 35 -28.26 -29.32 -9.69
N SER B 36 -27.96 -30.60 -9.85
CA SER B 36 -26.64 -31.05 -10.27
C SER B 36 -26.77 -32.37 -11.02
N ARG B 37 -25.83 -32.63 -11.93
CA ARG B 37 -25.83 -33.88 -12.71
C ARG B 37 -25.77 -35.10 -11.77
N LYS B 38 -25.03 -34.96 -10.67
CA LYS B 38 -24.96 -35.97 -9.63
C LYS B 38 -25.71 -35.47 -8.40
N LEU B 39 -26.72 -36.22 -7.97
CA LEU B 39 -27.57 -35.82 -6.86
C LEU B 39 -26.78 -35.61 -5.58
N GLU B 40 -25.73 -36.41 -5.39
CA GLU B 40 -24.86 -36.28 -4.22
C GLU B 40 -24.05 -34.98 -4.19
N THR B 41 -23.67 -34.48 -5.37
CA THR B 41 -22.99 -33.19 -5.46
C THR B 41 -23.97 -32.09 -5.05
N ALA B 42 -25.22 -32.19 -5.51
CA ALA B 42 -26.27 -31.26 -5.07
C ALA B 42 -26.50 -31.33 -3.56
N ALA B 43 -26.50 -32.56 -3.01
CA ALA B 43 -26.78 -32.76 -1.60
C ALA B 43 -25.70 -32.11 -0.74
N THR B 44 -24.44 -32.34 -1.11
CA THR B 44 -23.32 -31.75 -0.41
C THR B 44 -23.39 -30.23 -0.46
N PHE B 45 -23.61 -29.70 -1.65
CA PHE B 45 -23.72 -28.25 -1.81
C PHE B 45 -24.84 -27.67 -0.93
N ALA B 46 -25.98 -28.35 -0.93
CA ALA B 46 -27.18 -27.83 -0.26
C ALA B 46 -27.23 -28.04 1.25
N SER B 47 -26.35 -28.87 1.82
CA SER B 47 -26.50 -29.25 3.23
C SER B 47 -26.64 -28.05 4.19
N ARG B 48 -25.90 -26.97 3.92
CA ARG B 48 -25.92 -25.80 4.81
C ARG B 48 -27.23 -25.01 4.78
N TYR B 49 -28.04 -25.22 3.75
CA TYR B 49 -29.29 -24.51 3.59
C TYR B 49 -30.40 -25.43 4.04
N GLN B 50 -31.54 -24.85 4.38
CA GLN B 50 -32.63 -25.65 4.96
C GLN B 50 -33.78 -25.86 3.97
N ASN B 51 -34.31 -27.09 3.97
CA ASN B 51 -35.47 -27.48 3.16
C ASN B 51 -35.26 -27.32 1.68
N ILE B 52 -34.16 -27.86 1.17
CA ILE B 52 -33.84 -27.71 -0.25
C ILE B 52 -34.25 -28.94 -1.06
N GLN B 53 -35.04 -28.72 -2.10
CA GLN B 53 -35.34 -29.76 -3.09
C GLN B 53 -34.14 -30.01 -4.00
N LEU B 54 -33.66 -31.25 -4.01
CA LEU B 54 -32.53 -31.64 -4.82
C LEU B 54 -32.99 -32.28 -6.12
N PHE B 55 -32.37 -31.89 -7.23
CA PHE B 55 -32.71 -32.44 -8.53
C PHE B 55 -31.48 -32.87 -9.28
N ASP B 56 -31.55 -34.02 -9.95
CA ASP B 56 -30.60 -34.37 -10.98
C ASP B 56 -31.27 -34.59 -12.33
N GLN B 57 -32.53 -34.19 -12.42
CA GLN B 57 -33.29 -34.18 -13.66
C GLN B 57 -33.55 -32.74 -14.02
N LEU B 58 -32.82 -32.26 -15.02
CA LEU B 58 -32.79 -30.84 -15.35
C LEU B 58 -34.16 -30.28 -15.73
N GLU B 59 -34.88 -30.98 -16.60
CA GLU B 59 -36.16 -30.46 -17.06
C GLU B 59 -37.21 -30.48 -15.95
N VAL B 60 -37.11 -31.45 -15.04
CA VAL B 60 -37.99 -31.50 -13.88
C VAL B 60 -37.70 -30.32 -12.97
N PHE B 61 -36.42 -30.06 -12.74
CA PHE B 61 -35.99 -28.87 -11.98
C PHE B 61 -36.61 -27.61 -12.61
N PHE B 62 -36.49 -27.44 -13.93
CA PHE B 62 -37.00 -26.21 -14.56
C PHE B 62 -38.52 -26.10 -14.46
N LYS B 63 -39.19 -27.25 -14.45
CA LYS B 63 -40.64 -27.30 -14.33
C LYS B 63 -41.18 -27.28 -12.89
N SER B 64 -40.29 -27.20 -11.91
N SER B 64 -40.29 -27.21 -11.90
CA SER B 64 -40.69 -27.15 -10.50
CA SER B 64 -40.68 -27.17 -10.49
C SER B 64 -41.19 -25.77 -10.12
C SER B 64 -41.18 -25.78 -10.12
N SER B 65 -41.62 -25.61 -8.86
CA SER B 65 -42.33 -24.39 -8.44
C SER B 65 -41.48 -23.27 -7.81
N PHE B 66 -40.43 -22.82 -8.49
CA PHE B 66 -39.69 -21.62 -8.07
C PHE B 66 -39.88 -20.49 -9.10
N ASP B 67 -39.44 -19.29 -8.75
CA ASP B 67 -39.67 -18.10 -9.57
C ASP B 67 -38.52 -17.79 -10.55
N LEU B 68 -37.29 -17.97 -10.10
CA LEU B 68 -36.14 -17.63 -10.92
C LEU B 68 -35.00 -18.59 -10.64
N VAL B 69 -34.14 -18.76 -11.64
CA VAL B 69 -32.99 -19.63 -11.49
C VAL B 69 -31.71 -18.83 -11.72
N TYR B 70 -30.71 -19.08 -10.87
CA TYR B 70 -29.39 -18.50 -11.04
C TYR B 70 -28.52 -19.60 -11.63
N ILE B 71 -27.93 -19.31 -12.79
CA ILE B 71 -27.20 -20.29 -13.54
C ILE B 71 -25.71 -19.96 -13.60
N ALA B 72 -24.91 -20.84 -12.99
CA ALA B 72 -23.45 -20.70 -12.95
C ALA B 72 -22.75 -22.01 -13.31
N SER B 73 -23.37 -22.74 -14.24
CA SER B 73 -22.73 -23.85 -14.91
C SER B 73 -21.61 -23.32 -15.81
N PRO B 74 -20.76 -24.23 -16.32
CA PRO B 74 -19.78 -23.75 -17.30
C PRO B 74 -20.44 -23.05 -18.47
N ASN B 75 -19.74 -22.06 -19.03
CA ASN B 75 -20.22 -21.17 -20.06
C ASN B 75 -20.88 -21.90 -21.24
N SER B 76 -20.35 -23.08 -21.56
CA SER B 76 -20.79 -23.86 -22.70
C SER B 76 -22.21 -24.37 -22.59
N LEU B 77 -22.72 -24.49 -21.36
CA LEU B 77 -24.06 -25.01 -21.11
C LEU B 77 -25.11 -23.92 -20.91
N HIS B 78 -24.68 -22.67 -20.77
CA HIS B 78 -25.61 -21.58 -20.45
C HIS B 78 -26.79 -21.45 -21.41
N PHE B 79 -26.53 -21.45 -22.72
CA PHE B 79 -27.59 -21.22 -23.69
C PHE B 79 -28.76 -22.21 -23.59
N ALA B 80 -28.47 -23.50 -23.57
CA ALA B 80 -29.52 -24.52 -23.56
C ALA B 80 -30.27 -24.53 -22.23
N GLN B 81 -29.54 -24.29 -21.14
CA GLN B 81 -30.14 -24.27 -19.82
C GLN B 81 -31.02 -23.04 -19.66
N ALA B 82 -30.51 -21.88 -20.05
CA ALA B 82 -31.31 -20.67 -19.98
C ALA B 82 -32.53 -20.76 -20.87
N LYS B 83 -32.39 -21.28 -22.09
CA LYS B 83 -33.54 -21.36 -23.01
C LYS B 83 -34.62 -22.25 -22.43
N ALA B 84 -34.19 -23.39 -21.90
CA ALA B 84 -35.13 -24.33 -21.28
C ALA B 84 -35.81 -23.71 -20.06
N ALA B 85 -35.06 -22.98 -19.24
CA ALA B 85 -35.62 -22.31 -18.08
C ALA B 85 -36.67 -21.28 -18.47
N LEU B 86 -36.34 -20.45 -19.45
CA LEU B 86 -37.29 -19.42 -19.90
C LEU B 86 -38.52 -20.04 -20.52
N SER B 87 -38.34 -21.15 -21.24
CA SER B 87 -39.45 -21.87 -21.86
C SER B 87 -40.37 -22.53 -20.83
N ALA B 88 -39.85 -22.78 -19.62
CA ALA B 88 -40.64 -23.27 -18.49
C ALA B 88 -41.21 -22.14 -17.64
N GLY B 89 -41.06 -20.90 -18.09
CA GLY B 89 -41.64 -19.75 -17.39
C GLY B 89 -40.84 -19.22 -16.21
N LYS B 90 -39.55 -19.54 -16.17
CA LYS B 90 -38.69 -19.09 -15.06
C LYS B 90 -37.85 -17.92 -15.51
N HIS B 91 -37.75 -16.89 -14.67
CA HIS B 91 -36.77 -15.82 -14.89
C HIS B 91 -35.37 -16.41 -14.74
N VAL B 92 -34.38 -15.80 -15.39
CA VAL B 92 -33.03 -16.37 -15.40
C VAL B 92 -31.98 -15.30 -15.13
N ILE B 93 -31.04 -15.62 -14.25
CA ILE B 93 -29.80 -14.84 -14.08
C ILE B 93 -28.64 -15.72 -14.53
N LEU B 94 -27.93 -15.27 -15.55
CA LEU B 94 -26.77 -16.01 -16.07
C LEU B 94 -25.53 -15.36 -15.51
N GLU B 95 -24.67 -16.17 -14.89
CA GLU B 95 -23.38 -15.69 -14.41
C GLU B 95 -22.50 -15.34 -15.62
N LYS B 96 -21.67 -14.31 -15.49
CA LYS B 96 -20.86 -13.88 -16.62
C LYS B 96 -19.74 -14.89 -16.93
N PRO B 97 -19.33 -15.01 -18.21
CA PRO B 97 -19.98 -14.44 -19.39
C PRO B 97 -21.29 -15.20 -19.69
N ALA B 98 -22.38 -14.45 -19.87
CA ALA B 98 -23.70 -15.04 -20.06
C ALA B 98 -23.74 -16.06 -21.20
N VAL B 99 -23.07 -15.73 -22.31
CA VAL B 99 -23.06 -16.57 -23.51
C VAL B 99 -21.66 -16.48 -24.11
N SER B 100 -21.33 -17.37 -25.06
CA SER B 100 -20.02 -17.37 -25.72
C SER B 100 -20.06 -16.72 -27.07
N GLN B 101 -21.25 -16.35 -27.51
CA GLN B 101 -21.38 -15.65 -28.77
C GLN B 101 -22.65 -14.83 -28.79
N PRO B 102 -22.58 -13.64 -29.37
CA PRO B 102 -23.63 -12.66 -29.19
C PRO B 102 -25.01 -13.11 -29.65
N GLN B 103 -25.12 -13.91 -30.71
CA GLN B 103 -26.43 -14.23 -31.25
C GLN B 103 -27.26 -15.07 -30.24
N GLU B 104 -26.58 -15.85 -29.41
CA GLU B 104 -27.23 -16.58 -28.32
C GLU B 104 -27.98 -15.66 -27.38
N TRP B 105 -27.38 -14.51 -27.06
CA TRP B 105 -28.05 -13.54 -26.19
C TRP B 105 -29.34 -13.05 -26.82
N PHE B 106 -29.27 -12.65 -28.10
CA PHE B 106 -30.45 -12.15 -28.81
C PHE B 106 -31.51 -13.22 -28.93
N ASP B 107 -31.08 -14.46 -29.18
CA ASP B 107 -31.98 -15.61 -29.27
C ASP B 107 -32.65 -15.85 -27.89
N LEU B 108 -31.91 -15.71 -26.79
CA LEU B 108 -32.51 -15.85 -25.45
C LEU B 108 -33.52 -14.75 -25.15
N ILE B 109 -33.22 -13.53 -25.59
CA ILE B 109 -34.15 -12.41 -25.39
C ILE B 109 -35.50 -12.71 -26.05
N GLN B 110 -35.48 -13.28 -27.26
CA GLN B 110 -36.72 -13.64 -27.93
C GLN B 110 -37.51 -14.69 -27.14
N THR B 111 -36.81 -15.69 -26.61
CA THR B 111 -37.45 -16.72 -25.80
C THR B 111 -38.01 -16.12 -24.50
N ALA B 112 -37.25 -15.24 -23.86
CA ALA B 112 -37.72 -14.57 -22.64
C ALA B 112 -38.96 -13.73 -22.94
N GLU B 113 -38.96 -13.00 -24.06
CA GLU B 113 -40.12 -12.20 -24.45
C GLU B 113 -41.34 -13.10 -24.69
N LYS B 114 -41.16 -14.15 -25.49
CA LYS B 114 -42.22 -15.11 -25.77
C LYS B 114 -42.90 -15.67 -24.51
N ASN B 115 -42.12 -15.92 -23.47
CA ASN B 115 -42.65 -16.51 -22.25
C ASN B 115 -42.88 -15.51 -21.11
N ASN B 116 -42.79 -14.21 -21.41
CA ASN B 116 -43.00 -13.16 -20.42
CA ASN B 116 -43.03 -13.17 -20.41
C ASN B 116 -42.10 -13.30 -19.19
N CYS B 117 -40.82 -13.61 -19.43
CA CYS B 117 -39.82 -13.76 -18.37
C CYS B 117 -38.64 -12.81 -18.59
N PHE B 118 -37.94 -12.47 -17.51
CA PHE B 118 -36.73 -11.67 -17.57
C PHE B 118 -35.49 -12.58 -17.73
N ILE B 119 -34.53 -12.12 -18.53
CA ILE B 119 -33.19 -12.70 -18.56
C ILE B 119 -32.20 -11.58 -18.16
N PHE B 120 -31.32 -11.90 -17.21
CA PHE B 120 -30.29 -10.97 -16.72
C PHE B 120 -28.92 -11.60 -16.82
N GLU B 121 -27.91 -10.80 -17.17
CA GLU B 121 -26.51 -11.20 -17.00
C GLU B 121 -26.00 -10.68 -15.66
N ALA B 122 -25.41 -11.56 -14.85
CA ALA B 122 -24.86 -11.15 -13.55
C ALA B 122 -23.52 -10.44 -13.72
N ALA B 123 -23.58 -9.20 -14.20
CA ALA B 123 -22.41 -8.35 -14.33
C ALA B 123 -22.40 -7.46 -13.08
N ARG B 124 -21.69 -7.91 -12.05
N ARG B 124 -21.69 -7.90 -12.05
CA ARG B 124 -21.80 -7.29 -10.73
CA ARG B 124 -21.84 -7.28 -10.74
C ARG B 124 -21.37 -5.82 -10.69
C ARG B 124 -21.36 -5.81 -10.68
N ASN B 125 -20.34 -5.45 -11.46
CA ASN B 125 -19.87 -4.06 -11.49
C ASN B 125 -20.87 -3.11 -12.15
N TYR B 126 -21.53 -3.59 -13.19
CA TYR B 126 -22.49 -2.81 -13.98
C TYR B 126 -23.60 -2.19 -13.11
N HIS B 127 -24.02 -2.92 -12.08
CA HIS B 127 -25.07 -2.45 -11.17
C HIS B 127 -24.60 -1.65 -9.96
N GLU B 128 -23.30 -1.40 -9.83
CA GLU B 128 -22.81 -0.57 -8.71
C GLU B 128 -23.32 0.88 -8.79
N LYS B 129 -23.80 1.39 -7.66
CA LYS B 129 -24.26 2.78 -7.54
C LYS B 129 -23.20 3.81 -7.98
N ALA B 130 -21.95 3.52 -7.68
CA ALA B 130 -20.81 4.31 -8.15
C ALA B 130 -20.92 4.75 -9.61
N PHE B 131 -21.39 3.87 -10.50
CA PHE B 131 -21.45 4.20 -11.94
C PHE B 131 -22.48 5.27 -12.26
N THR B 132 -23.56 5.30 -11.49
CA THR B 132 -24.56 6.34 -11.65
C THR B 132 -23.94 7.68 -11.29
N THR B 133 -23.26 7.71 -10.15
CA THR B 133 -22.56 8.90 -9.68
C THR B 133 -21.53 9.38 -10.68
N ILE B 134 -20.72 8.45 -11.19
CA ILE B 134 -19.67 8.78 -12.15
C ILE B 134 -20.27 9.29 -13.45
N MLY B 135 -21.25 8.57 -13.98
CA MLY B 135 -21.90 8.97 -15.22
CB MLY B 135 -22.91 7.92 -15.65
CG MLY B 135 -23.39 8.20 -17.05
CD MLY B 135 -24.11 7.00 -17.63
CE MLY B 135 -24.45 7.31 -19.09
NZ MLY B 135 -25.38 6.29 -19.58
CH1 MLY B 135 -26.72 6.88 -19.72
CH2 MLY B 135 -24.88 5.77 -20.85
C MLY B 135 -22.52 10.36 -15.08
O MLY B 135 -22.38 11.16 -15.97
N ASN B 136 -23.19 10.62 -13.97
CA ASN B 136 -23.77 11.95 -13.71
C ASN B 136 -22.69 13.05 -13.72
N PHE B 137 -21.57 12.77 -13.07
CA PHE B 137 -20.43 13.69 -13.09
C PHE B 137 -19.88 13.97 -14.51
N LEU B 138 -19.78 12.92 -15.33
CA LEU B 138 -19.22 13.05 -16.68
C LEU B 138 -20.20 13.68 -17.66
N ALA B 139 -21.47 13.80 -17.29
CA ALA B 139 -22.51 14.28 -18.20
C ALA B 139 -22.24 15.69 -18.72
N ASP B 140 -21.58 16.54 -17.95
CA ASP B 140 -21.24 17.87 -18.50
C ASP B 140 -19.73 18.07 -18.80
N MLY B 141 -19.03 16.96 -19.03
CA MLY B 141 -17.63 16.99 -19.47
CB MLY B 141 -16.80 16.01 -18.65
CG MLY B 141 -16.86 16.28 -17.15
CD MLY B 141 -16.37 17.68 -16.77
CE MLY B 141 -15.89 17.74 -15.32
NZ MLY B 141 -16.15 19.00 -14.58
CH1 MLY B 141 -15.14 19.23 -13.53
CH2 MLY B 141 -16.39 20.23 -15.38
C MLY B 141 -17.58 16.50 -20.87
O MLY B 141 -18.49 15.82 -21.31
N GLN B 142 -16.51 16.86 -21.58
CA GLN B 142 -16.19 16.26 -22.87
CA GLN B 142 -16.20 16.24 -22.87
C GLN B 142 -15.09 15.24 -22.62
N VAL B 143 -15.40 13.96 -22.83
CA VAL B 143 -14.46 12.86 -22.65
C VAL B 143 -13.45 12.80 -23.80
N LEU B 144 -12.18 12.61 -23.47
CA LEU B 144 -11.10 12.59 -24.46
C LEU B 144 -10.44 11.21 -24.58
N GLY B 145 -10.84 10.28 -23.73
CA GLY B 145 -10.23 8.95 -23.67
C GLY B 145 -10.44 8.32 -22.30
N ALA B 146 -10.03 7.06 -22.19
CA ALA B 146 -10.03 6.37 -20.92
C ALA B 146 -9.07 5.19 -20.97
N ASP B 147 -8.70 4.73 -19.78
CA ASP B 147 -7.82 3.57 -19.64
C ASP B 147 -8.33 2.72 -18.47
N PHE B 148 -8.83 1.53 -18.77
CA PHE B 148 -9.44 0.63 -17.80
C PHE B 148 -8.69 -0.71 -17.81
N ASN B 149 -8.57 -1.33 -16.63
CA ASN B 149 -7.96 -2.64 -16.53
C ASN B 149 -8.62 -3.51 -15.48
N TYR B 150 -8.44 -4.81 -15.64
CA TYR B 150 -8.68 -5.77 -14.57
C TYR B 150 -7.74 -6.96 -14.81
N ALA B 151 -6.73 -7.05 -13.97
CA ALA B 151 -5.73 -8.12 -14.08
C ALA B 151 -5.38 -8.56 -12.66
N LYS B 152 -5.66 -9.82 -12.38
CA LYS B 152 -5.40 -10.44 -11.08
C LYS B 152 -4.75 -11.80 -11.29
N TYR B 153 -3.63 -12.06 -10.60
CA TYR B 153 -2.94 -13.34 -10.72
C TYR B 153 -3.79 -14.42 -10.07
N SER B 154 -4.01 -15.52 -10.78
CA SER B 154 -4.46 -16.74 -10.12
C SER B 154 -3.59 -17.91 -10.55
N SER B 155 -3.31 -18.81 -9.60
CA SER B 155 -2.66 -20.09 -9.91
C SER B 155 -3.66 -21.04 -10.53
N ARG B 172 -19.04 -24.66 -27.01
CA ARG B 172 -17.61 -24.60 -26.69
C ARG B 172 -17.35 -23.77 -25.43
N PHE B 173 -16.48 -24.28 -24.56
CA PHE B 173 -16.18 -23.61 -23.30
C PHE B 173 -15.37 -22.33 -23.48
N ALA B 174 -15.96 -21.20 -23.11
CA ALA B 174 -15.29 -19.90 -23.20
C ALA B 174 -14.49 -19.60 -21.93
N GLY B 175 -13.25 -19.19 -22.11
CA GLY B 175 -12.37 -18.84 -21.00
C GLY B 175 -11.24 -17.93 -21.48
N GLY B 176 -10.28 -17.69 -20.60
CA GLY B 176 -9.17 -16.78 -20.89
C GLY B 176 -9.35 -15.45 -20.17
N ALA B 177 -8.31 -14.62 -20.22
CA ALA B 177 -8.31 -13.35 -19.50
C ALA B 177 -9.43 -12.42 -19.98
N LEU B 178 -9.57 -12.30 -21.29
CA LEU B 178 -10.55 -11.40 -21.88
C LEU B 178 -11.96 -11.76 -21.41
N MSE B 179 -12.34 -13.03 -21.57
CA MSE B 179 -13.69 -13.49 -21.25
C MSE B 179 -13.96 -13.47 -19.76
O MSE B 179 -15.07 -13.10 -19.35
CB MSE B 179 -13.94 -14.90 -21.74
CG MSE B 179 -13.97 -14.98 -23.26
SE MSE B 179 -15.52 -14.04 -24.01
CE MSE B 179 -16.90 -15.33 -23.48
N ASP B 180 -12.97 -13.85 -18.96
CA ASP B 180 -13.18 -13.98 -17.52
C ASP B 180 -12.94 -12.70 -16.71
N LEU B 181 -11.97 -11.88 -17.11
CA LEU B 181 -11.65 -10.63 -16.40
C LEU B 181 -11.86 -9.36 -17.23
N GLY B 182 -11.53 -9.43 -18.52
CA GLY B 182 -11.72 -8.30 -19.43
C GLY B 182 -13.17 -7.87 -19.55
N ILE B 183 -14.08 -8.78 -19.27
CA ILE B 183 -15.49 -8.48 -19.28
C ILE B 183 -15.84 -7.33 -18.33
N TYR B 184 -15.11 -7.22 -17.20
CA TYR B 184 -15.36 -6.14 -16.25
C TYR B 184 -15.08 -4.73 -16.82
N PRO B 185 -13.85 -4.49 -17.32
CA PRO B 185 -13.61 -3.19 -17.95
C PRO B 185 -14.51 -2.91 -19.18
N LEU B 186 -14.83 -3.94 -19.96
CA LEU B 186 -15.80 -3.78 -21.05
C LEU B 186 -17.17 -3.30 -20.56
N TYR B 187 -17.67 -3.94 -19.50
CA TYR B 187 -18.94 -3.52 -18.93
C TYR B 187 -18.87 -2.10 -18.37
N ALA B 188 -17.72 -1.74 -17.82
CA ALA B 188 -17.54 -0.38 -17.30
C ALA B 188 -17.60 0.63 -18.44
N ALA B 189 -16.92 0.33 -19.54
CA ALA B 189 -16.92 1.23 -20.70
C ALA B 189 -18.31 1.37 -21.29
N VAL B 190 -19.01 0.25 -21.46
CA VAL B 190 -20.35 0.30 -22.01
C VAL B 190 -21.31 1.05 -21.07
N ARG B 191 -21.22 0.79 -19.77
CA ARG B 191 -22.03 1.50 -18.79
C ARG B 191 -21.87 3.04 -18.89
N LEU B 192 -20.63 3.50 -19.06
CA LEU B 192 -20.37 4.93 -19.08
C LEU B 192 -20.46 5.58 -20.45
N PHE B 193 -20.02 4.86 -21.48
CA PHE B 193 -19.85 5.44 -22.81
C PHE B 193 -20.76 4.87 -23.88
N GLY B 194 -21.45 3.78 -23.55
CA GLY B 194 -22.30 3.10 -24.49
C GLY B 194 -21.49 2.24 -25.45
N LYS B 195 -22.11 1.89 -26.57
CA LYS B 195 -21.52 0.97 -27.52
C LYS B 195 -20.41 1.64 -28.33
N ALA B 196 -19.28 0.97 -28.44
CA ALA B 196 -18.16 1.45 -29.26
C ALA B 196 -18.40 1.13 -30.73
N ASN B 197 -17.79 1.92 -31.61
CA ASN B 197 -17.87 1.67 -33.06
C ASN B 197 -17.15 0.39 -33.47
N ASP B 198 -16.07 0.06 -32.77
CA ASP B 198 -15.20 -1.02 -33.16
C ASP B 198 -14.28 -1.32 -31.99
N ALA B 199 -13.51 -2.40 -32.11
CA ALA B 199 -12.57 -2.77 -31.06
C ALA B 199 -11.50 -3.68 -31.60
N THR B 200 -10.37 -3.70 -30.90
CA THR B 200 -9.27 -4.61 -31.22
C THR B 200 -8.66 -5.14 -29.93
N TYR B 201 -7.98 -6.27 -30.01
CA TYR B 201 -7.34 -6.88 -28.86
C TYR B 201 -6.18 -7.77 -29.33
N HIS B 202 -5.09 -7.71 -28.60
CA HIS B 202 -3.92 -8.55 -28.86
C HIS B 202 -3.47 -9.14 -27.54
N ALA B 203 -3.27 -10.46 -27.54
CA ALA B 203 -3.06 -11.19 -26.32
C ALA B 203 -1.80 -11.99 -26.38
N GLN B 204 -1.24 -12.24 -25.20
CA GLN B 204 -0.23 -13.28 -25.03
C GLN B 204 -0.98 -14.57 -24.75
N GLN B 205 -0.75 -15.55 -25.60
CA GLN B 205 -1.57 -16.74 -25.68
C GLN B 205 -0.81 -18.04 -25.43
N LEU B 206 -1.55 -18.99 -24.89
CA LEU B 206 -1.12 -20.37 -24.85
C LEU B 206 -1.19 -20.99 -26.26
N ASP B 207 -0.60 -22.17 -26.41
CA ASP B 207 -0.61 -22.88 -27.70
C ASP B 207 -2.02 -23.17 -28.23
N ASN B 208 -2.98 -23.38 -27.33
CA ASN B 208 -4.39 -23.53 -27.73
C ASN B 208 -5.11 -22.20 -28.03
N SER B 209 -4.35 -21.11 -28.05
CA SER B 209 -4.85 -19.75 -28.35
C SER B 209 -5.57 -19.04 -27.19
N ILE B 210 -5.74 -19.71 -26.04
CA ILE B 210 -6.32 -19.04 -24.87
C ILE B 210 -5.37 -17.95 -24.37
N ASP B 211 -5.91 -16.79 -24.00
CA ASP B 211 -5.11 -15.62 -23.60
C ASP B 211 -4.82 -15.59 -22.09
N LEU B 212 -3.56 -15.42 -21.75
CA LEU B 212 -3.12 -15.21 -20.36
C LEU B 212 -3.32 -13.75 -19.95
N ASN B 213 -3.04 -12.85 -20.89
CA ASN B 213 -3.27 -11.42 -20.70
C ASN B 213 -3.29 -10.75 -22.06
N GLY B 214 -3.79 -9.53 -22.13
CA GLY B 214 -3.84 -8.82 -23.39
C GLY B 214 -4.20 -7.36 -23.22
N ASP B 215 -4.05 -6.63 -24.32
CA ASP B 215 -4.35 -5.22 -24.37
C ASP B 215 -5.22 -4.99 -25.58
N GLY B 216 -6.25 -4.18 -25.38
CA GLY B 216 -7.20 -3.86 -26.42
C GLY B 216 -7.55 -2.39 -26.40
N ILE B 217 -8.29 -1.99 -27.44
CA ILE B 217 -8.76 -0.63 -27.60
C ILE B 217 -10.22 -0.67 -28.06
N LEU B 218 -11.06 0.13 -27.40
CA LEU B 218 -12.40 0.40 -27.87
C LEU B 218 -12.41 1.75 -28.59
N PHE B 219 -12.90 1.75 -29.83
CA PHE B 219 -12.92 2.94 -30.66
C PHE B 219 -14.28 3.62 -30.64
N TYR B 220 -14.31 4.85 -30.13
CA TYR B 220 -15.51 5.67 -30.10
C TYR B 220 -15.31 6.80 -31.11
N PRO B 221 -16.38 7.53 -31.47
CA PRO B 221 -16.26 8.51 -32.55
C PRO B 221 -15.13 9.52 -32.35
N ASP B 222 -14.98 10.01 -31.13
CA ASP B 222 -14.04 11.08 -30.82
C ASP B 222 -12.94 10.71 -29.81
N TYR B 223 -12.85 9.45 -29.41
CA TYR B 223 -11.83 9.02 -28.46
C TYR B 223 -11.72 7.52 -28.44
N GLN B 224 -10.68 7.01 -27.76
CA GLN B 224 -10.49 5.58 -27.61
C GLN B 224 -10.28 5.19 -26.14
N VAL B 225 -10.57 3.94 -25.82
CA VAL B 225 -10.48 3.43 -24.45
C VAL B 225 -9.58 2.22 -24.47
N HIS B 226 -8.46 2.31 -23.75
CA HIS B 226 -7.57 1.16 -23.59
C HIS B 226 -8.14 0.21 -22.54
N ILE B 227 -8.10 -1.09 -22.87
CA ILE B 227 -8.55 -2.16 -22.00
C ILE B 227 -7.39 -3.15 -21.78
N LYS B 228 -7.10 -3.45 -20.52
CA LYS B 228 -6.12 -4.50 -20.20
C LYS B 228 -6.78 -5.58 -19.36
N ALA B 229 -6.55 -6.83 -19.71
CA ALA B 229 -7.01 -7.97 -18.94
C ALA B 229 -5.84 -8.92 -18.71
N GLY B 230 -5.87 -9.62 -17.58
CA GLY B 230 -4.79 -10.54 -17.23
C GLY B 230 -5.16 -11.52 -16.14
N LYS B 231 -4.70 -12.77 -16.27
CA LYS B 231 -4.87 -13.81 -15.24
C LYS B 231 -3.55 -14.37 -14.71
N ASN B 232 -2.44 -14.11 -15.42
CA ASN B 232 -1.13 -14.54 -14.94
C ASN B 232 -0.32 -13.39 -14.33
N ILE B 233 -0.92 -12.20 -14.29
CA ILE B 233 -0.29 -10.98 -13.80
C ILE B 233 -1.27 -10.18 -12.95
N THR B 234 -0.75 -9.35 -12.05
CA THR B 234 -1.57 -8.47 -11.25
C THR B 234 -1.25 -7.03 -11.56
N SER B 235 -2.28 -6.27 -11.94
CA SER B 235 -2.17 -4.83 -12.08
C SER B 235 -2.91 -4.17 -10.94
N ASN B 236 -2.27 -3.17 -10.34
CA ASN B 236 -2.93 -2.25 -9.41
C ASN B 236 -3.11 -0.86 -10.03
N LEU B 237 -3.02 -0.75 -11.35
CA LEU B 237 -3.18 0.56 -11.98
C LEU B 237 -4.59 1.10 -11.75
N PRO B 238 -4.70 2.39 -11.41
CA PRO B 238 -6.03 2.99 -11.39
C PRO B 238 -6.64 3.03 -12.78
N CYS B 239 -7.93 3.27 -12.84
CA CYS B 239 -8.60 3.45 -14.12
C CYS B 239 -8.88 4.95 -14.30
N GLU B 240 -8.57 5.49 -15.46
CA GLU B 240 -8.66 6.93 -15.71
C GLU B 240 -9.66 7.22 -16.83
N ILE B 241 -10.40 8.31 -16.67
CA ILE B 241 -11.20 8.86 -17.74
C ILE B 241 -10.71 10.29 -17.97
N TYR B 242 -10.24 10.57 -19.18
CA TYR B 242 -9.68 11.88 -19.53
C TYR B 242 -10.77 12.81 -20.06
N THR B 243 -10.77 14.04 -19.60
CA THR B 243 -11.71 15.04 -20.10
C THR B 243 -10.92 16.27 -20.53
N THR B 244 -11.58 17.21 -21.19
CA THR B 244 -10.86 18.38 -21.67
C THR B 244 -10.28 19.19 -20.52
N ASP B 245 -10.92 19.13 -19.35
CA ASP B 245 -10.46 19.89 -18.19
C ASP B 245 -9.68 19.12 -17.11
N GLY B 246 -9.45 17.83 -17.29
CA GLY B 246 -8.66 17.06 -16.33
C GLY B 246 -8.86 15.56 -16.46
N THR B 247 -8.67 14.86 -15.35
CA THR B 247 -8.69 13.40 -15.32
C THR B 247 -9.48 12.90 -14.13
N LEU B 248 -10.42 12.00 -14.39
CA LEU B 248 -11.17 11.33 -13.34
C LEU B 248 -10.51 9.98 -13.08
N THR B 249 -10.11 9.76 -11.85
CA THR B 249 -9.41 8.55 -11.47
C THR B 249 -10.27 7.69 -10.57
N LEU B 250 -10.50 6.45 -11.02
CA LEU B 250 -11.21 5.45 -10.25
C LEU B 250 -10.17 4.44 -9.76
N ASN B 251 -10.27 4.02 -8.51
CA ASN B 251 -9.30 3.07 -8.00
C ASN B 251 -9.38 1.74 -8.76
N THR B 252 -10.60 1.33 -9.13
CA THR B 252 -10.87 0.13 -9.94
C THR B 252 -12.12 0.44 -10.75
N ILE B 253 -12.52 -0.49 -11.63
CA ILE B 253 -13.83 -0.42 -12.28
C ILE B 253 -14.74 -1.58 -11.84
N GLU B 254 -14.37 -2.21 -10.74
CA GLU B 254 -15.19 -3.22 -10.12
C GLU B 254 -15.02 -3.09 -8.62
N HIS B 255 -16.13 -3.18 -7.89
CA HIS B 255 -16.17 -2.92 -6.45
C HIS B 255 -15.54 -1.56 -6.13
N ILE B 256 -15.94 -0.55 -6.89
CA ILE B 256 -15.28 0.76 -6.90
C ILE B 256 -15.35 1.37 -5.50
N ARG B 257 -14.20 1.86 -5.03
CA ARG B 257 -14.07 2.43 -3.70
C ARG B 257 -13.96 3.95 -3.73
N SER B 258 -13.36 4.50 -4.78
CA SER B 258 -13.15 5.94 -4.86
C SER B 258 -13.10 6.48 -6.29
N ALA B 259 -13.51 7.75 -6.43
CA ALA B 259 -13.50 8.45 -7.70
C ALA B 259 -13.13 9.88 -7.42
N ILE B 260 -11.96 10.30 -7.92
CA ILE B 260 -11.45 11.63 -7.68
C ILE B 260 -11.04 12.30 -8.99
N PHE B 261 -11.57 13.49 -9.20
CA PHE B 261 -11.25 14.28 -10.39
C PHE B 261 -10.13 15.27 -10.08
N THR B 262 -9.13 15.36 -10.96
CA THR B 262 -8.03 16.31 -10.83
C THR B 262 -7.99 17.22 -12.05
N ASP B 263 -8.04 18.52 -11.84
CA ASP B 263 -8.02 19.45 -12.98
C ASP B 263 -6.59 19.77 -13.41
N HIS B 264 -6.41 20.64 -14.41
CA HIS B 264 -5.06 20.89 -14.92
C HIS B 264 -4.18 21.69 -13.95
N GLN B 265 -4.79 22.32 -12.94
CA GLN B 265 -4.03 23.06 -11.94
C GLN B 265 -3.72 22.19 -10.70
N GLY B 266 -4.09 20.91 -10.75
CA GLY B 266 -3.87 20.00 -9.63
C GLY B 266 -4.97 19.97 -8.56
N ASN B 267 -5.99 20.83 -8.70
CA ASN B 267 -7.08 20.83 -7.72
C ASN B 267 -8.00 19.63 -7.96
N GLN B 268 -8.54 19.11 -6.86
CA GLN B 268 -9.29 17.88 -6.89
C GLN B 268 -10.72 18.05 -6.44
N VAL B 269 -11.59 17.24 -7.04
CA VAL B 269 -12.97 17.07 -6.62
C VAL B 269 -13.21 15.57 -6.40
N GLN B 270 -13.52 15.20 -5.17
CA GLN B 270 -13.83 13.83 -4.82
C GLN B 270 -15.34 13.60 -4.92
N LEU B 271 -15.71 12.54 -5.64
CA LEU B 271 -17.11 12.15 -5.79
C LEU B 271 -17.52 11.24 -4.63
N PRO B 272 -18.78 11.30 -4.20
CA PRO B 272 -19.21 10.40 -3.12
C PRO B 272 -19.37 8.95 -3.61
N ILE B 273 -18.52 8.05 -3.12
CA ILE B 273 -18.58 6.65 -3.50
C ILE B 273 -18.61 5.88 -2.21
N GLN B 274 -19.53 4.92 -2.10
CA GLN B 274 -19.52 4.00 -0.98
C GLN B 274 -19.65 2.59 -1.51
N GLN B 275 -18.57 1.83 -1.49
CA GLN B 275 -18.65 0.45 -1.97
C GLN B 275 -19.56 -0.35 -1.04
N ALA B 276 -20.31 -1.28 -1.60
CA ALA B 276 -21.26 -2.06 -0.83
C ALA B 276 -20.53 -3.12 0.02
N PRO B 277 -21.23 -3.75 0.96
CA PRO B 277 -20.51 -4.69 1.81
C PRO B 277 -19.90 -5.87 1.06
N HIS B 278 -20.55 -6.31 -0.01
CA HIS B 278 -20.05 -7.42 -0.81
C HIS B 278 -20.17 -7.10 -2.28
N THR B 279 -19.40 -7.82 -3.10
CA THR B 279 -19.29 -7.48 -4.52
C THR B 279 -20.60 -7.71 -5.27
N MSE B 280 -21.47 -8.59 -4.77
CA MSE B 280 -22.72 -8.96 -5.49
C MSE B 280 -23.95 -8.31 -4.91
O MSE B 280 -25.03 -8.44 -5.46
CB MSE B 280 -22.92 -10.49 -5.47
CG MSE B 280 -21.78 -11.21 -6.18
SE MSE B 280 -21.94 -13.16 -6.00
CE MSE B 280 -22.14 -13.57 -7.91
N THR B 281 -23.80 -7.62 -3.79
CA THR B 281 -24.92 -6.96 -3.11
C THR B 281 -25.79 -6.17 -4.07
N GLU B 282 -25.16 -5.28 -4.85
CA GLU B 282 -25.92 -4.35 -5.66
C GLU B 282 -26.68 -5.06 -6.80
N GLU B 283 -26.05 -6.01 -7.51
CA GLU B 283 -26.78 -6.71 -8.58
C GLU B 283 -27.95 -7.51 -8.02
N VAL B 284 -27.75 -8.17 -6.89
CA VAL B 284 -28.77 -9.02 -6.29
C VAL B 284 -30.01 -8.19 -5.92
N ALA B 285 -29.76 -6.99 -5.40
CA ALA B 285 -30.83 -6.04 -5.12
C ALA B 285 -31.53 -5.60 -6.40
N ALA B 286 -30.76 -5.33 -7.45
CA ALA B 286 -31.32 -4.80 -8.70
C ALA B 286 -32.23 -5.82 -9.38
N PHE B 287 -31.81 -7.09 -9.39
CA PHE B 287 -32.61 -8.15 -10.01
C PHE B 287 -33.95 -8.37 -9.31
N ALA B 288 -33.93 -8.40 -7.98
CA ALA B 288 -35.17 -8.54 -7.20
C ALA B 288 -36.13 -7.36 -7.40
N HIS B 289 -35.60 -6.15 -7.38
CA HIS B 289 -36.42 -4.97 -7.57
C HIS B 289 -37.04 -4.93 -8.98
N MSE B 290 -36.29 -5.36 -9.99
CA MSE B 290 -36.81 -5.47 -11.37
C MSE B 290 -37.97 -6.44 -11.49
O MSE B 290 -38.97 -6.13 -12.14
CB MSE B 290 -35.67 -5.84 -12.32
CG MSE B 290 -36.12 -6.06 -13.76
SE MSE B 290 -36.81 -4.43 -14.60
CE MSE B 290 -35.19 -3.31 -14.58
N ILE B 291 -37.84 -7.62 -10.90
CA ILE B 291 -38.93 -8.62 -10.93
C ILE B 291 -40.14 -8.14 -10.12
N GLN B 292 -39.90 -7.53 -8.98
CA GLN B 292 -40.99 -7.09 -8.08
C GLN B 292 -41.65 -5.78 -8.53
N GLN B 293 -40.86 -4.85 -9.06
CA GLN B 293 -41.38 -3.56 -9.53
C GLN B 293 -40.74 -3.16 -10.85
N PRO B 294 -41.19 -3.81 -11.93
CA PRO B 294 -40.60 -3.66 -13.26
C PRO B 294 -40.51 -2.24 -13.78
N ASP B 295 -39.29 -1.86 -14.14
CA ASP B 295 -39.05 -0.71 -14.98
C ASP B 295 -38.56 -1.25 -16.33
N LEU B 296 -39.51 -1.40 -17.27
CA LEU B 296 -39.23 -2.09 -18.52
C LEU B 296 -38.26 -1.33 -19.42
N ASN B 297 -38.27 0.00 -19.34
CA ASN B 297 -37.29 0.78 -20.10
C ASN B 297 -35.87 0.53 -19.61
N LEU B 298 -35.71 0.40 -18.29
CA LEU B 298 -34.40 0.12 -17.69
C LEU B 298 -33.94 -1.29 -18.06
N TYR B 299 -34.87 -2.25 -18.01
CA TYR B 299 -34.61 -3.62 -18.42
C TYR B 299 -34.08 -3.68 -19.85
N GLN B 300 -34.71 -2.94 -20.74
CA GLN B 300 -34.25 -2.91 -22.12
C GLN B 300 -32.83 -2.36 -22.27
N THR B 301 -32.45 -1.38 -21.45
CA THR B 301 -31.07 -0.89 -21.47
C THR B 301 -30.09 -1.94 -20.96
N TRP B 302 -30.49 -2.72 -19.94
CA TRP B 302 -29.65 -3.81 -19.46
C TRP B 302 -29.42 -4.84 -20.56
N LEU B 303 -30.49 -5.18 -21.27
CA LEU B 303 -30.39 -6.12 -22.39
C LEU B 303 -29.48 -5.60 -23.48
N TYR B 304 -29.62 -4.31 -23.82
CA TYR B 304 -28.89 -3.73 -24.94
C TYR B 304 -27.42 -3.65 -24.59
N ASP B 305 -27.15 -3.22 -23.37
CA ASP B 305 -25.77 -3.10 -22.90
C ASP B 305 -25.05 -4.44 -22.83
N ALA B 306 -25.73 -5.48 -22.34
CA ALA B 306 -25.13 -6.82 -22.38
C ALA B 306 -24.81 -7.22 -23.83
N GLY B 307 -25.75 -6.95 -24.73
CA GLY B 307 -25.52 -7.19 -26.16
C GLY B 307 -24.26 -6.48 -26.67
N SER B 308 -24.10 -5.21 -26.27
CA SER B 308 -22.94 -4.43 -26.66
C SER B 308 -21.65 -5.07 -26.16
N VAL B 309 -21.65 -5.53 -24.92
CA VAL B 309 -20.47 -6.17 -24.34
C VAL B 309 -20.12 -7.45 -25.09
N HIS B 310 -21.10 -8.29 -25.37
CA HIS B 310 -20.83 -9.55 -26.07
C HIS B 310 -20.44 -9.36 -27.54
N GLU B 311 -20.97 -8.34 -28.18
CA GLU B 311 -20.50 -7.95 -29.52
C GLU B 311 -19.03 -7.56 -29.49
N LEU B 312 -18.62 -6.74 -28.51
CA LEU B 312 -17.21 -6.32 -28.40
C LEU B 312 -16.29 -7.47 -28.03
N LEU B 313 -16.73 -8.33 -27.11
CA LEU B 313 -15.94 -9.52 -26.75
C LEU B 313 -15.68 -10.39 -27.99
N TYR B 314 -16.72 -10.57 -28.79
CA TYR B 314 -16.66 -11.40 -29.97
C TYR B 314 -15.71 -10.82 -31.02
N THR B 315 -15.77 -9.52 -31.23
CA THR B 315 -14.85 -8.83 -32.15
C THR B 315 -13.41 -8.94 -31.65
N MSE B 316 -13.20 -8.76 -30.35
CA MSE B 316 -11.86 -8.81 -29.77
C MSE B 316 -11.24 -10.18 -29.86
O MSE B 316 -10.05 -10.29 -30.15
CB MSE B 316 -11.94 -8.29 -28.34
CG MSE B 316 -12.16 -6.77 -28.37
SE MSE B 316 -12.70 -6.08 -26.59
CE MSE B 316 -10.90 -5.59 -25.96
N ARG B 317 -12.02 -11.23 -29.64
CA ARG B 317 -11.53 -12.59 -29.82
C ARG B 317 -11.09 -12.84 -31.26
N GLN B 318 -11.86 -12.32 -32.22
CA GLN B 318 -11.48 -12.42 -33.64
C GLN B 318 -10.14 -11.75 -33.94
N THR B 319 -9.97 -10.51 -33.49
CA THR B 319 -8.71 -9.78 -33.76
C THR B 319 -7.50 -10.40 -33.05
N ALA B 320 -7.71 -11.06 -31.91
CA ALA B 320 -6.62 -11.69 -31.17
C ALA B 320 -6.34 -13.13 -31.59
N GLY B 321 -7.25 -13.73 -32.36
CA GLY B 321 -7.15 -15.13 -32.73
C GLY B 321 -7.39 -16.07 -31.56
N ILE B 322 -8.38 -15.76 -30.73
CA ILE B 322 -8.75 -16.59 -29.59
C ILE B 322 -9.93 -17.48 -30.02
N ARG B 323 -9.67 -18.78 -30.11
CA ARG B 323 -10.69 -19.78 -30.52
C ARG B 323 -10.85 -20.78 -29.39
N PHE B 324 -12.08 -21.17 -29.09
CA PHE B 324 -12.33 -22.12 -27.99
C PHE B 324 -12.32 -23.56 -28.50
N MSE C 4 33.74 28.36 5.39
CA MSE C 4 34.05 26.93 5.72
C MSE C 4 34.35 26.80 7.19
O MSE C 4 35.30 27.41 7.70
CB MSE C 4 35.25 26.45 4.91
CG MSE C 4 35.38 24.93 4.95
SE MSE C 4 34.80 24.16 3.24
CE MSE C 4 36.29 24.79 2.12
N LEU C 5 33.55 25.99 7.89
CA LEU C 5 33.70 25.81 9.34
C LEU C 5 34.83 24.84 9.64
N LYS C 6 35.76 25.27 10.48
CA LYS C 6 36.84 24.38 10.89
C LYS C 6 36.34 23.54 12.04
N LEU C 7 36.54 22.23 11.90
CA LEU C 7 35.93 21.24 12.76
C LEU C 7 36.94 20.48 13.59
N GLY C 8 36.71 20.43 14.90
CA GLY C 8 37.44 19.57 15.80
C GLY C 8 36.58 18.39 16.21
N VAL C 9 37.21 17.25 16.47
CA VAL C 9 36.47 16.03 16.79
C VAL C 9 37.00 15.39 18.07
N ILE C 10 36.06 15.08 18.97
CA ILE C 10 36.32 14.24 20.14
C ILE C 10 35.52 12.95 19.99
N GLY C 11 36.17 11.82 20.25
CA GLY C 11 35.54 10.51 20.15
C GLY C 11 36.02 9.83 18.89
N THR C 12 36.56 8.62 19.04
CA THR C 12 37.16 7.88 17.93
C THR C 12 36.36 6.63 17.53
N GLY C 13 35.06 6.65 17.78
CA GLY C 13 34.17 5.57 17.33
C GLY C 13 33.87 5.69 15.84
N ALA C 14 33.25 4.65 15.29
CA ALA C 14 32.84 4.63 13.89
C ALA C 14 31.85 5.75 13.58
N ILE C 15 31.08 6.16 14.57
CA ILE C 15 30.12 7.24 14.39
C ILE C 15 30.81 8.56 14.07
N SER C 16 31.99 8.79 14.65
CA SER C 16 32.76 9.98 14.31
C SER C 16 33.21 9.98 12.84
N HIS C 17 33.61 8.83 12.30
CA HIS C 17 33.92 8.73 10.86
C HIS C 17 32.70 9.12 10.02
N HIS C 18 31.54 8.55 10.34
CA HIS C 18 30.32 8.85 9.59
C HIS C 18 29.94 10.35 9.67
N PHE C 19 30.14 10.99 10.82
CA PHE C 19 29.88 12.44 10.92
C PHE C 19 30.84 13.24 10.03
N ILE C 20 32.13 12.91 10.10
CA ILE C 20 33.15 13.57 9.27
C ILE C 20 32.81 13.42 7.79
N GLU C 21 32.46 12.20 7.39
CA GLU C 21 32.05 11.93 5.99
C GLU C 21 30.90 12.85 5.57
N ALA C 22 29.88 12.96 6.41
CA ALA C 22 28.75 13.84 6.11
C ALA C 22 29.13 15.32 6.12
N ALA C 23 29.94 15.73 7.10
CA ALA C 23 30.43 17.10 7.18
C ALA C 23 31.24 17.50 5.94
N HIS C 24 32.12 16.61 5.47
CA HIS C 24 32.87 16.88 4.25
C HIS C 24 31.92 16.97 3.05
N THR C 25 31.04 15.99 2.91
CA THR C 25 30.13 15.89 1.75
C THR C 25 29.21 17.12 1.63
N SER C 26 28.85 17.74 2.75
CA SER C 26 28.03 18.95 2.74
C SER C 26 28.75 20.14 2.13
N GLY C 27 30.08 20.07 2.08
CA GLY C 27 30.90 21.13 1.51
C GLY C 27 30.98 22.34 2.42
N GLU C 28 30.54 22.19 3.67
CA GLU C 28 30.47 23.31 4.60
C GLU C 28 31.48 23.22 5.75
N TYR C 29 32.14 22.08 5.91
CA TYR C 29 33.09 21.89 7.02
C TYR C 29 34.46 21.46 6.53
N GLN C 30 35.49 21.79 7.30
CA GLN C 30 36.83 21.28 7.08
C GLN C 30 37.35 20.71 8.40
N LEU C 31 37.61 19.40 8.43
CA LEU C 31 38.19 18.76 9.62
C LEU C 31 39.63 19.25 9.79
N VAL C 32 40.00 19.65 11.00
CA VAL C 32 41.37 20.14 11.29
C VAL C 32 42.05 19.52 12.52
N ALA C 33 41.27 18.97 13.44
CA ALA C 33 41.80 18.59 14.75
C ALA C 33 41.08 17.38 15.33
N ILE C 34 41.84 16.46 15.92
CA ILE C 34 41.28 15.31 16.61
C ILE C 34 41.94 15.15 17.96
N TYR C 35 41.12 14.94 18.99
CA TYR C 35 41.60 14.72 20.34
C TYR C 35 41.31 13.30 20.81
N SER C 36 42.29 12.71 21.52
CA SER C 36 42.13 11.46 22.27
C SER C 36 43.12 11.47 23.46
N ARG C 37 42.81 10.78 24.55
CA ARG C 37 43.73 10.76 25.70
C ARG C 37 45.01 9.97 25.40
N LYS C 38 44.91 8.95 24.56
CA LYS C 38 46.05 8.22 24.06
C LYS C 38 46.34 8.71 22.64
N LEU C 39 47.45 9.43 22.47
CA LEU C 39 47.83 9.96 21.17
C LEU C 39 47.76 8.93 20.03
N GLU C 40 48.12 7.67 20.33
CA GLU C 40 48.11 6.62 19.30
C GLU C 40 46.70 6.34 18.78
N THR C 41 45.71 6.41 19.67
CA THR C 41 44.30 6.15 19.29
C THR C 41 43.84 7.21 18.29
N ALA C 42 44.22 8.46 18.55
CA ALA C 42 43.94 9.58 17.63
C ALA C 42 44.65 9.42 16.29
N ALA C 43 45.90 8.95 16.32
CA ALA C 43 46.68 8.75 15.10
C ALA C 43 46.10 7.63 14.25
N THR C 44 45.69 6.52 14.90
CA THR C 44 45.05 5.41 14.17
C THR C 44 43.73 5.88 13.56
N PHE C 45 42.90 6.53 14.36
CA PHE C 45 41.65 7.11 13.88
C PHE C 45 41.88 8.04 12.67
N ALA C 46 42.86 8.93 12.79
CA ALA C 46 43.05 10.01 11.81
C ALA C 46 43.85 9.61 10.56
N SER C 47 44.40 8.40 10.54
CA SER C 47 45.34 8.00 9.49
C SER C 47 44.74 8.13 8.09
N ARG C 48 43.46 7.78 7.95
CA ARG C 48 42.79 7.85 6.63
C ARG C 48 42.60 9.26 6.09
N TYR C 49 42.82 10.27 6.93
CA TYR C 49 42.65 11.67 6.53
C TYR C 49 44.01 12.31 6.29
N GLN C 50 43.99 13.54 5.76
CA GLN C 50 45.21 14.25 5.34
C GLN C 50 45.62 15.35 6.31
N ASN C 51 46.75 15.15 7.00
CA ASN C 51 47.37 16.22 7.78
C ASN C 51 46.49 16.83 8.88
N ILE C 52 45.68 15.98 9.50
CA ILE C 52 44.84 16.40 10.61
C ILE C 52 45.70 16.45 11.86
N GLN C 53 45.64 17.59 12.56
CA GLN C 53 46.46 17.78 13.76
C GLN C 53 45.86 17.04 14.95
N LEU C 54 46.75 16.42 15.72
CA LEU C 54 46.37 15.59 16.84
C LEU C 54 46.67 16.28 18.15
N PHE C 55 45.81 16.03 19.13
CA PHE C 55 45.96 16.59 20.47
C PHE C 55 45.64 15.52 21.48
N ASP C 56 46.41 15.48 22.57
CA ASP C 56 46.07 14.65 23.72
C ASP C 56 45.90 15.46 24.99
N GLN C 57 45.78 16.78 24.85
CA GLN C 57 45.54 17.68 25.98
C GLN C 57 44.32 18.52 25.65
N LEU C 58 43.25 18.35 26.42
CA LEU C 58 42.00 19.06 26.20
C LEU C 58 42.21 20.57 26.15
N GLU C 59 43.04 21.08 27.05
CA GLU C 59 43.30 22.52 27.14
C GLU C 59 44.03 23.06 25.91
N VAL C 60 44.92 22.28 25.32
CA VAL C 60 45.64 22.68 24.10
C VAL C 60 44.71 22.57 22.89
N PHE C 61 43.98 21.48 22.82
CA PHE C 61 42.93 21.24 21.79
C PHE C 61 42.02 22.48 21.67
N PHE C 62 41.45 22.90 22.80
CA PHE C 62 40.52 24.02 22.79
C PHE C 62 41.17 25.41 22.57
N LYS C 63 42.50 25.51 22.67
CA LYS C 63 43.20 26.75 22.27
C LYS C 63 43.44 26.84 20.75
N SER C 64 43.24 25.74 20.03
CA SER C 64 43.34 25.75 18.55
C SER C 64 42.33 26.68 17.93
N SER C 65 42.50 26.91 16.63
CA SER C 65 41.71 27.91 15.90
C SER C 65 40.43 27.39 15.24
N PHE C 66 40.05 26.13 15.51
CA PHE C 66 38.79 25.60 14.94
C PHE C 66 37.55 26.31 15.49
N ASP C 67 36.46 26.26 14.74
CA ASP C 67 35.23 26.98 15.05
C ASP C 67 34.25 26.17 15.92
N LEU C 68 34.24 24.85 15.75
CA LEU C 68 33.30 24.01 16.48
C LEU C 68 33.80 22.59 16.63
N VAL C 69 33.33 21.95 17.70
CA VAL C 69 33.74 20.60 18.03
C VAL C 69 32.53 19.65 18.01
N TYR C 70 32.71 18.48 17.40
CA TYR C 70 31.74 17.38 17.45
C TYR C 70 32.22 16.46 18.55
N ILE C 71 31.36 16.19 19.51
CA ILE C 71 31.71 15.37 20.66
C ILE C 71 30.90 14.08 20.67
N ALA C 72 31.60 12.97 20.45
CA ALA C 72 31.01 11.63 20.48
C ALA C 72 31.80 10.68 21.39
N SER C 73 32.22 11.19 22.53
CA SER C 73 32.87 10.38 23.56
C SER C 73 31.78 9.71 24.40
N PRO C 74 32.16 8.83 25.34
CA PRO C 74 31.12 8.26 26.22
C PRO C 74 30.35 9.32 27.01
N ASN C 75 29.07 9.04 27.31
CA ASN C 75 28.13 10.03 27.90
C ASN C 75 28.64 10.75 29.16
N SER C 76 29.33 10.02 30.02
CA SER C 76 29.87 10.58 31.26
C SER C 76 30.85 11.75 31.05
N LEU C 77 31.50 11.78 29.89
CA LEU C 77 32.48 12.82 29.57
C LEU C 77 31.90 14.02 28.83
N HIS C 78 30.68 13.90 28.30
CA HIS C 78 30.09 14.97 27.49
C HIS C 78 30.02 16.32 28.20
N PHE C 79 29.56 16.30 29.44
CA PHE C 79 29.27 17.55 30.14
C PHE C 79 30.54 18.37 30.43
N ALA C 80 31.57 17.71 30.94
CA ALA C 80 32.84 18.39 31.19
C ALA C 80 33.48 18.88 29.89
N GLN C 81 33.52 18.02 28.89
CA GLN C 81 34.14 18.35 27.60
C GLN C 81 33.38 19.47 26.91
N ALA C 82 32.06 19.37 26.88
CA ALA C 82 31.24 20.41 26.25
C ALA C 82 31.34 21.73 27.02
N LYS C 83 31.27 21.68 28.35
CA LYS C 83 31.42 22.89 29.15
C LYS C 83 32.78 23.54 28.91
N ALA C 84 33.83 22.73 28.88
CA ALA C 84 35.17 23.21 28.52
C ALA C 84 35.20 23.83 27.12
N ALA C 85 34.56 23.17 26.16
CA ALA C 85 34.52 23.68 24.80
C ALA C 85 33.86 25.06 24.70
N LEU C 86 32.71 25.21 25.37
CA LEU C 86 31.95 26.47 25.36
C LEU C 86 32.68 27.59 26.10
N SER C 87 33.41 27.25 27.15
CA SER C 87 34.22 28.22 27.90
C SER C 87 35.42 28.68 27.09
N ALA C 88 35.82 27.86 26.12
CA ALA C 88 36.91 28.21 25.22
C ALA C 88 36.40 28.88 23.95
N GLY C 89 35.14 29.27 23.93
CA GLY C 89 34.55 29.92 22.77
C GLY C 89 34.27 29.03 21.57
N LYS C 90 34.15 27.72 21.77
CA LYS C 90 33.83 26.82 20.65
C LYS C 90 32.34 26.48 20.65
N HIS C 91 31.77 26.44 19.45
CA HIS C 91 30.45 25.85 19.24
C HIS C 91 30.57 24.35 19.47
N VAL C 92 29.47 23.74 19.91
CA VAL C 92 29.47 22.32 20.24
C VAL C 92 28.31 21.56 19.59
N ILE C 93 28.63 20.41 19.01
CA ILE C 93 27.64 19.42 18.64
C ILE C 93 27.86 18.20 19.53
N LEU C 94 26.89 17.90 20.39
CA LEU C 94 26.98 16.75 21.28
C LEU C 94 26.18 15.58 20.70
N GLU C 95 26.83 14.44 20.51
CA GLU C 95 26.12 13.25 20.03
C GLU C 95 25.14 12.78 21.10
N LYS C 96 24.03 12.18 20.69
CA LYS C 96 23.01 11.74 21.65
C LYS C 96 23.45 10.50 22.46
N PRO C 97 23.01 10.38 23.72
CA PRO C 97 22.30 11.39 24.49
C PRO C 97 23.28 12.47 24.92
N ALA C 98 22.91 13.74 24.77
CA ALA C 98 23.83 14.85 25.02
C ALA C 98 24.32 14.93 26.47
N VAL C 99 23.44 14.63 27.43
CA VAL C 99 23.74 14.73 28.85
C VAL C 99 23.14 13.54 29.61
N SER C 100 23.66 13.26 30.80
CA SER C 100 23.11 12.18 31.63
C SER C 100 21.79 12.58 32.29
N GLN C 101 21.55 13.88 32.44
CA GLN C 101 20.39 14.36 33.16
C GLN C 101 20.06 15.80 32.86
N PRO C 102 18.78 16.18 33.03
CA PRO C 102 18.28 17.47 32.57
C PRO C 102 19.08 18.70 33.02
N GLN C 103 19.45 18.74 34.30
CA GLN C 103 20.15 19.90 34.87
C GLN C 103 21.44 20.24 34.12
N GLU C 104 22.14 19.22 33.64
CA GLU C 104 23.36 19.43 32.86
C GLU C 104 23.11 20.19 31.55
N TRP C 105 21.95 19.96 30.92
CA TRP C 105 21.61 20.64 29.67
C TRP C 105 21.45 22.13 29.91
N PHE C 106 20.74 22.48 30.97
CA PHE C 106 20.48 23.88 31.26
C PHE C 106 21.77 24.59 31.67
N ASP C 107 22.68 23.89 32.34
CA ASP C 107 23.99 24.48 32.69
C ASP C 107 24.86 24.72 31.44
N LEU C 108 24.81 23.79 30.48
CA LEU C 108 25.51 23.99 29.21
C LEU C 108 24.93 25.17 28.45
N ILE C 109 23.61 25.30 28.44
CA ILE C 109 22.97 26.45 27.82
C ILE C 109 23.45 27.75 28.47
N GLN C 110 23.55 27.79 29.79
CA GLN C 110 24.05 28.98 30.49
C GLN C 110 25.47 29.33 30.03
N THR C 111 26.34 28.33 30.00
CA THR C 111 27.71 28.51 29.56
C THR C 111 27.76 28.94 28.10
N ALA C 112 26.89 28.35 27.28
CA ALA C 112 26.81 28.71 25.87
C ALA C 112 26.45 30.18 25.67
N GLU C 113 25.38 30.63 26.33
CA GLU C 113 24.92 32.01 26.21
C GLU C 113 25.99 32.97 26.71
N LYS C 114 26.59 32.61 27.84
CA LYS C 114 27.61 33.42 28.48
C LYS C 114 28.82 33.63 27.55
N ASN C 115 29.11 32.65 26.71
CA ASN C 115 30.26 32.71 25.80
C ASN C 115 29.90 32.99 24.34
N ASN C 116 28.66 33.41 24.10
CA ASN C 116 28.18 33.72 22.75
C ASN C 116 28.38 32.56 21.74
N CYS C 117 28.12 31.34 22.20
CA CYS C 117 28.30 30.12 21.39
C CYS C 117 27.02 29.30 21.32
N PHE C 118 26.95 28.43 20.31
CA PHE C 118 25.82 27.51 20.11
C PHE C 118 26.12 26.14 20.71
N ILE C 119 25.10 25.52 21.31
CA ILE C 119 25.15 24.12 21.71
C ILE C 119 24.01 23.37 21.00
N PHE C 120 24.36 22.30 20.30
CA PHE C 120 23.37 21.46 19.59
C PHE C 120 23.47 20.02 20.08
N GLU C 121 22.32 19.35 20.24
CA GLU C 121 22.30 17.89 20.40
C GLU C 121 22.12 17.29 19.02
N ALA C 122 22.94 16.31 18.69
CA ALA C 122 22.90 15.68 17.36
C ALA C 122 21.81 14.61 17.28
N ALA C 123 20.57 15.07 17.25
CA ALA C 123 19.39 14.22 17.10
C ALA C 123 19.03 14.15 15.63
N ARG C 124 19.59 13.17 14.92
CA ARG C 124 19.60 13.19 13.46
C ARG C 124 18.20 13.12 12.83
N ASN C 125 17.27 12.43 13.47
CA ASN C 125 15.92 12.33 12.93
C ASN C 125 15.14 13.66 13.02
N TYR C 126 15.34 14.39 14.12
CA TYR C 126 14.66 15.67 14.37
C TYR C 126 14.81 16.69 13.24
N HIS C 127 15.96 16.68 12.57
CA HIS C 127 16.25 17.63 11.49
C HIS C 127 15.87 17.14 10.10
N GLU C 128 15.26 15.96 10.00
CA GLU C 128 14.83 15.45 8.70
C GLU C 128 13.71 16.33 8.13
N LYS C 129 13.82 16.67 6.85
CA LYS C 129 12.79 17.45 6.14
C LYS C 129 11.40 16.80 6.25
N ALA C 130 11.38 15.47 6.31
CA ALA C 130 10.13 14.73 6.40
C ALA C 130 9.25 15.19 7.57
N PHE C 131 9.86 15.56 8.70
CA PHE C 131 9.07 16.01 9.85
C PHE C 131 8.36 17.32 9.58
N THR C 132 8.96 18.22 8.80
CA THR C 132 8.26 19.43 8.38
C THR C 132 7.03 19.08 7.55
N THR C 133 7.22 18.20 6.58
CA THR C 133 6.12 17.77 5.72
C THR C 133 4.99 17.09 6.50
N ILE C 134 5.36 16.22 7.43
CA ILE C 134 4.40 15.51 8.25
C ILE C 134 3.66 16.48 9.19
N MLY C 135 4.41 17.36 9.86
CA MLY C 135 3.81 18.32 10.77
CB MLY C 135 4.87 19.14 11.51
CG MLY C 135 4.21 19.93 12.64
CD MLY C 135 5.24 20.39 13.66
CE MLY C 135 4.55 21.23 14.73
NZ MLY C 135 5.56 21.82 15.62
CH1 MLY C 135 5.37 23.27 15.72
CH2 MLY C 135 5.39 21.24 16.97
C MLY C 135 2.87 19.26 10.04
O MLY C 135 1.81 19.55 10.53
N ASN C 136 3.27 19.71 8.87
CA ASN C 136 2.37 20.51 8.04
C ASN C 136 1.08 19.76 7.68
N PHE C 137 1.20 18.49 7.31
CA PHE C 137 0.05 17.65 6.96
C PHE C 137 -0.89 17.47 8.14
N LEU C 138 -0.31 17.30 9.33
CA LEU C 138 -1.12 17.10 10.55
C LEU C 138 -1.76 18.39 11.11
N ALA C 139 -1.32 19.56 10.64
CA ALA C 139 -1.73 20.83 11.26
C ALA C 139 -3.24 21.04 11.28
N ASP C 140 -3.93 20.59 10.24
CA ASP C 140 -5.39 20.69 10.16
C ASP C 140 -6.14 19.36 10.38
N MLY C 141 -5.50 18.43 11.09
CA MLY C 141 -6.11 17.18 11.54
CB MLY C 141 -5.24 15.95 11.29
CG MLY C 141 -4.81 15.76 9.85
CD MLY C 141 -6.00 15.59 8.92
CE MLY C 141 -5.56 15.08 7.54
NZ MLY C 141 -6.71 14.88 6.64
CH1 MLY C 141 -7.37 16.18 6.34
CH2 MLY C 141 -6.24 14.25 5.40
C MLY C 141 -6.27 17.24 13.02
O MLY C 141 -5.60 18.05 13.68
N GLN C 142 -7.15 16.40 13.56
N GLN C 142 -7.13 16.40 13.56
CA GLN C 142 -7.27 16.21 14.99
CA GLN C 142 -7.24 16.23 15.00
C GLN C 142 -6.59 14.89 15.34
C GLN C 142 -6.60 14.90 15.35
N VAL C 143 -5.47 14.97 16.06
CA VAL C 143 -4.70 13.78 16.40
C VAL C 143 -5.36 13.06 17.58
N LEU C 144 -5.50 11.74 17.47
CA LEU C 144 -6.14 10.89 18.49
C LEU C 144 -5.17 9.96 19.22
N GLY C 145 -3.93 9.93 18.79
CA GLY C 145 -2.92 9.05 19.37
C GLY C 145 -1.83 8.76 18.35
N ALA C 146 -0.82 8.00 18.79
CA ALA C 146 0.27 7.57 17.94
C ALA C 146 1.00 6.37 18.56
N ASP C 147 1.77 5.68 17.74
CA ASP C 147 2.52 4.52 18.18
C ASP C 147 3.84 4.53 17.42
N PHE C 148 4.94 4.75 18.17
CA PHE C 148 6.25 4.93 17.58
C PHE C 148 7.20 3.89 18.18
N ASN C 149 8.11 3.39 17.37
CA ASN C 149 9.08 2.44 17.90
C ASN C 149 10.45 2.60 17.26
N TYR C 150 11.47 2.12 17.96
CA TYR C 150 12.78 1.89 17.35
C TYR C 150 13.44 0.77 18.15
N ALA C 151 13.54 -0.41 17.55
CA ALA C 151 14.11 -1.58 18.21
C ALA C 151 14.89 -2.32 17.16
N LYS C 152 16.19 -2.47 17.39
CA LYS C 152 17.10 -3.16 16.47
C LYS C 152 18.03 -4.06 17.29
N TYR C 153 18.10 -5.33 16.91
CA TYR C 153 19.01 -6.25 17.55
C TYR C 153 20.47 -5.84 17.34
N SER C 154 21.23 -5.81 18.42
CA SER C 154 22.68 -5.83 18.32
C SER C 154 23.24 -6.86 19.31
N SER C 155 24.29 -7.55 18.89
CA SER C 155 24.96 -8.51 19.77
C SER C 155 25.70 -7.76 20.86
N VAL C 168 30.19 5.42 35.04
CA VAL C 168 30.33 4.03 34.61
C VAL C 168 28.97 3.34 34.38
N PHE C 169 28.13 3.27 35.42
CA PHE C 169 26.76 2.77 35.27
C PHE C 169 25.98 3.73 34.38
N SER C 170 26.24 5.02 34.54
CA SER C 170 25.63 6.04 33.69
C SER C 170 25.97 5.80 32.20
N ASP C 171 27.21 5.42 31.91
CA ASP C 171 27.62 5.08 30.53
C ASP C 171 26.99 3.77 30.05
N ARG C 172 26.82 2.81 30.96
CA ARG C 172 26.03 1.60 30.68
C ARG C 172 24.59 1.98 30.32
N PHE C 173 23.94 2.72 31.22
CA PHE C 173 22.56 3.20 31.04
C PHE C 173 22.35 3.92 29.70
N ALA C 174 23.30 4.78 29.34
CA ALA C 174 23.27 5.53 28.07
C ALA C 174 23.26 4.58 26.87
N GLY C 175 23.86 3.41 27.05
CA GLY C 175 23.79 2.32 26.09
C GLY C 175 22.54 1.45 26.18
N GLY C 176 21.69 1.70 27.18
CA GLY C 176 20.42 0.97 27.36
C GLY C 176 19.44 1.30 26.25
N ALA C 177 18.39 0.49 26.10
CA ALA C 177 17.44 0.66 25.00
C ALA C 177 16.83 2.06 24.98
N LEU C 178 16.30 2.51 26.11
CA LEU C 178 15.65 3.81 26.17
C LEU C 178 16.56 4.96 25.73
N MSE C 179 17.77 5.02 26.29
CA MSE C 179 18.70 6.11 26.02
C MSE C 179 19.33 6.04 24.64
O MSE C 179 19.56 7.06 24.01
CB MSE C 179 19.81 6.09 27.07
CG MSE C 179 19.31 6.47 28.45
SE MSE C 179 19.03 8.42 28.52
CE MSE C 179 20.83 8.95 29.13
N ASP C 180 19.63 4.84 24.17
CA ASP C 180 20.34 4.67 22.92
C ASP C 180 19.40 4.65 21.71
N LEU C 181 18.27 3.96 21.84
CA LEU C 181 17.30 3.82 20.73
C LEU C 181 15.96 4.54 20.95
N GLY C 182 15.44 4.46 22.17
CA GLY C 182 14.20 5.16 22.56
C GLY C 182 14.21 6.66 22.37
N ILE C 183 15.38 7.26 22.44
CA ILE C 183 15.53 8.69 22.19
C ILE C 183 15.01 9.11 20.80
N TYR C 184 15.08 8.21 19.81
CA TYR C 184 14.60 8.52 18.47
C TYR C 184 13.07 8.72 18.42
N PRO C 185 12.28 7.72 18.86
CA PRO C 185 10.83 7.97 18.90
C PRO C 185 10.39 9.10 19.86
N LEU C 186 11.17 9.33 20.94
CA LEU C 186 10.93 10.50 21.80
C LEU C 186 11.14 11.81 21.04
N TYR C 187 12.25 11.92 20.32
CA TYR C 187 12.48 13.13 19.52
C TYR C 187 11.40 13.29 18.44
N ALA C 188 10.98 12.18 17.83
CA ALA C 188 9.91 12.23 16.85
C ALA C 188 8.62 12.78 17.46
N ALA C 189 8.23 12.27 18.64
CA ALA C 189 7.02 12.74 19.34
C ALA C 189 7.11 14.23 19.69
N VAL C 190 8.23 14.64 20.28
CA VAL C 190 8.43 16.05 20.62
C VAL C 190 8.44 16.98 19.38
N ARG C 191 9.07 16.53 18.31
CA ARG C 191 9.08 17.29 17.06
C ARG C 191 7.66 17.56 16.52
N LEU C 192 6.80 16.53 16.57
CA LEU C 192 5.46 16.62 16.00
C LEU C 192 4.42 17.17 16.99
N PHE C 193 4.53 16.77 18.25
CA PHE C 193 3.48 17.03 19.25
C PHE C 193 3.87 17.99 20.36
N GLY C 194 5.15 18.32 20.45
CA GLY C 194 5.64 19.14 21.54
C GLY C 194 5.80 18.34 22.83
N LYS C 195 5.99 19.06 23.91
CA LYS C 195 6.26 18.47 25.20
C LYS C 195 5.03 17.75 25.73
N ALA C 196 5.22 16.54 26.23
CA ALA C 196 4.13 15.78 26.84
C ALA C 196 3.90 16.22 28.29
N ASN C 197 2.70 16.00 28.80
CA ASN C 197 2.37 16.31 30.20
C ASN C 197 3.11 15.39 31.18
N ASP C 198 3.35 14.16 30.76
CA ASP C 198 3.82 13.12 31.67
C ASP C 198 4.16 11.90 30.83
N ALA C 199 4.84 10.93 31.45
CA ALA C 199 5.26 9.74 30.74
C ALA C 199 5.46 8.57 31.67
N THR C 200 5.40 7.37 31.12
CA THR C 200 5.70 6.17 31.86
C THR C 200 6.46 5.21 30.96
N TYR C 201 7.17 4.28 31.58
CA TYR C 201 8.02 3.33 30.87
C TYR C 201 8.25 2.13 31.78
N HIS C 202 8.09 0.94 31.22
CA HIS C 202 8.43 -0.31 31.89
C HIS C 202 9.28 -1.18 30.96
N ALA C 203 10.32 -1.77 31.53
CA ALA C 203 11.35 -2.44 30.76
C ALA C 203 11.66 -3.81 31.29
N GLN C 204 12.13 -4.67 30.38
CA GLN C 204 12.84 -5.90 30.73
C GLN C 204 14.32 -5.58 30.90
N GLN C 205 14.83 -5.91 32.07
CA GLN C 205 16.10 -5.40 32.51
C GLN C 205 17.09 -6.51 32.79
N LEU C 206 18.37 -6.20 32.62
CA LEU C 206 19.43 -7.03 33.20
C LEU C 206 19.37 -6.89 34.72
N ASP C 207 20.16 -7.71 35.42
CA ASP C 207 20.17 -7.70 36.88
C ASP C 207 20.70 -6.39 37.44
N ASN C 208 21.54 -5.69 36.69
CA ASN C 208 21.99 -4.33 37.05
C ASN C 208 20.93 -3.22 36.82
N SER C 209 19.80 -3.59 36.23
CA SER C 209 18.65 -2.71 35.99
C SER C 209 18.69 -2.00 34.63
N ILE C 210 19.73 -2.23 33.84
CA ILE C 210 19.80 -1.67 32.48
C ILE C 210 18.76 -2.33 31.57
N ASP C 211 18.08 -1.54 30.76
CA ASP C 211 16.96 -2.05 29.96
C ASP C 211 17.41 -2.64 28.62
N LEU C 212 16.97 -3.87 28.39
CA LEU C 212 17.12 -4.56 27.09
C LEU C 212 16.08 -4.08 26.08
N ASN C 213 14.87 -3.88 26.57
CA ASN C 213 13.77 -3.36 25.77
C ASN C 213 12.68 -2.91 26.71
N GLY C 214 11.70 -2.18 26.18
CA GLY C 214 10.65 -1.68 27.01
C GLY C 214 9.57 -1.00 26.23
N ASP C 215 8.47 -0.72 26.92
CA ASP C 215 7.30 -0.06 26.39
C ASP C 215 6.94 1.08 27.31
N GLY C 216 6.64 2.22 26.71
CA GLY C 216 6.22 3.40 27.43
C GLY C 216 5.05 4.12 26.77
N ILE C 217 4.59 5.16 27.45
CA ILE C 217 3.51 6.00 26.95
C ILE C 217 3.85 7.43 27.28
N LEU C 218 3.66 8.32 26.31
CA LEU C 218 3.69 9.75 26.53
C LEU C 218 2.25 10.25 26.64
N PHE C 219 1.94 10.99 27.68
CA PHE C 219 0.58 11.45 27.91
C PHE C 219 0.42 12.89 27.48
N TYR C 220 -0.45 13.11 26.51
CA TYR C 220 -0.80 14.45 26.05
C TYR C 220 -2.21 14.78 26.56
N PRO C 221 -2.65 16.05 26.43
CA PRO C 221 -3.97 16.41 27.00
C PRO C 221 -5.13 15.54 26.52
N ASP C 222 -5.17 15.21 25.24
CA ASP C 222 -6.31 14.54 24.62
C ASP C 222 -5.97 13.20 23.96
N TYR C 223 -4.73 12.73 24.13
CA TYR C 223 -4.30 11.49 23.51
C TYR C 223 -3.00 11.00 24.14
N GLN C 224 -2.59 9.80 23.78
CA GLN C 224 -1.34 9.24 24.25
C GLN C 224 -0.55 8.63 23.10
N VAL C 225 0.75 8.53 23.30
CA VAL C 225 1.66 8.02 22.30
C VAL C 225 2.42 6.84 22.88
N HIS C 226 2.22 5.66 22.32
CA HIS C 226 3.00 4.49 22.72
C HIS C 226 4.43 4.58 22.15
N ILE C 227 5.41 4.24 22.99
CA ILE C 227 6.82 4.22 22.62
C ILE C 227 7.35 2.80 22.89
N LYS C 228 8.02 2.20 21.91
CA LYS C 228 8.74 0.95 22.14
C LYS C 228 10.21 1.11 21.76
N ALA C 229 11.09 0.60 22.61
CA ALA C 229 12.53 0.64 22.36
C ALA C 229 13.10 -0.73 22.63
N GLY C 230 14.11 -1.13 21.85
CA GLY C 230 14.77 -2.42 22.11
C GLY C 230 16.13 -2.55 21.46
N LYS C 231 17.04 -3.25 22.14
N LYS C 231 17.04 -3.23 22.16
CA LYS C 231 18.35 -3.55 21.59
CA LYS C 231 18.38 -3.54 21.65
C LYS C 231 18.66 -5.05 21.53
C LYS C 231 18.65 -5.04 21.52
N ASN C 232 17.81 -5.89 22.13
CA ASN C 232 17.94 -7.35 22.00
C ASN C 232 16.86 -7.96 21.12
N ILE C 233 16.07 -7.10 20.48
CA ILE C 233 14.96 -7.48 19.61
C ILE C 233 14.92 -6.51 18.43
N THR C 234 14.37 -7.00 17.31
CA THR C 234 14.17 -6.17 16.13
C THR C 234 12.68 -6.07 15.84
N SER C 235 12.18 -4.83 15.81
CA SER C 235 10.83 -4.55 15.35
C SER C 235 10.89 -3.93 13.98
N ASN C 236 10.02 -4.40 13.09
CA ASN C 236 9.82 -3.78 11.78
C ASN C 236 8.46 -3.08 11.73
N LEU C 237 7.84 -2.84 12.88
CA LEU C 237 6.53 -2.20 12.91
C LEU C 237 6.59 -0.77 12.37
N PRO C 238 5.64 -0.40 11.49
CA PRO C 238 5.56 0.99 11.10
C PRO C 238 5.18 1.83 12.29
N CYS C 239 5.29 3.12 12.13
CA CYS C 239 4.89 4.07 13.15
C CYS C 239 3.61 4.71 12.66
N GLU C 240 2.61 4.78 13.52
CA GLU C 240 1.30 5.27 13.12
C GLU C 240 0.93 6.52 13.92
N ILE C 241 0.25 7.44 13.27
CA ILE C 241 -0.36 8.58 13.95
C ILE C 241 -1.84 8.55 13.59
N TYR C 242 -2.69 8.51 14.61
CA TYR C 242 -4.14 8.36 14.41
C TYR C 242 -4.78 9.72 14.42
N THR C 243 -5.72 9.92 13.52
CA THR C 243 -6.47 11.17 13.46
C THR C 243 -7.97 10.83 13.37
N THR C 244 -8.83 11.82 13.59
CA THR C 244 -10.25 11.52 13.48
C THR C 244 -10.66 11.02 12.10
N ASP C 245 -9.95 11.40 11.03
CA ASP C 245 -10.33 10.95 9.68
C ASP C 245 -9.51 9.75 9.12
N GLY C 246 -8.56 9.22 9.87
CA GLY C 246 -7.77 8.08 9.39
C GLY C 246 -6.50 7.86 10.16
N THR C 247 -5.50 7.28 9.47
CA THR C 247 -4.23 6.90 10.08
C THR C 247 -3.09 7.29 9.15
N LEU C 248 -2.11 8.01 9.68
CA LEU C 248 -0.90 8.30 8.92
C LEU C 248 0.13 7.25 9.29
N THR C 249 0.65 6.53 8.29
CA THR C 249 1.64 5.48 8.51
C THR C 249 3.00 5.90 7.98
N LEU C 250 3.99 5.91 8.89
CA LEU C 250 5.39 6.20 8.57
C LEU C 250 6.13 4.89 8.62
N ASN C 251 7.01 4.64 7.65
CA ASN C 251 7.74 3.37 7.68
C ASN C 251 8.63 3.29 8.93
N THR C 252 9.19 4.42 9.33
CA THR C 252 10.01 4.55 10.54
C THR C 252 9.83 5.98 11.08
N ILE C 253 10.46 6.29 12.21
CA ILE C 253 10.58 7.67 12.67
C ILE C 253 12.05 8.14 12.65
N GLU C 254 12.89 7.42 11.90
CA GLU C 254 14.28 7.81 11.73
C GLU C 254 14.71 7.40 10.31
N HIS C 255 15.35 8.31 9.62
CA HIS C 255 15.63 8.17 8.19
C HIS C 255 14.36 7.81 7.42
N ILE C 256 13.31 8.60 7.67
CA ILE C 256 11.98 8.28 7.17
C ILE C 256 11.99 8.23 5.65
N ARG C 257 11.36 7.19 5.11
CA ARG C 257 11.32 6.97 3.67
C ARG C 257 9.93 7.21 3.05
N SER C 258 8.88 6.88 3.80
CA SER C 258 7.52 7.08 3.29
C SER C 258 6.53 7.44 4.39
N ALA C 259 5.51 8.20 3.99
CA ALA C 259 4.40 8.59 4.84
C ALA C 259 3.11 8.48 4.02
N ILE C 260 2.22 7.58 4.42
CA ILE C 260 0.97 7.33 3.69
C ILE C 260 -0.22 7.44 4.63
N PHE C 261 -1.17 8.28 4.24
CA PHE C 261 -2.41 8.43 4.99
C PHE C 261 -3.52 7.55 4.40
N THR C 262 -4.21 6.82 5.25
CA THR C 262 -5.35 5.99 4.85
C THR C 262 -6.59 6.49 5.57
N ASP C 263 -7.65 6.82 4.83
CA ASP C 263 -8.88 7.28 5.48
C ASP C 263 -9.81 6.12 5.85
N HIS C 264 -10.95 6.45 6.45
CA HIS C 264 -11.87 5.43 6.96
C HIS C 264 -12.58 4.67 5.86
N GLN C 265 -12.52 5.15 4.63
CA GLN C 265 -13.01 4.38 3.49
C GLN C 265 -11.91 3.51 2.88
N GLY C 266 -10.66 3.64 3.34
CA GLY C 266 -9.51 2.92 2.77
C GLY C 266 -8.77 3.65 1.67
N ASN C 267 -9.13 4.90 1.39
CA ASN C 267 -8.46 5.68 0.35
C ASN C 267 -7.15 6.23 0.89
N GLN C 268 -6.11 6.17 0.06
CA GLN C 268 -4.77 6.55 0.48
C GLN C 268 -4.23 7.76 -0.27
N VAL C 269 -3.46 8.54 0.47
CA VAL C 269 -2.75 9.69 -0.04
C VAL C 269 -1.30 9.56 0.44
N GLN C 270 -0.37 9.82 -0.46
CA GLN C 270 1.05 9.72 -0.15
C GLN C 270 1.66 11.08 0.04
N LEU C 271 2.36 11.30 1.16
CA LEU C 271 3.06 12.55 1.38
C LEU C 271 4.37 12.54 0.61
N PRO C 272 4.80 13.71 0.10
CA PRO C 272 6.05 13.81 -0.63
C PRO C 272 7.26 13.71 0.32
N ILE C 273 7.77 12.50 0.51
CA ILE C 273 8.91 12.28 1.38
C ILE C 273 10.10 11.87 0.50
N GLN C 274 11.25 12.52 0.69
CA GLN C 274 12.49 12.09 0.03
C GLN C 274 13.61 11.95 1.05
N GLN C 275 13.92 10.74 1.44
CA GLN C 275 15.01 10.58 2.41
C GLN C 275 16.34 11.03 1.79
N ALA C 276 17.20 11.51 2.67
CA ALA C 276 18.52 11.97 2.31
C ALA C 276 19.41 10.76 2.06
N PRO C 277 20.53 10.96 1.37
CA PRO C 277 21.39 9.81 1.05
C PRO C 277 21.95 9.13 2.29
N HIS C 278 22.21 9.90 3.34
CA HIS C 278 22.72 9.34 4.58
C HIS C 278 21.91 9.88 5.76
N THR C 279 22.04 9.20 6.89
CA THR C 279 21.20 9.48 8.06
C THR C 279 21.54 10.78 8.75
N MSE C 280 22.78 11.27 8.57
CA MSE C 280 23.24 12.50 9.25
C MSE C 280 23.25 13.71 8.35
O MSE C 280 23.52 14.82 8.80
CB MSE C 280 24.65 12.32 9.84
CG MSE C 280 24.68 11.17 10.86
SE MSE C 280 26.51 10.86 11.51
CE MSE C 280 26.18 11.68 13.25
N THR C 281 22.92 13.51 7.08
CA THR C 281 22.97 14.59 6.08
C THR C 281 22.24 15.83 6.55
N GLU C 282 20.98 15.67 6.94
CA GLU C 282 20.16 16.83 7.23
C GLU C 282 20.59 17.58 8.49
N GLU C 283 20.96 16.86 9.56
CA GLU C 283 21.41 17.55 10.77
C GLU C 283 22.72 18.31 10.52
N VAL C 284 23.63 17.70 9.77
CA VAL C 284 24.93 18.32 9.46
C VAL C 284 24.71 19.64 8.72
N ALA C 285 23.77 19.65 7.78
CA ALA C 285 23.46 20.88 7.04
C ALA C 285 22.78 21.92 7.93
N ALA C 286 21.90 21.48 8.82
CA ALA C 286 21.18 22.40 9.71
C ALA C 286 22.12 23.12 10.65
N PHE C 287 23.11 22.40 11.19
CA PHE C 287 24.03 22.99 12.17
C PHE C 287 24.92 24.05 11.52
N ALA C 288 25.42 23.75 10.33
CA ALA C 288 26.24 24.72 9.59
C ALA C 288 25.44 25.97 9.21
N HIS C 289 24.21 25.79 8.75
CA HIS C 289 23.35 26.91 8.36
C HIS C 289 23.00 27.81 9.57
N MSE C 290 22.73 27.18 10.73
CA MSE C 290 22.50 27.92 11.96
C MSE C 290 23.69 28.78 12.31
O MSE C 290 23.53 29.95 12.65
CB MSE C 290 22.17 26.95 13.10
CG MSE C 290 21.97 27.60 14.46
SE MSE C 290 20.44 28.86 14.49
CE MSE C 290 18.93 27.60 14.22
N ILE C 291 24.90 28.22 12.25
CA ILE C 291 26.11 28.97 12.62
C ILE C 291 26.43 30.09 11.61
N GLN C 292 26.13 29.86 10.34
CA GLN C 292 26.49 30.82 9.28
C GLN C 292 25.43 31.91 9.08
N GLN C 293 24.18 31.56 9.30
CA GLN C 293 23.08 32.52 9.19
C GLN C 293 22.09 32.27 10.34
N PRO C 294 22.41 32.76 11.54
CA PRO C 294 21.64 32.51 12.76
C PRO C 294 20.15 32.86 12.69
N ASP C 295 19.30 31.87 13.02
CA ASP C 295 17.89 32.10 13.29
C ASP C 295 17.69 31.75 14.76
N LEU C 296 17.67 32.77 15.61
CA LEU C 296 17.77 32.55 17.07
C LEU C 296 16.50 31.98 17.67
N ASN C 297 15.34 32.35 17.14
CA ASN C 297 14.08 31.76 17.58
C ASN C 297 14.05 30.26 17.36
N LEU C 298 14.45 29.84 16.17
CA LEU C 298 14.54 28.43 15.83
C LEU C 298 15.55 27.71 16.72
N TYR C 299 16.68 28.35 17.00
CA TYR C 299 17.67 27.80 17.93
C TYR C 299 17.08 27.56 19.32
N GLN C 300 16.30 28.50 19.81
CA GLN C 300 15.67 28.33 21.12
C GLN C 300 14.66 27.18 21.10
N THR C 301 14.03 26.96 19.95
CA THR C 301 13.14 25.83 19.79
C THR C 301 13.92 24.53 19.90
N TRP C 302 15.08 24.45 19.23
CA TRP C 302 15.94 23.27 19.33
C TRP C 302 16.31 23.02 20.80
N LEU C 303 16.73 24.06 21.51
CA LEU C 303 17.11 23.92 22.92
C LEU C 303 15.97 23.41 23.78
N TYR C 304 14.80 23.99 23.57
CA TYR C 304 13.63 23.66 24.38
C TYR C 304 13.20 22.22 24.14
N ASP C 305 13.20 21.82 22.87
CA ASP C 305 12.84 20.45 22.50
C ASP C 305 13.81 19.43 23.08
N ALA C 306 15.11 19.71 23.03
CA ALA C 306 16.10 18.82 23.64
C ALA C 306 15.81 18.66 25.13
N GLY C 307 15.50 19.78 25.77
CA GLY C 307 15.11 19.79 27.18
C GLY C 307 13.89 18.92 27.44
N SER C 308 12.89 19.02 26.57
CA SER C 308 11.71 18.18 26.68
C SER C 308 12.05 16.68 26.58
N VAL C 309 12.86 16.31 25.60
CA VAL C 309 13.29 14.92 25.44
C VAL C 309 14.00 14.42 26.70
N HIS C 310 14.90 15.24 27.25
CA HIS C 310 15.68 14.83 28.42
C HIS C 310 14.82 14.67 29.65
N GLU C 311 13.81 15.53 29.77
N GLU C 311 13.80 15.51 29.77
CA GLU C 311 12.86 15.48 30.87
CA GLU C 311 12.90 15.43 30.91
C GLU C 311 12.10 14.14 30.83
C GLU C 311 12.10 14.13 30.84
N LEU C 312 11.64 13.77 29.64
CA LEU C 312 10.95 12.51 29.41
C LEU C 312 11.82 11.29 29.69
N LEU C 313 13.06 11.32 29.22
CA LEU C 313 14.00 10.22 29.48
C LEU C 313 14.23 10.02 30.99
N TYR C 314 14.37 11.11 31.73
CA TYR C 314 14.63 11.07 33.17
C TYR C 314 13.43 10.48 33.92
N THR C 315 12.24 10.93 33.55
CA THR C 315 11.00 10.38 34.10
C THR C 315 10.89 8.89 33.80
N MSE C 316 11.08 8.54 32.53
CA MSE C 316 10.90 7.16 32.08
C MSE C 316 11.88 6.24 32.75
O MSE C 316 11.54 5.13 33.17
CB MSE C 316 11.03 7.13 30.55
CG MSE C 316 9.73 7.71 29.99
SE MSE C 316 9.88 8.09 28.07
CE MSE C 316 9.20 6.33 27.49
N ARG C 317 13.12 6.70 32.90
CA ARG C 317 14.10 5.91 33.62
C ARG C 317 13.63 5.59 35.05
N GLN C 318 13.08 6.59 35.71
CA GLN C 318 12.63 6.42 37.10
C GLN C 318 11.43 5.50 37.23
N THR C 319 10.47 5.61 36.32
CA THR C 319 9.27 4.77 36.36
C THR C 319 9.66 3.31 36.09
N ALA C 320 10.69 3.09 35.28
CA ALA C 320 11.14 1.74 34.99
C ALA C 320 12.10 1.18 36.06
N GLY C 321 12.51 2.00 37.03
CA GLY C 321 13.46 1.60 38.06
C GLY C 321 14.85 1.30 37.52
N ILE C 322 15.32 2.12 36.60
CA ILE C 322 16.64 1.91 36.00
C ILE C 322 17.60 2.77 36.84
N ARG C 323 18.43 2.13 37.67
CA ARG C 323 19.21 2.84 38.71
C ARG C 323 20.46 2.06 39.18
N ALA D 3 39.55 19.26 -17.56
CA ALA D 3 39.49 19.34 -19.06
C ALA D 3 38.11 19.82 -19.52
N MSE D 4 37.79 21.08 -19.24
CA MSE D 4 36.43 21.61 -19.45
C MSE D 4 36.00 21.58 -20.89
O MSE D 4 36.70 22.09 -21.77
CB MSE D 4 36.34 23.05 -18.95
CG MSE D 4 34.89 23.50 -18.82
SE MSE D 4 34.46 23.89 -16.94
CE MSE D 4 35.11 25.75 -16.88
N LEU D 5 34.82 21.00 -21.15
CA LEU D 5 34.30 20.93 -22.51
C LEU D 5 33.69 22.26 -22.95
N LYS D 6 34.15 22.78 -24.07
CA LYS D 6 33.60 24.03 -24.57
C LYS D 6 32.36 23.72 -25.39
N LEU D 7 31.26 24.38 -25.03
CA LEU D 7 29.95 24.04 -25.57
C LEU D 7 29.36 25.12 -26.48
N GLY D 8 28.96 24.71 -27.68
CA GLY D 8 28.13 25.55 -28.55
C GLY D 8 26.70 25.07 -28.52
N VAL D 9 25.75 25.98 -28.75
CA VAL D 9 24.33 25.65 -28.69
C VAL D 9 23.62 26.12 -29.96
N ILE D 10 22.83 25.21 -30.54
CA ILE D 10 21.85 25.55 -31.57
C ILE D 10 20.45 25.34 -30.97
N GLY D 11 19.58 26.33 -31.16
CA GLY D 11 18.21 26.28 -30.66
C GLY D 11 18.06 27.19 -29.47
N THR D 12 17.06 28.08 -29.54
CA THR D 12 16.88 29.15 -28.56
C THR D 12 15.59 29.03 -27.73
N GLY D 13 15.05 27.82 -27.67
CA GLY D 13 13.89 27.54 -26.81
C GLY D 13 14.27 27.29 -25.35
N ALA D 14 13.26 27.14 -24.51
CA ALA D 14 13.46 26.92 -23.08
C ALA D 14 14.30 25.69 -22.75
N ILE D 15 14.13 24.61 -23.52
CA ILE D 15 14.91 23.38 -23.33
C ILE D 15 16.43 23.65 -23.37
N SER D 16 16.86 24.57 -24.24
CA SER D 16 18.28 24.92 -24.33
C SER D 16 18.80 25.60 -23.07
N HIS D 17 18.00 26.47 -22.45
CA HIS D 17 18.37 27.04 -21.13
C HIS D 17 18.53 25.93 -20.09
N HIS D 18 17.57 25.01 -20.00
CA HIS D 18 17.65 23.94 -18.99
C HIS D 18 18.88 23.04 -19.21
N PHE D 19 19.24 22.78 -20.47
CA PHE D 19 20.43 22.00 -20.76
C PHE D 19 21.70 22.72 -20.31
N ILE D 20 21.81 23.99 -20.69
CA ILE D 20 22.93 24.83 -20.29
C ILE D 20 23.08 24.86 -18.78
N GLU D 21 21.96 25.05 -18.08
CA GLU D 21 21.97 25.05 -16.61
C GLU D 21 22.54 23.75 -16.03
N ALA D 22 22.10 22.61 -16.55
CA ALA D 22 22.61 21.30 -16.11
C ALA D 22 24.09 21.14 -16.48
N ALA D 23 24.44 21.56 -17.70
CA ALA D 23 25.82 21.51 -18.18
C ALA D 23 26.76 22.31 -17.28
N HIS D 24 26.32 23.51 -16.90
CA HIS D 24 27.10 24.36 -16.00
C HIS D 24 27.27 23.71 -14.64
N THR D 25 26.15 23.29 -14.08
CA THR D 25 26.10 22.63 -12.77
C THR D 25 26.94 21.37 -12.69
N SER D 26 27.06 20.64 -13.80
CA SER D 26 27.91 19.45 -13.86
C SER D 26 29.38 19.74 -13.59
N GLY D 27 29.79 20.98 -13.84
CA GLY D 27 31.18 21.38 -13.67
C GLY D 27 32.03 20.94 -14.82
N GLU D 28 31.44 20.37 -15.86
CA GLU D 28 32.21 19.74 -16.93
C GLU D 28 32.15 20.48 -18.25
N TYR D 29 31.27 21.47 -18.36
CA TYR D 29 31.08 22.20 -19.60
C TYR D 29 31.19 23.70 -19.38
N GLN D 30 31.61 24.41 -20.42
CA GLN D 30 31.55 25.87 -20.44
C GLN D 30 30.89 26.29 -21.74
N LEU D 31 29.76 26.99 -21.62
CA LEU D 31 29.09 27.55 -22.79
C LEU D 31 29.99 28.62 -23.40
N VAL D 32 30.25 28.52 -24.70
CA VAL D 32 31.05 29.52 -25.41
C VAL D 32 30.38 30.17 -26.63
N ALA D 33 29.41 29.49 -27.25
CA ALA D 33 28.82 29.96 -28.51
C ALA D 33 27.36 29.60 -28.68
N ILE D 34 26.63 30.47 -29.34
CA ILE D 34 25.21 30.27 -29.63
C ILE D 34 24.94 30.69 -31.08
N TYR D 35 24.28 29.81 -31.83
CA TYR D 35 23.90 30.09 -33.21
C TYR D 35 22.40 30.32 -33.34
N SER D 36 22.04 31.28 -34.21
CA SER D 36 20.67 31.49 -34.64
C SER D 36 20.70 32.21 -35.99
N ARG D 37 19.70 31.95 -36.81
CA ARG D 37 19.61 32.60 -38.14
C ARG D 37 19.44 34.11 -38.02
N LYS D 38 18.64 34.54 -37.05
CA LYS D 38 18.52 35.96 -36.70
C LYS D 38 19.39 36.25 -35.48
N LEU D 39 20.39 37.10 -35.66
CA LEU D 39 21.33 37.46 -34.60
C LEU D 39 20.65 38.02 -33.33
N GLU D 40 19.56 38.77 -33.51
CA GLU D 40 18.79 39.28 -32.37
C GLU D 40 18.17 38.18 -31.51
N THR D 41 17.76 37.08 -32.15
CA THR D 41 17.20 35.93 -31.41
C THR D 41 18.29 35.31 -30.54
N ALA D 42 19.47 35.09 -31.10
CA ALA D 42 20.62 34.61 -30.33
C ALA D 42 20.98 35.55 -29.16
N ALA D 43 20.92 36.86 -29.41
CA ALA D 43 21.30 37.86 -28.42
C ALA D 43 20.32 37.93 -27.26
N THR D 44 19.02 37.84 -27.55
CA THR D 44 18.01 37.80 -26.50
C THR D 44 18.21 36.54 -25.65
N PHE D 45 18.42 35.43 -26.33
CA PHE D 45 18.65 34.16 -25.65
C PHE D 45 19.85 34.25 -24.70
N ALA D 46 20.95 34.81 -25.20
CA ALA D 46 22.22 34.83 -24.45
C ALA D 46 22.35 35.92 -23.38
N SER D 47 21.42 36.86 -23.32
CA SER D 47 21.55 38.04 -22.46
C SER D 47 21.75 37.71 -20.98
N ARG D 48 21.22 36.58 -20.52
CA ARG D 48 21.39 36.16 -19.13
C ARG D 48 22.79 35.59 -18.82
N TYR D 49 23.55 35.27 -19.86
CA TYR D 49 24.89 34.69 -19.68
C TYR D 49 25.99 35.72 -19.97
N GLN D 50 27.22 35.35 -19.65
CA GLN D 50 28.36 36.26 -19.67
C GLN D 50 29.27 36.03 -20.89
N ASN D 51 29.30 36.99 -21.82
CA ASN D 51 30.28 36.99 -22.90
C ASN D 51 30.23 35.78 -23.83
N ILE D 52 29.02 35.32 -24.09
CA ILE D 52 28.82 34.24 -25.03
C ILE D 52 28.80 34.81 -26.46
N GLN D 53 29.65 34.24 -27.31
CA GLN D 53 29.78 34.70 -28.67
C GLN D 53 28.61 34.21 -29.54
N LEU D 54 28.17 35.08 -30.45
CA LEU D 54 26.99 34.82 -31.26
C LEU D 54 27.38 34.61 -32.71
N PHE D 55 26.61 33.76 -33.39
CA PHE D 55 26.86 33.43 -34.77
C PHE D 55 25.53 33.34 -35.50
N ASP D 56 25.46 33.94 -36.69
CA ASP D 56 24.29 33.76 -37.54
C ASP D 56 24.63 33.06 -38.86
N GLN D 57 25.88 32.60 -38.99
CA GLN D 57 26.30 31.77 -40.11
C GLN D 57 26.82 30.45 -39.56
N LEU D 58 26.17 29.36 -39.93
CA LEU D 58 26.50 28.03 -39.42
C LEU D 58 27.94 27.64 -39.75
N GLU D 59 28.42 28.09 -40.90
CA GLU D 59 29.80 27.81 -41.30
C GLU D 59 30.85 28.52 -40.42
N VAL D 60 30.53 29.71 -39.92
CA VAL D 60 31.46 30.42 -39.02
C VAL D 60 31.37 29.78 -37.64
N PHE D 61 30.13 29.52 -37.21
CA PHE D 61 29.84 28.77 -35.97
C PHE D 61 30.74 27.54 -35.85
N PHE D 62 30.69 26.67 -36.86
CA PHE D 62 31.40 25.38 -36.80
C PHE D 62 32.93 25.45 -37.00
N LYS D 63 33.44 26.59 -37.49
CA LYS D 63 34.89 26.83 -37.50
C LYS D 63 35.37 27.42 -36.18
N SER D 64 34.47 27.93 -35.35
CA SER D 64 34.89 28.47 -34.05
C SER D 64 35.37 27.35 -33.12
N SER D 65 36.07 27.73 -32.06
CA SER D 65 36.68 26.77 -31.15
C SER D 65 35.72 26.41 -30.03
N PHE D 66 34.94 25.37 -30.29
CA PHE D 66 34.27 24.64 -29.22
C PHE D 66 34.41 23.15 -29.49
N ASP D 67 34.09 22.35 -28.49
CA ASP D 67 34.34 20.91 -28.55
C ASP D 67 33.11 20.13 -29.01
N LEU D 68 31.94 20.55 -28.53
CA LEU D 68 30.69 19.89 -28.90
C LEU D 68 29.53 20.85 -28.99
N VAL D 69 28.54 20.46 -29.77
CA VAL D 69 27.34 21.26 -29.97
C VAL D 69 26.13 20.49 -29.46
N TYR D 70 25.28 21.19 -28.71
CA TYR D 70 23.95 20.71 -28.34
C TYR D 70 22.97 21.29 -29.35
N ILE D 71 22.21 20.41 -30.00
CA ILE D 71 21.30 20.84 -31.08
C ILE D 71 19.85 20.59 -30.70
N ALA D 72 19.13 21.68 -30.45
CA ALA D 72 17.72 21.66 -30.07
C ALA D 72 16.87 22.53 -30.98
N SER D 73 17.23 22.57 -32.26
CA SER D 73 16.45 23.25 -33.28
C SER D 73 15.24 22.39 -33.63
N PRO D 74 14.35 22.87 -34.53
CA PRO D 74 13.28 21.96 -34.98
C PRO D 74 13.82 20.71 -35.66
N ASN D 75 13.06 19.62 -35.55
CA ASN D 75 13.50 18.28 -35.97
C ASN D 75 14.00 18.21 -37.41
N SER D 76 13.32 18.93 -38.32
CA SER D 76 13.65 18.93 -39.75
C SER D 76 15.07 19.39 -40.03
N LEU D 77 15.60 20.27 -39.17
CA LEU D 77 16.95 20.81 -39.33
C LEU D 77 18.05 19.96 -38.70
N HIS D 78 17.67 19.05 -37.80
CA HIS D 78 18.67 18.28 -37.06
C HIS D 78 19.70 17.63 -37.95
N PHE D 79 19.25 16.97 -39.00
CA PHE D 79 20.13 16.14 -39.80
C PHE D 79 21.24 16.94 -40.48
N ALA D 80 20.88 18.02 -41.15
CA ALA D 80 21.86 18.86 -41.85
C ALA D 80 22.81 19.54 -40.86
N GLN D 81 22.26 20.04 -39.76
CA GLN D 81 23.10 20.68 -38.74
C GLN D 81 24.03 19.67 -38.07
N ALA D 82 23.52 18.48 -37.76
CA ALA D 82 24.35 17.45 -37.13
C ALA D 82 25.45 17.00 -38.06
N LYS D 83 25.12 16.76 -39.32
CA LYS D 83 26.10 16.30 -40.29
C LYS D 83 27.21 17.32 -40.49
N ALA D 84 26.83 18.59 -40.54
CA ALA D 84 27.79 19.69 -40.69
C ALA D 84 28.71 19.80 -39.47
N ALA D 85 28.14 19.66 -38.27
CA ALA D 85 28.93 19.68 -37.04
C ALA D 85 29.96 18.55 -36.97
N LEU D 86 29.55 17.34 -37.32
CA LEU D 86 30.46 16.19 -37.30
C LEU D 86 31.54 16.37 -38.38
N SER D 87 31.13 16.85 -39.55
CA SER D 87 32.06 17.10 -40.65
C SER D 87 33.10 18.16 -40.29
N ALA D 88 32.72 19.07 -39.38
CA ALA D 88 33.63 20.07 -38.84
C ALA D 88 34.40 19.57 -37.61
N GLY D 89 34.26 18.29 -37.29
CA GLY D 89 34.96 17.69 -36.16
C GLY D 89 34.42 18.04 -34.78
N LYS D 90 33.12 18.37 -34.70
CA LYS D 90 32.50 18.62 -33.39
C LYS D 90 31.71 17.39 -32.95
N HIS D 91 31.76 17.09 -31.65
CA HIS D 91 30.86 16.10 -31.07
C HIS D 91 29.47 16.72 -31.08
N VAL D 92 28.43 15.88 -31.13
CA VAL D 92 27.06 16.38 -31.24
C VAL D 92 26.15 15.69 -30.22
N ILE D 93 25.38 16.52 -29.51
CA ILE D 93 24.23 16.05 -28.73
C ILE D 93 22.96 16.54 -29.42
N LEU D 94 22.14 15.60 -29.89
CA LEU D 94 20.88 15.93 -30.57
C LEU D 94 19.74 15.74 -29.61
N GLU D 95 18.93 16.78 -29.42
CA GLU D 95 17.76 16.67 -28.54
C GLU D 95 16.72 15.77 -29.21
N LYS D 96 15.97 15.03 -28.40
N LYS D 96 15.99 15.00 -28.41
CA LYS D 96 14.89 14.16 -28.88
CA LYS D 96 14.96 14.09 -28.95
C LYS D 96 13.79 14.93 -29.61
C LYS D 96 13.78 14.85 -29.56
N PRO D 97 13.22 14.33 -30.67
CA PRO D 97 13.67 13.14 -31.40
C PRO D 97 14.85 13.54 -32.30
N ALA D 98 15.92 12.74 -32.27
CA ALA D 98 17.17 13.16 -32.89
C ALA D 98 17.05 13.35 -34.39
N VAL D 99 16.36 12.42 -35.05
CA VAL D 99 16.21 12.43 -36.50
C VAL D 99 14.75 12.22 -36.88
N SER D 100 14.39 12.64 -38.08
CA SER D 100 13.04 12.43 -38.62
C SER D 100 12.80 10.97 -39.01
N GLN D 101 13.83 10.30 -39.52
CA GLN D 101 13.70 8.91 -39.98
C GLN D 101 14.97 8.08 -39.83
N PRO D 102 14.81 6.77 -39.62
CA PRO D 102 15.91 5.91 -39.15
C PRO D 102 17.21 5.96 -39.95
N GLN D 103 17.12 6.03 -41.28
CA GLN D 103 18.31 6.00 -42.11
C GLN D 103 19.19 7.24 -41.87
N GLU D 104 18.60 8.37 -41.49
CA GLU D 104 19.37 9.57 -41.15
C GLU D 104 20.30 9.31 -39.96
N TRP D 105 19.85 8.51 -38.99
CA TRP D 105 20.66 8.18 -37.82
C TRP D 105 21.90 7.39 -38.21
N PHE D 106 21.73 6.41 -39.09
CA PHE D 106 22.85 5.61 -39.51
C PHE D 106 23.82 6.39 -40.41
N ASP D 107 23.29 7.35 -41.18
CA ASP D 107 24.12 8.27 -41.96
C ASP D 107 24.97 9.15 -41.02
N LEU D 108 24.37 9.64 -39.95
CA LEU D 108 25.10 10.44 -38.97
C LEU D 108 26.21 9.65 -38.30
N ILE D 109 25.95 8.38 -38.00
CA ILE D 109 26.96 7.54 -37.36
C ILE D 109 28.20 7.39 -38.26
N GLN D 110 28.00 7.19 -39.56
CA GLN D 110 29.17 7.01 -40.42
C GLN D 110 29.96 8.33 -40.66
N THR D 111 29.26 9.46 -40.64
CA THR D 111 29.92 10.77 -40.63
C THR D 111 30.74 10.97 -39.34
N ALA D 112 30.15 10.59 -38.21
CA ALA D 112 30.83 10.70 -36.91
C ALA D 112 32.07 9.80 -36.81
N GLU D 113 31.97 8.56 -37.31
CA GLU D 113 33.13 7.63 -37.36
C GLU D 113 34.25 8.17 -38.25
N LYS D 114 33.86 8.71 -39.40
CA LYS D 114 34.81 9.26 -40.38
C LYS D 114 35.56 10.46 -39.82
N ASN D 115 34.91 11.25 -38.96
CA ASN D 115 35.52 12.42 -38.36
C ASN D 115 35.98 12.21 -36.92
N ASN D 116 36.01 10.95 -36.47
CA ASN D 116 36.48 10.62 -35.13
C ASN D 116 35.74 11.42 -34.04
N CYS D 117 34.42 11.56 -34.21
CA CYS D 117 33.57 12.29 -33.25
C CYS D 117 32.43 11.39 -32.74
N PHE D 118 31.88 11.77 -31.60
CA PHE D 118 30.70 11.15 -31.01
C PHE D 118 29.41 11.85 -31.44
N ILE D 119 28.37 11.05 -31.63
CA ILE D 119 27.00 11.55 -31.77
C ILE D 119 26.14 10.89 -30.68
N PHE D 120 25.39 11.71 -29.94
CA PHE D 120 24.49 11.25 -28.88
C PHE D 120 23.07 11.77 -29.09
N GLU D 121 22.06 10.94 -28.79
CA GLU D 121 20.70 11.44 -28.68
C GLU D 121 20.44 11.77 -27.21
N ALA D 122 19.97 12.97 -26.93
CA ALA D 122 19.69 13.37 -25.55
C ALA D 122 18.40 12.73 -25.03
N ALA D 123 18.48 11.44 -24.71
CA ALA D 123 17.36 10.68 -24.15
C ALA D 123 17.55 10.68 -22.65
N ARG D 124 16.95 11.65 -21.97
CA ARG D 124 17.33 11.94 -20.59
C ARG D 124 17.00 10.83 -19.61
N ASN D 125 15.92 10.10 -19.86
CA ASN D 125 15.53 9.01 -18.95
C ASN D 125 16.44 7.79 -19.09
N TYR D 126 16.85 7.51 -20.32
CA TYR D 126 17.73 6.38 -20.66
C TYR D 126 19.00 6.31 -19.80
N HIS D 127 19.56 7.47 -19.46
CA HIS D 127 20.81 7.57 -18.68
C HIS D 127 20.64 7.65 -17.17
N GLU D 128 19.41 7.59 -16.68
CA GLU D 128 19.17 7.61 -15.23
C GLU D 128 19.74 6.37 -14.55
N LYS D 129 20.43 6.55 -13.42
CA LYS D 129 20.99 5.43 -12.65
C LYS D 129 19.91 4.41 -12.27
N ALA D 130 18.69 4.90 -12.06
CA ALA D 130 17.53 4.09 -11.75
C ALA D 130 17.36 2.88 -12.67
N PHE D 131 17.58 3.07 -13.97
CA PHE D 131 17.45 1.95 -14.92
C PHE D 131 18.49 0.85 -14.72
N THR D 132 19.68 1.20 -14.29
CA THR D 132 20.69 0.20 -13.96
C THR D 132 20.21 -0.65 -12.80
N THR D 133 19.76 0.03 -11.75
CA THR D 133 19.22 -0.63 -10.56
C THR D 133 18.03 -1.53 -10.90
N ILE D 134 17.10 -1.03 -11.70
CA ILE D 134 15.93 -1.79 -12.12
C ILE D 134 16.30 -3.00 -12.98
N MLY D 135 17.17 -2.79 -13.96
CA MLY D 135 17.61 -3.88 -14.84
CB MLY D 135 18.53 -3.32 -15.92
CG MLY D 135 18.85 -4.41 -16.95
CD MLY D 135 19.31 -3.79 -18.26
CE MLY D 135 19.63 -4.87 -19.26
NZ MLY D 135 20.12 -4.18 -20.45
CH1 MLY D 135 21.58 -4.33 -20.54
CH2 MLY D 135 19.44 -4.67 -21.66
C MLY D 135 18.30 -4.95 -14.04
O MLY D 135 18.06 -6.14 -14.24
N ASN D 136 19.14 -4.54 -13.10
CA ASN D 136 19.83 -5.49 -12.22
C ASN D 136 18.85 -6.33 -11.37
N PHE D 137 17.85 -5.67 -10.80
CA PHE D 137 16.78 -6.32 -10.08
C PHE D 137 16.02 -7.31 -10.95
N LEU D 138 15.73 -6.94 -12.18
CA LEU D 138 14.94 -7.80 -13.06
C LEU D 138 15.75 -8.99 -13.59
N ALA D 139 17.08 -8.95 -13.48
CA ALA D 139 17.92 -10.04 -14.00
C ALA D 139 17.58 -11.41 -13.38
N ASP D 140 17.07 -11.39 -12.15
CA ASP D 140 16.64 -12.59 -11.38
C ASP D 140 15.22 -13.05 -11.65
N MLY D 141 14.48 -12.34 -12.50
CA MLY D 141 13.04 -12.51 -12.65
CB MLY D 141 12.26 -11.20 -12.42
CG MLY D 141 12.59 -10.50 -11.10
CD MLY D 141 12.32 -11.36 -9.88
CE MLY D 141 12.40 -10.57 -8.58
NZ MLY D 141 11.97 -11.36 -7.40
CH1 MLY D 141 12.88 -12.50 -7.20
CH2 MLY D 141 12.07 -10.52 -6.20
C MLY D 141 12.71 -12.96 -14.04
O MLY D 141 13.52 -12.81 -14.96
N GLN D 142 11.53 -13.54 -14.19
N GLN D 142 11.52 -13.52 -14.19
CA GLN D 142 10.94 -13.85 -15.50
CA GLN D 142 10.97 -13.81 -15.50
C GLN D 142 9.86 -12.79 -15.74
C GLN D 142 9.87 -12.80 -15.76
N VAL D 143 10.11 -11.92 -16.72
CA VAL D 143 9.17 -10.84 -17.07
C VAL D 143 8.00 -11.40 -17.89
N LEU D 144 6.77 -10.98 -17.55
CA LEU D 144 5.55 -11.46 -18.22
C LEU D 144 4.82 -10.34 -18.99
N GLY D 145 5.31 -9.12 -18.88
CA GLY D 145 4.71 -7.98 -19.56
C GLY D 145 5.08 -6.70 -18.87
N ALA D 146 4.64 -5.59 -19.44
CA ALA D 146 4.80 -4.28 -18.83
C ALA D 146 3.79 -3.28 -19.39
N ASP D 147 3.65 -2.17 -18.69
CA ASP D 147 2.71 -1.12 -19.07
C ASP D 147 3.34 0.20 -18.70
N PHE D 148 3.79 0.94 -19.73
CA PHE D 148 4.50 2.20 -19.57
C PHE D 148 3.69 3.31 -20.20
N ASN D 149 3.75 4.50 -19.61
CA ASN D 149 3.07 5.66 -20.16
C ASN D 149 3.81 6.96 -19.90
N TYR D 150 3.51 7.95 -20.74
CA TYR D 150 3.88 9.34 -20.49
C TYR D 150 2.86 10.22 -21.19
N ALA D 151 2.01 10.87 -20.42
CA ALA D 151 0.95 11.71 -20.96
C ALA D 151 0.76 12.88 -20.02
N LYS D 152 0.97 14.08 -20.56
CA LYS D 152 0.92 15.33 -19.81
C LYS D 152 0.20 16.38 -20.66
N TYR D 153 -0.82 17.02 -20.09
CA TYR D 153 -1.59 18.02 -20.84
C TYR D 153 -0.73 19.24 -21.11
N SER D 154 -0.76 19.75 -22.33
CA SER D 154 -0.29 21.10 -22.59
C SER D 154 -1.25 21.80 -23.55
N SER D 155 -1.39 23.11 -23.43
CA SER D 155 -2.37 23.86 -24.23
C SER D 155 -2.06 23.81 -25.73
N LYS D 156 -3.10 23.79 -26.56
CA LYS D 156 -2.99 23.47 -28.01
C LYS D 156 -1.98 24.32 -28.76
N PHE D 169 5.31 19.59 -42.04
CA PHE D 169 4.62 18.49 -41.37
C PHE D 169 5.51 17.72 -40.40
N SER D 170 6.70 17.32 -40.86
CA SER D 170 7.63 16.54 -40.03
C SER D 170 7.95 17.22 -38.69
N ASP D 171 8.02 18.56 -38.71
CA ASP D 171 8.28 19.34 -37.49
C ASP D 171 7.09 19.40 -36.54
N ARG D 172 5.88 19.41 -37.08
CA ARG D 172 4.70 19.30 -36.22
C ARG D 172 4.46 17.84 -35.75
N PHE D 173 4.68 16.86 -36.63
CA PHE D 173 4.70 15.42 -36.23
C PHE D 173 5.64 15.19 -35.05
N ALA D 174 6.78 15.88 -35.06
CA ALA D 174 7.79 15.76 -34.01
C ALA D 174 7.28 16.27 -32.66
N GLY D 175 6.31 17.19 -32.71
CA GLY D 175 5.60 17.67 -31.52
C GLY D 175 4.38 16.84 -31.15
N GLY D 176 4.04 15.84 -31.96
CA GLY D 176 2.92 14.93 -31.69
C GLY D 176 3.16 14.09 -30.44
N ALA D 177 2.12 13.43 -29.96
CA ALA D 177 2.24 12.69 -28.69
C ALA D 177 3.34 11.62 -28.76
N LEU D 178 3.31 10.81 -29.80
CA LEU D 178 4.26 9.70 -29.94
C LEU D 178 5.71 10.16 -29.95
N MSE D 179 6.03 11.15 -30.78
CA MSE D 179 7.41 11.62 -30.95
C MSE D 179 7.92 12.45 -29.80
O MSE D 179 9.08 12.36 -29.43
CB MSE D 179 7.53 12.41 -32.25
CG MSE D 179 7.31 11.55 -33.49
SE MSE D 179 8.97 10.55 -33.88
CE MSE D 179 9.92 11.91 -34.97
N ASP D 180 7.05 13.28 -29.22
CA ASP D 180 7.46 14.19 -28.16
C ASP D 180 7.44 13.54 -26.77
N LEU D 181 6.43 12.70 -26.51
CA LEU D 181 6.25 12.08 -25.19
C LEU D 181 6.41 10.57 -25.23
N GLY D 182 5.83 9.92 -26.23
CA GLY D 182 5.92 8.45 -26.35
C GLY D 182 7.35 7.93 -26.44
N ILE D 183 8.25 8.78 -26.94
CA ILE D 183 9.66 8.45 -26.98
C ILE D 183 10.23 8.06 -25.60
N TYR D 184 9.71 8.63 -24.52
CA TYR D 184 10.18 8.27 -23.18
C TYR D 184 9.87 6.81 -22.77
N PRO D 185 8.60 6.39 -22.84
CA PRO D 185 8.31 4.97 -22.56
C PRO D 185 8.96 3.99 -23.54
N LEU D 186 9.16 4.40 -24.79
CA LEU D 186 9.93 3.60 -25.75
C LEU D 186 11.39 3.42 -25.33
N TYR D 187 12.03 4.51 -24.97
CA TYR D 187 13.40 4.43 -24.46
C TYR D 187 13.50 3.58 -23.19
N ALA D 188 12.51 3.68 -22.30
CA ALA D 188 12.47 2.88 -21.08
C ALA D 188 12.39 1.39 -21.42
N ALA D 189 11.49 1.03 -22.32
CA ALA D 189 11.35 -0.35 -22.78
C ALA D 189 12.62 -0.91 -23.45
N VAL D 190 13.22 -0.15 -24.37
CA VAL D 190 14.47 -0.58 -25.01
C VAL D 190 15.63 -0.70 -24.00
N ARG D 191 15.70 0.25 -23.06
CA ARG D 191 16.73 0.24 -22.02
C ARG D 191 16.66 -1.04 -21.18
N LEU D 192 15.45 -1.44 -20.81
CA LEU D 192 15.22 -2.59 -19.94
C LEU D 192 15.13 -3.93 -20.68
N PHE D 193 14.46 -3.94 -21.83
CA PHE D 193 14.11 -5.17 -22.52
C PHE D 193 14.82 -5.38 -23.87
N GLY D 194 15.53 -4.37 -24.34
CA GLY D 194 16.16 -4.41 -25.66
C GLY D 194 15.17 -4.18 -26.78
N LYS D 195 15.60 -4.49 -27.99
CA LYS D 195 14.79 -4.26 -29.19
C LYS D 195 13.59 -5.22 -29.23
N ALA D 196 12.41 -4.68 -29.48
CA ALA D 196 11.21 -5.51 -29.65
C ALA D 196 11.19 -6.16 -31.04
N ASN D 197 10.40 -7.22 -31.18
CA ASN D 197 10.25 -7.88 -32.49
C ASN D 197 9.41 -7.04 -33.43
N ASP D 198 8.41 -6.36 -32.88
CA ASP D 198 7.45 -5.62 -33.68
C ASP D 198 6.67 -4.66 -32.79
N ALA D 199 5.85 -3.82 -33.39
CA ALA D 199 5.12 -2.81 -32.64
C ALA D 199 3.87 -2.38 -33.35
N THR D 200 2.91 -1.88 -32.58
CA THR D 200 1.75 -1.24 -33.14
C THR D 200 1.39 -0.02 -32.31
N TYR D 201 0.61 0.86 -32.92
CA TYR D 201 0.19 2.11 -32.31
C TYR D 201 -1.08 2.57 -33.01
N HIS D 202 -2.05 3.01 -32.23
CA HIS D 202 -3.26 3.63 -32.74
C HIS D 202 -3.56 4.91 -31.98
N ALA D 203 -3.81 5.99 -32.71
CA ALA D 203 -3.90 7.32 -32.11
C ALA D 203 -5.21 8.00 -32.39
N GLN D 204 -5.56 8.91 -31.48
CA GLN D 204 -6.62 9.88 -31.73
CA GLN D 204 -6.62 9.89 -31.70
C GLN D 204 -5.97 11.09 -32.35
N GLN D 205 -6.44 11.44 -33.55
CA GLN D 205 -5.72 12.37 -34.42
C GLN D 205 -6.48 13.64 -34.75
N LEU D 206 -5.73 14.70 -34.97
CA LEU D 206 -6.23 15.90 -35.62
C LEU D 206 -6.52 15.57 -37.08
N ASP D 207 -7.24 16.45 -37.77
CA ASP D 207 -7.59 16.22 -39.17
C ASP D 207 -6.37 16.05 -40.07
N ASN D 208 -5.28 16.75 -39.75
CA ASN D 208 -4.00 16.61 -40.47
C ASN D 208 -3.22 15.32 -40.14
N SER D 209 -3.80 14.49 -39.26
CA SER D 209 -3.27 13.17 -38.83
C SER D 209 -2.26 13.21 -37.68
N ILE D 210 -1.87 14.40 -37.20
CA ILE D 210 -0.99 14.47 -36.00
C ILE D 210 -1.71 13.95 -34.75
N ASP D 211 -1.00 13.17 -33.96
CA ASP D 211 -1.61 12.45 -32.84
C ASP D 211 -1.68 13.28 -31.55
N LEU D 212 -2.88 13.36 -30.99
CA LEU D 212 -3.13 13.97 -29.67
C LEU D 212 -2.76 13.03 -28.53
N ASN D 213 -3.09 11.76 -28.71
CA ASN D 213 -2.78 10.70 -27.75
C ASN D 213 -2.95 9.38 -28.44
N GLY D 214 -2.38 8.34 -27.87
CA GLY D 214 -2.47 7.04 -28.50
C GLY D 214 -2.04 5.91 -27.61
N ASP D 215 -2.39 4.70 -28.05
CA ASP D 215 -2.05 3.48 -27.35
C ASP D 215 -1.35 2.55 -28.32
N GLY D 216 -0.28 1.93 -27.84
CA GLY D 216 0.49 1.00 -28.63
C GLY D 216 0.95 -0.20 -27.82
N ILE D 217 1.58 -1.13 -28.52
CA ILE D 217 2.09 -2.35 -27.92
C ILE D 217 3.43 -2.64 -28.56
N LEU D 218 4.42 -2.95 -27.74
CA LEU D 218 5.67 -3.51 -28.21
C LEU D 218 5.63 -5.03 -28.03
N PHE D 219 5.93 -5.76 -29.10
CA PHE D 219 5.87 -7.23 -29.08
C PHE D 219 7.27 -7.85 -28.90
N TYR D 220 7.44 -8.54 -27.78
CA TYR D 220 8.67 -9.29 -27.46
C TYR D 220 8.37 -10.79 -27.60
N PRO D 221 9.41 -11.65 -27.57
CA PRO D 221 9.13 -13.07 -27.81
C PRO D 221 8.10 -13.71 -26.88
N ASP D 222 8.17 -13.42 -25.60
CA ASP D 222 7.30 -14.08 -24.62
C ASP D 222 6.34 -13.12 -23.88
N TYR D 223 6.29 -11.85 -24.27
CA TYR D 223 5.44 -10.89 -23.57
C TYR D 223 5.24 -9.64 -24.42
N GLN D 224 4.34 -8.77 -23.99
CA GLN D 224 4.12 -7.51 -24.67
C GLN D 224 4.13 -6.36 -23.67
N VAL D 225 4.39 -5.16 -24.18
CA VAL D 225 4.49 -3.98 -23.36
C VAL D 225 3.51 -2.94 -23.92
N HIS D 226 2.52 -2.55 -23.13
CA HIS D 226 1.62 -1.47 -23.52
C HIS D 226 2.32 -0.14 -23.38
N ILE D 227 2.16 0.73 -24.38
CA ILE D 227 2.73 2.08 -24.39
C ILE D 227 1.60 3.08 -24.52
N LYS D 228 1.50 4.04 -23.61
CA LYS D 228 0.55 5.13 -23.78
C LYS D 228 1.26 6.48 -23.85
N ALA D 229 0.83 7.33 -24.79
CA ALA D 229 1.35 8.68 -24.91
C ALA D 229 0.19 9.66 -25.09
N GLY D 230 0.36 10.87 -24.56
CA GLY D 230 -0.69 11.89 -24.68
C GLY D 230 -0.19 13.30 -24.44
N LYS D 231 -0.69 14.24 -25.22
CA LYS D 231 -0.41 15.66 -24.98
C LYS D 231 -1.65 16.54 -24.79
N ASN D 232 -2.84 15.99 -25.00
CA ASN D 232 -4.07 16.70 -24.66
C ASN D 232 -4.73 16.13 -23.41
N ILE D 233 -4.07 15.14 -22.82
CA ILE D 233 -4.55 14.46 -21.61
C ILE D 233 -3.38 14.29 -20.63
N THR D 234 -3.73 14.16 -19.34
CA THR D 234 -2.75 13.87 -18.28
C THR D 234 -3.06 12.52 -17.65
N SER D 235 -2.05 11.65 -17.64
CA SER D 235 -2.12 10.37 -16.96
C SER D 235 -1.16 10.40 -15.78
N ASN D 236 -1.63 9.90 -14.65
CA ASN D 236 -0.81 9.73 -13.46
C ASN D 236 -0.61 8.26 -13.15
N LEU D 237 -0.93 7.40 -14.10
CA LEU D 237 -0.75 5.96 -13.89
C LEU D 237 0.71 5.62 -13.62
N PRO D 238 0.99 4.75 -12.64
CA PRO D 238 2.32 4.20 -12.48
C PRO D 238 2.70 3.35 -13.68
N CYS D 239 3.97 3.01 -13.76
CA CYS D 239 4.44 2.11 -14.79
C CYS D 239 4.73 0.76 -14.12
N GLU D 240 4.22 -0.32 -14.71
CA GLU D 240 4.30 -1.64 -14.12
C GLU D 240 5.14 -2.57 -14.98
N ILE D 241 5.91 -3.43 -14.32
CA ILE D 241 6.56 -4.54 -14.99
C ILE D 241 6.13 -5.81 -14.27
N TYR D 242 5.54 -6.75 -15.00
CA TYR D 242 4.98 -7.95 -14.40
C TYR D 242 6.01 -9.05 -14.45
N THR D 243 6.10 -9.83 -13.38
CA THR D 243 6.99 -10.97 -13.31
C THR D 243 6.22 -12.18 -12.80
N THR D 244 6.80 -13.37 -12.90
CA THR D 244 6.07 -14.56 -12.44
C THR D 244 5.73 -14.48 -10.95
N ASP D 245 6.57 -13.81 -10.16
CA ASP D 245 6.36 -13.72 -8.71
C ASP D 245 5.74 -12.41 -8.21
N GLY D 246 5.38 -11.49 -9.11
CA GLY D 246 4.76 -10.24 -8.66
C GLY D 246 4.82 -9.10 -9.67
N THR D 247 4.83 -7.87 -9.15
CA THR D 247 4.76 -6.67 -9.97
C THR D 247 5.73 -5.63 -9.45
N LEU D 248 6.61 -5.13 -10.32
CA LEU D 248 7.47 -4.00 -10.01
C LEU D 248 6.76 -2.75 -10.47
N THR D 249 6.58 -1.79 -9.56
CA THR D 249 5.88 -0.56 -9.88
C THR D 249 6.83 0.62 -9.82
N LEU D 250 6.91 1.35 -10.92
CA LEU D 250 7.75 2.53 -11.01
C LEU D 250 6.81 3.71 -11.00
N ASN D 251 7.09 4.76 -10.24
CA ASN D 251 6.17 5.90 -10.21
C ASN D 251 6.03 6.54 -11.59
N THR D 252 7.14 6.58 -12.33
CA THR D 252 7.19 7.06 -13.71
C THR D 252 8.27 6.26 -14.46
N ILE D 253 8.44 6.52 -15.75
CA ILE D 253 9.61 6.01 -16.48
C ILE D 253 10.53 7.15 -16.93
N GLU D 254 10.39 8.31 -16.28
CA GLU D 254 11.26 9.44 -16.52
C GLU D 254 11.40 10.22 -15.22
N HIS D 255 12.64 10.59 -14.91
CA HIS D 255 12.99 11.19 -13.60
C HIS D 255 12.41 10.33 -12.49
N ILE D 256 12.69 9.04 -12.59
CA ILE D 256 12.12 8.04 -11.71
C ILE D 256 12.49 8.35 -10.26
N ARG D 257 11.48 8.31 -9.38
CA ARG D 257 11.66 8.59 -7.97
C ARG D 257 11.59 7.31 -7.13
N SER D 258 10.77 6.35 -7.52
CA SER D 258 10.62 5.12 -6.72
C SER D 258 10.31 3.89 -7.55
N ALA D 259 10.77 2.75 -7.04
CA ALA D 259 10.52 1.45 -7.64
C ALA D 259 10.29 0.45 -6.52
N ILE D 260 9.10 -0.14 -6.48
CA ILE D 260 8.69 -1.00 -5.40
C ILE D 260 8.14 -2.29 -6.01
N PHE D 261 8.67 -3.41 -5.54
CA PHE D 261 8.18 -4.71 -5.96
C PHE D 261 7.19 -5.24 -4.94
N THR D 262 6.04 -5.72 -5.43
CA THR D 262 4.99 -6.34 -4.62
C THR D 262 4.81 -7.79 -5.07
N ASP D 263 4.93 -8.73 -4.14
CA ASP D 263 4.71 -10.14 -4.47
C ASP D 263 3.22 -10.50 -4.46
N HIS D 264 2.90 -11.75 -4.74
CA HIS D 264 1.50 -12.16 -4.86
C HIS D 264 0.76 -12.19 -3.53
N GLN D 265 1.47 -12.06 -2.41
CA GLN D 265 0.82 -11.97 -1.11
C GLN D 265 0.77 -10.53 -0.57
N GLY D 266 1.20 -9.57 -1.39
CA GLY D 266 1.15 -8.13 -1.05
C GLY D 266 2.38 -7.57 -0.33
N ASN D 267 3.36 -8.42 -0.07
CA ASN D 267 4.62 -7.98 0.54
C ASN D 267 5.43 -7.10 -0.40
N GLN D 268 5.92 -5.98 0.11
CA GLN D 268 6.65 -5.03 -0.71
C GLN D 268 8.14 -5.05 -0.40
N VAL D 269 8.93 -4.91 -1.46
CA VAL D 269 10.38 -4.69 -1.37
C VAL D 269 10.73 -3.42 -2.15
N GLN D 270 11.51 -2.54 -1.53
CA GLN D 270 11.87 -1.26 -2.15
C GLN D 270 13.21 -1.36 -2.85
N LEU D 271 13.32 -0.83 -4.05
CA LEU D 271 14.64 -0.73 -4.72
C LEU D 271 15.32 0.59 -4.37
N PRO D 272 16.65 0.63 -4.34
CA PRO D 272 17.38 1.84 -3.96
C PRO D 272 17.46 2.89 -5.09
N ILE D 273 16.39 3.66 -5.26
CA ILE D 273 16.33 4.70 -6.28
C ILE D 273 16.58 6.03 -5.57
N GLN D 274 17.40 6.88 -6.17
CA GLN D 274 17.71 8.21 -5.66
C GLN D 274 17.61 9.18 -6.84
N GLN D 275 16.49 9.85 -7.01
CA GLN D 275 16.33 10.68 -8.21
C GLN D 275 17.30 11.85 -8.19
N ALA D 276 17.81 12.23 -9.35
CA ALA D 276 18.76 13.32 -9.44
C ALA D 276 18.04 14.65 -9.20
N PRO D 277 18.80 15.71 -8.92
CA PRO D 277 18.18 17.00 -8.68
C PRO D 277 17.38 17.53 -9.87
N HIS D 278 17.86 17.29 -11.09
CA HIS D 278 17.17 17.76 -12.30
C HIS D 278 17.09 16.66 -13.35
N THR D 279 16.22 16.87 -14.33
CA THR D 279 15.88 15.81 -15.26
C THR D 279 17.01 15.47 -16.21
N MSE D 280 17.91 16.43 -16.46
CA MSE D 280 19.02 16.23 -17.41
C MSE D 280 20.35 16.03 -16.74
O MSE D 280 21.36 15.89 -17.42
CB MSE D 280 19.11 17.43 -18.38
CG MSE D 280 17.80 17.62 -19.14
SE MSE D 280 17.83 19.33 -20.12
CE MSE D 280 17.95 18.55 -21.91
N THR D 281 20.37 15.97 -15.41
CA THR D 281 21.63 15.83 -14.66
C THR D 281 22.40 14.61 -15.15
N GLU D 282 21.73 13.48 -15.21
CA GLU D 282 22.44 12.22 -15.46
C GLU D 282 22.94 12.08 -16.92
N GLU D 283 22.15 12.51 -17.92
CA GLU D 283 22.63 12.45 -19.30
C GLU D 283 23.83 13.39 -19.54
N VAL D 284 23.76 14.58 -18.96
CA VAL D 284 24.81 15.59 -19.14
C VAL D 284 26.13 15.05 -18.59
N ALA D 285 26.07 14.40 -17.44
CA ALA D 285 27.25 13.79 -16.87
C ALA D 285 27.74 12.63 -17.72
N ALA D 286 26.82 11.86 -18.29
CA ALA D 286 27.21 10.69 -19.09
C ALA D 286 27.95 11.09 -20.35
N PHE D 287 27.46 12.13 -21.02
CA PHE D 287 28.07 12.56 -22.27
C PHE D 287 29.47 13.13 -22.04
N ALA D 288 29.65 13.85 -20.94
CA ALA D 288 30.97 14.39 -20.59
C ALA D 288 31.95 13.28 -20.27
N HIS D 289 31.51 12.31 -19.47
CA HIS D 289 32.36 11.19 -19.07
C HIS D 289 32.74 10.33 -20.28
N MSE D 290 31.82 10.16 -21.23
CA MSE D 290 32.11 9.42 -22.47
C MSE D 290 33.14 10.13 -23.32
O MSE D 290 34.03 9.47 -23.86
CB MSE D 290 30.83 9.21 -23.27
CG MSE D 290 31.06 8.59 -24.65
SE MSE D 290 31.66 6.71 -24.57
CE MSE D 290 30.16 5.92 -23.56
N ILE D 291 33.03 11.45 -23.46
CA ILE D 291 34.00 12.21 -24.28
C ILE D 291 35.37 12.22 -23.60
N GLN D 292 35.39 12.43 -22.29
CA GLN D 292 36.64 12.55 -21.53
C GLN D 292 37.34 11.20 -21.27
N GLN D 293 36.58 10.14 -21.08
CA GLN D 293 37.12 8.81 -20.85
C GLN D 293 36.30 7.77 -21.60
N PRO D 294 36.55 7.63 -22.91
CA PRO D 294 35.71 6.79 -23.79
C PRO D 294 35.58 5.34 -23.36
N ASP D 295 34.32 4.85 -23.33
CA ASP D 295 34.03 3.42 -23.31
C ASP D 295 33.26 3.12 -24.59
N LEU D 296 33.97 2.64 -25.60
CA LEU D 296 33.41 2.52 -26.96
C LEU D 296 32.37 1.41 -27.09
N ASN D 297 32.50 0.36 -26.30
CA ASN D 297 31.47 -0.68 -26.26
C ASN D 297 30.14 -0.13 -25.76
N LEU D 298 30.19 0.68 -24.70
CA LEU D 298 29.00 1.31 -24.19
C LEU D 298 28.43 2.32 -25.19
N TYR D 299 29.29 3.11 -25.81
CA TYR D 299 28.91 4.03 -26.88
C TYR D 299 28.14 3.32 -28.00
N GLN D 300 28.65 2.19 -28.44
CA GLN D 300 27.97 1.40 -29.48
C GLN D 300 26.59 0.92 -29.02
N THR D 301 26.41 0.60 -27.73
CA THR D 301 25.09 0.19 -27.26
C THR D 301 24.12 1.37 -27.26
N TRP D 302 24.60 2.56 -26.87
CA TRP D 302 23.80 3.79 -26.95
C TRP D 302 23.30 4.02 -28.39
N LEU D 303 24.21 3.87 -29.36
CA LEU D 303 23.87 4.06 -30.76
C LEU D 303 22.85 3.04 -31.24
N TYR D 304 23.07 1.77 -30.88
CA TYR D 304 22.16 0.68 -31.22
C TYR D 304 20.78 0.88 -30.60
N ASP D 305 20.73 1.25 -29.33
CA ASP D 305 19.46 1.46 -28.63
C ASP D 305 18.67 2.64 -29.24
N ALA D 306 19.38 3.70 -29.63
CA ALA D 306 18.73 4.81 -30.32
C ALA D 306 18.14 4.36 -31.64
N GLY D 307 18.90 3.52 -32.36
CA GLY D 307 18.43 2.90 -33.59
C GLY D 307 17.13 2.12 -33.39
N SER D 308 17.11 1.29 -32.35
CA SER D 308 15.92 0.52 -31.99
C SER D 308 14.70 1.40 -31.69
N VAL D 309 14.89 2.46 -30.91
CA VAL D 309 13.79 3.39 -30.61
C VAL D 309 13.24 4.04 -31.90
N HIS D 310 14.14 4.46 -32.77
CA HIS D 310 13.73 5.11 -34.00
C HIS D 310 13.00 4.18 -34.97
N GLU D 311 13.41 2.92 -34.99
N GLU D 311 13.40 2.92 -34.99
CA GLU D 311 12.71 1.90 -35.77
CA GLU D 311 12.70 1.92 -35.79
C GLU D 311 11.28 1.67 -35.25
C GLU D 311 11.28 1.68 -35.26
N LEU D 312 11.12 1.61 -33.93
CA LEU D 312 9.80 1.52 -33.30
C LEU D 312 8.92 2.74 -33.60
N LEU D 313 9.47 3.94 -33.42
CA LEU D 313 8.73 5.16 -33.74
C LEU D 313 8.24 5.18 -35.19
N TYR D 314 9.10 4.74 -36.10
CA TYR D 314 8.80 4.73 -37.54
C TYR D 314 7.68 3.75 -37.88
N THR D 315 7.73 2.55 -37.30
CA THR D 315 6.64 1.58 -37.45
C THR D 315 5.33 2.09 -36.85
N MSE D 316 5.42 2.65 -35.66
CA MSE D 316 4.23 3.08 -34.93
C MSE D 316 3.56 4.23 -35.64
O MSE D 316 2.35 4.29 -35.68
CB MSE D 316 4.60 3.41 -33.47
CG MSE D 316 4.85 2.09 -32.73
SE MSE D 316 5.78 2.44 -31.04
CE MSE D 316 4.16 2.65 -29.94
N ARG D 317 4.34 5.16 -36.22
CA ARG D 317 3.73 6.26 -36.99
C ARG D 317 2.94 5.70 -38.18
N GLN D 318 3.46 4.64 -38.80
CA GLN D 318 2.83 4.06 -39.95
C GLN D 318 1.57 3.28 -39.61
N THR D 319 1.61 2.48 -38.55
CA THR D 319 0.40 1.75 -38.10
C THR D 319 -0.72 2.71 -37.67
N ALA D 320 -0.36 3.87 -37.13
CA ALA D 320 -1.35 4.89 -36.72
C ALA D 320 -1.83 5.75 -37.88
N GLY D 321 -1.15 5.67 -39.01
CA GLY D 321 -1.50 6.45 -40.19
C GLY D 321 -1.18 7.92 -40.02
N ILE D 322 -0.05 8.21 -39.38
CA ILE D 322 0.39 9.59 -39.18
C ILE D 322 1.26 10.01 -40.38
N ARG D 323 0.69 10.83 -41.27
CA ARG D 323 1.34 11.19 -42.55
C ARG D 323 0.75 12.48 -43.15
N PHE D 324 1.56 13.17 -43.94
CA PHE D 324 1.14 14.42 -44.59
C PHE D 324 0.07 14.19 -45.66
K K E . -38.54 -26.15 -20.79
K K F . -25.56 -3.43 -29.07
K K G . 9.93 0.57 11.52
K K H . 3.25 8.25 -13.83
K K I . 1.41 -1.45 -9.07
#